data_3IF0
# 
_entry.id   3IF0 
# 
_audit_conform.dict_name       mmcif_pdbx.dic 
_audit_conform.dict_version    5.378 
_audit_conform.dict_location   http://mmcif.pdb.org/dictionaries/ascii/mmcif_pdbx.dic 
# 
loop_
_database_2.database_id 
_database_2.database_code 
_database_2.pdbx_database_accession 
_database_2.pdbx_DOI 
PDB   3IF0         pdb_00003if0 10.2210/pdb3if0/pdb 
RCSB  RCSB054329   ?            ?                   
WWPDB D_1000054329 ?            ?                   
# 
_pdbx_database_related.db_name        PDB 
_pdbx_database_related.db_id          3IEY 
_pdbx_database_related.details        'Nanoarchaeum equitans tRNA splicing endonuclease' 
_pdbx_database_related.content_type   unspecified 
# 
_pdbx_database_status.entry_id                        3IF0 
_pdbx_database_status.deposit_site                    RCSB 
_pdbx_database_status.process_site                    RCSB 
_pdbx_database_status.recvd_initial_deposition_date   2009-07-23 
_pdbx_database_status.status_code                     REL 
_pdbx_database_status.status_code_sf                  REL 
_pdbx_database_status.status_code_mr                  ? 
_pdbx_database_status.SG_entry                        ? 
_pdbx_database_status.pdb_format_compatible           Y 
_pdbx_database_status.status_code_cs                  ? 
_pdbx_database_status.methods_development_category    ? 
_pdbx_database_status.status_code_nmr_data            ? 
# 
loop_
_audit_author.name 
_audit_author.pdbx_ordinal 
'Mitchell, M.' 1 
'Li, H.'       2 
# 
_citation.id                        primary 
_citation.title                     
'Crystal structure and assembly of the functional Nanoarchaeum equitans tRNA splicing endonuclease.' 
_citation.journal_abbrev            'Nucleic Acids Res.' 
_citation.journal_volume            37 
_citation.page_first                5793 
_citation.page_last                 5802 
_citation.year                      2009 
_citation.journal_id_ASTM           NARHAD 
_citation.country                   UK 
_citation.journal_id_ISSN           0305-1048 
_citation.journal_id_CSD            0389 
_citation.book_publisher            ? 
_citation.pdbx_database_id_PubMed   19578064 
_citation.pdbx_database_id_DOI      10.1093/nar/gkp537 
# 
loop_
_citation_author.citation_id 
_citation_author.name 
_citation_author.ordinal 
_citation_author.identifier_ORCID 
primary 'Mitchell, M.' 1 ? 
primary 'Xue, S.'      2 ? 
primary 'Erdman, R.'   3 ? 
primary 'Randau, L.'   4 ? 
primary 'Soll, D.'     5 ? 
primary 'Li, H.'       6 ? 
# 
_cell.entry_id           3IF0 
_cell.length_a           95.434 
_cell.length_b           95.434 
_cell.length_c           47.791 
_cell.angle_alpha        90.00 
_cell.angle_beta         90.00 
_cell.angle_gamma        120.00 
_cell.Z_PDB              6 
_cell.pdbx_unique_axis   ? 
_cell.length_a_esd       ? 
_cell.length_b_esd       ? 
_cell.length_c_esd       ? 
_cell.angle_alpha_esd    ? 
_cell.angle_beta_esd     ? 
_cell.angle_gamma_esd    ? 
# 
_symmetry.entry_id                         3IF0 
_symmetry.space_group_name_H-M             'P 32 2 1' 
_symmetry.pdbx_full_space_group_name_H-M   ? 
_symmetry.cell_setting                     ? 
_symmetry.Int_Tables_number                154 
_symmetry.space_group_name_Hall            ? 
# 
_entity.id                         1 
_entity.type                       polymer 
_entity.src_method                 man 
_entity.pdbx_description           NEQ261 
_entity.formula_weight             18448.547 
_entity.pdbx_number_of_molecules   1 
_entity.pdbx_ec                    ? 
_entity.pdbx_mutation              ? 
_entity.pdbx_fragment              ? 
_entity.details                    ? 
# 
_entity_poly.entity_id                      1 
_entity_poly.type                           'polypeptide(L)' 
_entity_poly.nstd_linkage                   no 
_entity_poly.nstd_monomer                   no 
_entity_poly.pdbx_seq_one_letter_code       
;MNLRIPWKEVYYLGYNMGNYIKISEPELLFVLRNKPQIKDRLKLDEKTIIKEGVKKYKNFWEIYYTVKDLILRGYRVRFD
GFFIELYEKGIIPGTIEQDYLVYPVSGEIRMTWGELLDIYNKAIARKSKFMLAIVDSEGDVTYYEFRKLRSNK
;
_entity_poly.pdbx_seq_one_letter_code_can   
;MNLRIPWKEVYYLGYNMGNYIKISEPELLFVLRNKPQIKDRLKLDEKTIIKEGVKKYKNFWEIYYTVKDLILRGYRVRFD
GFFIELYEKGIIPGTIEQDYLVYPVSGEIRMTWGELLDIYNKAIARKSKFMLAIVDSEGDVTYYEFRKLRSNK
;
_entity_poly.pdbx_strand_id                 X 
_entity_poly.pdbx_target_identifier         ? 
# 
loop_
_entity_poly_seq.entity_id 
_entity_poly_seq.num 
_entity_poly_seq.mon_id 
_entity_poly_seq.hetero 
1 1   MET n 
1 2   ASN n 
1 3   LEU n 
1 4   ARG n 
1 5   ILE n 
1 6   PRO n 
1 7   TRP n 
1 8   LYS n 
1 9   GLU n 
1 10  VAL n 
1 11  TYR n 
1 12  TYR n 
1 13  LEU n 
1 14  GLY n 
1 15  TYR n 
1 16  ASN n 
1 17  MET n 
1 18  GLY n 
1 19  ASN n 
1 20  TYR n 
1 21  ILE n 
1 22  LYS n 
1 23  ILE n 
1 24  SER n 
1 25  GLU n 
1 26  PRO n 
1 27  GLU n 
1 28  LEU n 
1 29  LEU n 
1 30  PHE n 
1 31  VAL n 
1 32  LEU n 
1 33  ARG n 
1 34  ASN n 
1 35  LYS n 
1 36  PRO n 
1 37  GLN n 
1 38  ILE n 
1 39  LYS n 
1 40  ASP n 
1 41  ARG n 
1 42  LEU n 
1 43  LYS n 
1 44  LEU n 
1 45  ASP n 
1 46  GLU n 
1 47  LYS n 
1 48  THR n 
1 49  ILE n 
1 50  ILE n 
1 51  LYS n 
1 52  GLU n 
1 53  GLY n 
1 54  VAL n 
1 55  LYS n 
1 56  LYS n 
1 57  TYR n 
1 58  LYS n 
1 59  ASN n 
1 60  PHE n 
1 61  TRP n 
1 62  GLU n 
1 63  ILE n 
1 64  TYR n 
1 65  TYR n 
1 66  THR n 
1 67  VAL n 
1 68  LYS n 
1 69  ASP n 
1 70  LEU n 
1 71  ILE n 
1 72  LEU n 
1 73  ARG n 
1 74  GLY n 
1 75  TYR n 
1 76  ARG n 
1 77  VAL n 
1 78  ARG n 
1 79  PHE n 
1 80  ASP n 
1 81  GLY n 
1 82  PHE n 
1 83  PHE n 
1 84  ILE n 
1 85  GLU n 
1 86  LEU n 
1 87  TYR n 
1 88  GLU n 
1 89  LYS n 
1 90  GLY n 
1 91  ILE n 
1 92  ILE n 
1 93  PRO n 
1 94  GLY n 
1 95  THR n 
1 96  ILE n 
1 97  GLU n 
1 98  GLN n 
1 99  ASP n 
1 100 TYR n 
1 101 LEU n 
1 102 VAL n 
1 103 TYR n 
1 104 PRO n 
1 105 VAL n 
1 106 SER n 
1 107 GLY n 
1 108 GLU n 
1 109 ILE n 
1 110 ARG n 
1 111 MET n 
1 112 THR n 
1 113 TRP n 
1 114 GLY n 
1 115 GLU n 
1 116 LEU n 
1 117 LEU n 
1 118 ASP n 
1 119 ILE n 
1 120 TYR n 
1 121 ASN n 
1 122 LYS n 
1 123 ALA n 
1 124 ILE n 
1 125 ALA n 
1 126 ARG n 
1 127 LYS n 
1 128 SER n 
1 129 LYS n 
1 130 PHE n 
1 131 MET n 
1 132 LEU n 
1 133 ALA n 
1 134 ILE n 
1 135 VAL n 
1 136 ASP n 
1 137 SER n 
1 138 GLU n 
1 139 GLY n 
1 140 ASP n 
1 141 VAL n 
1 142 THR n 
1 143 TYR n 
1 144 TYR n 
1 145 GLU n 
1 146 PHE n 
1 147 ARG n 
1 148 LYS n 
1 149 LEU n 
1 150 ARG n 
1 151 SER n 
1 152 ASN n 
1 153 LYS n 
# 
_entity_src_gen.entity_id                          1 
_entity_src_gen.pdbx_src_id                        1 
_entity_src_gen.pdbx_alt_source_flag               sample 
_entity_src_gen.pdbx_seq_type                      ? 
_entity_src_gen.pdbx_beg_seq_num                   ? 
_entity_src_gen.pdbx_end_seq_num                   ? 
_entity_src_gen.gene_src_common_name               ? 
_entity_src_gen.gene_src_genus                     ? 
_entity_src_gen.pdbx_gene_src_gene                 NEQ261 
_entity_src_gen.gene_src_species                   ? 
_entity_src_gen.gene_src_strain                    ? 
_entity_src_gen.gene_src_tissue                    ? 
_entity_src_gen.gene_src_tissue_fraction           ? 
_entity_src_gen.gene_src_details                   ? 
_entity_src_gen.pdbx_gene_src_fragment             ? 
_entity_src_gen.pdbx_gene_src_scientific_name      'Nanoarchaeum equitans' 
_entity_src_gen.pdbx_gene_src_ncbi_taxonomy_id     160232 
_entity_src_gen.pdbx_gene_src_variant              ? 
_entity_src_gen.pdbx_gene_src_cell_line            ? 
_entity_src_gen.pdbx_gene_src_atcc                 ? 
_entity_src_gen.pdbx_gene_src_organ                ? 
_entity_src_gen.pdbx_gene_src_organelle            ? 
_entity_src_gen.pdbx_gene_src_cell                 ? 
_entity_src_gen.pdbx_gene_src_cellular_location    ? 
_entity_src_gen.host_org_common_name               ? 
_entity_src_gen.pdbx_host_org_scientific_name      'Escherichia coli' 
_entity_src_gen.pdbx_host_org_ncbi_taxonomy_id     562 
_entity_src_gen.host_org_genus                     ? 
_entity_src_gen.pdbx_host_org_gene                 ? 
_entity_src_gen.pdbx_host_org_organ                ? 
_entity_src_gen.host_org_species                   ? 
_entity_src_gen.pdbx_host_org_tissue               ? 
_entity_src_gen.pdbx_host_org_tissue_fraction      ? 
_entity_src_gen.pdbx_host_org_strain               BL21 
_entity_src_gen.pdbx_host_org_variant              ? 
_entity_src_gen.pdbx_host_org_cell_line            ? 
_entity_src_gen.pdbx_host_org_atcc                 ? 
_entity_src_gen.pdbx_host_org_culture_collection   ? 
_entity_src_gen.pdbx_host_org_cell                 ? 
_entity_src_gen.pdbx_host_org_organelle            ? 
_entity_src_gen.pdbx_host_org_cellular_location    ? 
_entity_src_gen.pdbx_host_org_vector_type          plasmid 
_entity_src_gen.pdbx_host_org_vector               ? 
_entity_src_gen.host_org_details                   ? 
_entity_src_gen.expression_system_id               ? 
_entity_src_gen.plasmid_name                       pET28a 
_entity_src_gen.plasmid_details                    ? 
_entity_src_gen.pdbx_description                   ? 
# 
_struct_ref.id                         1 
_struct_ref.db_name                    UNP 
_struct_ref.db_code                    Q74MS9_NANEQ 
_struct_ref.pdbx_db_accession          Q74MS9 
_struct_ref.entity_id                  1 
_struct_ref.pdbx_seq_one_letter_code   
;MNLRIPWKEVYYLGYNMGNYIKISEPELLFVLRNKPQIKDRLKLDEKTIIKEGVKKYKNFWEIYYTVKDLILRGYRVRFD
GFFIELYEKGIIPGTIEQDYLVYPVSGEIRMTWGELLDIYNKAIARKSKFMLAIVDSEGDVTYYEFRKLRSNK
;
_struct_ref.pdbx_align_begin           1 
_struct_ref.pdbx_db_isoform            ? 
# 
_struct_ref_seq.align_id                      1 
_struct_ref_seq.ref_id                        1 
_struct_ref_seq.pdbx_PDB_id_code              3IF0 
_struct_ref_seq.pdbx_strand_id                X 
_struct_ref_seq.seq_align_beg                 1 
_struct_ref_seq.pdbx_seq_align_beg_ins_code   ? 
_struct_ref_seq.seq_align_end                 153 
_struct_ref_seq.pdbx_seq_align_end_ins_code   ? 
_struct_ref_seq.pdbx_db_accession             Q74MS9 
_struct_ref_seq.db_align_beg                  1 
_struct_ref_seq.pdbx_db_align_beg_ins_code    ? 
_struct_ref_seq.db_align_end                  153 
_struct_ref_seq.pdbx_db_align_end_ins_code    ? 
_struct_ref_seq.pdbx_auth_seq_align_beg       1 
_struct_ref_seq.pdbx_auth_seq_align_end       153 
# 
loop_
_chem_comp.id 
_chem_comp.type 
_chem_comp.mon_nstd_flag 
_chem_comp.name 
_chem_comp.pdbx_synonyms 
_chem_comp.formula 
_chem_comp.formula_weight 
ALA 'L-peptide linking' y ALANINE         ? 'C3 H7 N O2'     89.093  
ARG 'L-peptide linking' y ARGININE        ? 'C6 H15 N4 O2 1' 175.209 
ASN 'L-peptide linking' y ASPARAGINE      ? 'C4 H8 N2 O3'    132.118 
ASP 'L-peptide linking' y 'ASPARTIC ACID' ? 'C4 H7 N O4'     133.103 
GLN 'L-peptide linking' y GLUTAMINE       ? 'C5 H10 N2 O3'   146.144 
GLU 'L-peptide linking' y 'GLUTAMIC ACID' ? 'C5 H9 N O4'     147.129 
GLY 'peptide linking'   y GLYCINE         ? 'C2 H5 N O2'     75.067  
ILE 'L-peptide linking' y ISOLEUCINE      ? 'C6 H13 N O2'    131.173 
LEU 'L-peptide linking' y LEUCINE         ? 'C6 H13 N O2'    131.173 
LYS 'L-peptide linking' y LYSINE          ? 'C6 H15 N2 O2 1' 147.195 
MET 'L-peptide linking' y METHIONINE      ? 'C5 H11 N O2 S'  149.211 
PHE 'L-peptide linking' y PHENYLALANINE   ? 'C9 H11 N O2'    165.189 
PRO 'L-peptide linking' y PROLINE         ? 'C5 H9 N O2'     115.130 
SER 'L-peptide linking' y SERINE          ? 'C3 H7 N O3'     105.093 
THR 'L-peptide linking' y THREONINE       ? 'C4 H9 N O3'     119.119 
TRP 'L-peptide linking' y TRYPTOPHAN      ? 'C11 H12 N2 O2'  204.225 
TYR 'L-peptide linking' y TYROSINE        ? 'C9 H11 N O3'    181.189 
VAL 'L-peptide linking' y VALINE          ? 'C5 H11 N O2'    117.146 
# 
_exptl.entry_id          3IF0 
_exptl.method            'X-RAY DIFFRACTION' 
_exptl.crystals_number   1 
# 
_exptl_crystal.id                    1 
_exptl_crystal.density_meas          ? 
_exptl_crystal.density_Matthews      3.41 
_exptl_crystal.density_percent_sol   63.88 
_exptl_crystal.description           ? 
_exptl_crystal.F_000                 ? 
_exptl_crystal.preparation           ? 
# 
_exptl_crystal_grow.crystal_id      1 
_exptl_crystal_grow.method          'VAPOR DIFFUSION, HANGING DROP' 
_exptl_crystal_grow.temp            303 
_exptl_crystal_grow.temp_details    ? 
_exptl_crystal_grow.pH              4.6 
_exptl_crystal_grow.pdbx_pH_range   ? 
_exptl_crystal_grow.pdbx_details    
'0.10 M sodium acetate pH 4.6, 0.30 M ammonium acetate, 35% PEG 4000, VAPOR DIFFUSION, HANGING DROP, temperature 303K' 
# 
_diffrn.id                     1 
_diffrn.ambient_temp           100 
_diffrn.ambient_temp_details   ? 
_diffrn.crystal_id             1 
# 
_diffrn_detector.diffrn_id              1 
_diffrn_detector.detector               CCD 
_diffrn_detector.type                   'MARMOSAIC 225 mm CCD' 
_diffrn_detector.pdbx_collection_date   2009-03-14 
_diffrn_detector.details                ? 
# 
_diffrn_radiation.diffrn_id                        1 
_diffrn_radiation.wavelength_id                    1 
_diffrn_radiation.pdbx_monochromatic_or_laue_m_l   M 
_diffrn_radiation.monochromator                    'Si 220' 
_diffrn_radiation.pdbx_diffrn_protocol             'SINGLE WAVELENGTH' 
_diffrn_radiation.pdbx_scattering_type             x-ray 
# 
_diffrn_radiation_wavelength.id           1 
_diffrn_radiation_wavelength.wavelength   1 
_diffrn_radiation_wavelength.wt           1.0 
# 
_diffrn_source.diffrn_id                   1 
_diffrn_source.source                      SYNCHROTRON 
_diffrn_source.type                        'APS BEAMLINE 22-BM' 
_diffrn_source.pdbx_synchrotron_site       APS 
_diffrn_source.pdbx_synchrotron_beamline   22-BM 
_diffrn_source.pdbx_wavelength             ? 
_diffrn_source.pdbx_wavelength_list        1 
# 
_reflns.entry_id                     3IF0 
_reflns.observed_criterion_sigma_I   8 
_reflns.observed_criterion_sigma_F   2 
_reflns.d_resolution_low             100.000 
_reflns.d_resolution_high            2.200 
_reflns.number_obs                   13062 
_reflns.number_all                   13062 
_reflns.percent_possible_obs         100.000 
_reflns.pdbx_Rmerge_I_obs            0.097 
_reflns.pdbx_Rsym_value              0.097 
_reflns.pdbx_netI_over_sigmaI        10.500 
_reflns.B_iso_Wilson_estimate        ? 
_reflns.pdbx_redundancy              19.000 
_reflns.R_free_details               ? 
_reflns.limit_h_max                  ? 
_reflns.limit_h_min                  ? 
_reflns.limit_k_max                  ? 
_reflns.limit_k_min                  ? 
_reflns.limit_l_max                  ? 
_reflns.limit_l_min                  ? 
_reflns.observed_criterion_F_max     ? 
_reflns.observed_criterion_F_min     ? 
_reflns.pdbx_chi_squared             ? 
_reflns.pdbx_scaling_rejects         ? 
_reflns.pdbx_ordinal                 1 
_reflns.pdbx_diffrn_id               1 
# 
_reflns_shell.d_res_high             2.20 
_reflns_shell.d_res_low              2.28 
_reflns_shell.percent_possible_all   99.90 
_reflns_shell.Rmerge_I_obs           0.624 
_reflns_shell.pdbx_Rsym_value        0.624 
_reflns_shell.meanI_over_sigI_obs    4.9 
_reflns_shell.pdbx_redundancy        11.50 
_reflns_shell.percent_possible_obs   ? 
_reflns_shell.number_unique_all      ? 
_reflns_shell.number_measured_all    ? 
_reflns_shell.number_measured_obs    ? 
_reflns_shell.number_unique_obs      ? 
_reflns_shell.pdbx_chi_squared       ? 
_reflns_shell.pdbx_ordinal           1 
_reflns_shell.pdbx_diffrn_id         1 
# 
_refine.pdbx_refine_id                           'X-RAY DIFFRACTION' 
_refine.entry_id                                 3IF0 
_refine.ls_number_reflns_obs                     12345 
_refine.ls_number_reflns_all                     ? 
_refine.pdbx_ls_sigma_I                          ? 
_refine.pdbx_ls_sigma_F                          . 
_refine.pdbx_data_cutoff_high_absF               ? 
_refine.pdbx_data_cutoff_low_absF                ? 
_refine.pdbx_data_cutoff_high_rms_absF           ? 
_refine.ls_d_res_low                             41.38 
_refine.ls_d_res_high                            2.20 
_refine.ls_percent_reflns_obs                    99.84 
_refine.ls_R_factor_obs                          0.24964 
_refine.ls_R_factor_all                          ? 
_refine.ls_R_factor_R_work                       0.24827 
_refine.ls_R_factor_R_free                       0.27712 
_refine.ls_R_factor_R_free_error                 ? 
_refine.ls_R_factor_R_free_error_details         ? 
_refine.ls_percent_reflns_R_free                 5.0 
_refine.ls_number_reflns_R_free                  643 
_refine.ls_number_parameters                     ? 
_refine.ls_number_restraints                     ? 
_refine.occupancy_min                            1.00 
_refine.occupancy_max                            1.00 
_refine.correlation_coeff_Fo_to_Fc               0.929 
_refine.correlation_coeff_Fo_to_Fc_free          0.925 
_refine.B_iso_mean                               35.247 
_refine.aniso_B[1][1]                            0.39 
_refine.aniso_B[2][2]                            0.39 
_refine.aniso_B[3][3]                            -0.59 
_refine.aniso_B[1][2]                            0.20 
_refine.aniso_B[1][3]                            0.00 
_refine.aniso_B[2][3]                            0.00 
_refine.solvent_model_details                    MASK 
_refine.solvent_model_param_ksol                 ? 
_refine.solvent_model_param_bsol                 ? 
_refine.pdbx_solvent_vdw_probe_radii             1.40 
_refine.pdbx_solvent_ion_probe_radii             0.80 
_refine.pdbx_solvent_shrinkage_radii             0.80 
_refine.pdbx_ls_cross_valid_method               THROUGHOUT 
_refine.details                                  'HYDROGENS HAVE BEEN ADDED IN THE RIDING POSITIONS' 
_refine.pdbx_starting_model                      'PDB entry 3IEY' 
_refine.pdbx_method_to_determine_struct          'MOLECULAR REPLACEMENT' 
_refine.pdbx_isotropic_thermal_model             Isotropic 
_refine.pdbx_stereochemistry_target_values       'MAXIMUM LIKELIHOOD' 
_refine.pdbx_stereochem_target_val_spec_case     ? 
_refine.pdbx_R_Free_selection_details            RANDOM 
_refine.pdbx_overall_ESU_R                       0.232 
_refine.pdbx_overall_ESU_R_Free                  0.199 
_refine.overall_SU_ML                            0.162 
_refine.pdbx_overall_phase_error                 ? 
_refine.overall_SU_B                             14.168 
_refine.ls_redundancy_reflns_obs                 ? 
_refine.B_iso_min                                ? 
_refine.B_iso_max                                ? 
_refine.overall_SU_R_Cruickshank_DPI             ? 
_refine.overall_SU_R_free                        ? 
_refine.ls_wR_factor_R_free                      ? 
_refine.ls_wR_factor_R_work                      ? 
_refine.overall_FOM_free_R_set                   ? 
_refine.overall_FOM_work_R_set                   ? 
_refine.pdbx_TLS_residual_ADP_flag               'LIKELY RESIDUAL' 
_refine.pdbx_diffrn_id                           1 
_refine.pdbx_overall_SU_R_free_Cruickshank_DPI   ? 
_refine.pdbx_overall_SU_R_Blow_DPI               ? 
_refine.pdbx_overall_SU_R_free_Blow_DPI          ? 
# 
_refine_hist.pdbx_refine_id                   'X-RAY DIFFRACTION' 
_refine_hist.cycle_id                         LAST 
_refine_hist.pdbx_number_atoms_protein        1269 
_refine_hist.pdbx_number_atoms_nucleic_acid   0 
_refine_hist.pdbx_number_atoms_ligand         0 
_refine_hist.number_atoms_solvent             0 
_refine_hist.number_atoms_total               1269 
_refine_hist.d_res_high                       2.20 
_refine_hist.d_res_low                        41.38 
# 
loop_
_refine_ls_restr.type 
_refine_ls_restr.dev_ideal 
_refine_ls_restr.dev_ideal_target 
_refine_ls_restr.weight 
_refine_ls_restr.number 
_refine_ls_restr.pdbx_refine_id 
_refine_ls_restr.pdbx_restraint_function 
r_bond_refined_d             0.010  0.022  ? 1301 'X-RAY DIFFRACTION' ? 
r_bond_other_d               ?      ?      ? ?    'X-RAY DIFFRACTION' ? 
r_angle_refined_deg          1.266  1.982  ? 1752 'X-RAY DIFFRACTION' ? 
r_angle_other_deg            ?      ?      ? ?    'X-RAY DIFFRACTION' ? 
r_dihedral_angle_1_deg       5.836  5.000  ? 148  'X-RAY DIFFRACTION' ? 
r_dihedral_angle_2_deg       34.093 23.226 ? 62   'X-RAY DIFFRACTION' ? 
r_dihedral_angle_3_deg       18.388 15.000 ? 251  'X-RAY DIFFRACTION' ? 
r_dihedral_angle_4_deg       15.382 15.000 ? 9    'X-RAY DIFFRACTION' ? 
r_chiral_restr               0.103  0.200  ? 184  'X-RAY DIFFRACTION' ? 
r_gen_planes_refined         0.006  0.021  ? 968  'X-RAY DIFFRACTION' ? 
r_gen_planes_other           ?      ?      ? ?    'X-RAY DIFFRACTION' ? 
r_nbd_refined                ?      ?      ? ?    'X-RAY DIFFRACTION' ? 
r_nbd_other                  ?      ?      ? ?    'X-RAY DIFFRACTION' ? 
r_nbtor_refined              ?      ?      ? ?    'X-RAY DIFFRACTION' ? 
r_nbtor_other                ?      ?      ? ?    'X-RAY DIFFRACTION' ? 
r_xyhbond_nbd_refined        ?      ?      ? ?    'X-RAY DIFFRACTION' ? 
r_xyhbond_nbd_other          ?      ?      ? ?    'X-RAY DIFFRACTION' ? 
r_metal_ion_refined          ?      ?      ? ?    'X-RAY DIFFRACTION' ? 
r_metal_ion_other            ?      ?      ? ?    'X-RAY DIFFRACTION' ? 
r_symmetry_vdw_refined       ?      ?      ? ?    'X-RAY DIFFRACTION' ? 
r_symmetry_vdw_other         ?      ?      ? ?    'X-RAY DIFFRACTION' ? 
r_symmetry_hbond_refined     ?      ?      ? ?    'X-RAY DIFFRACTION' ? 
r_symmetry_hbond_other       ?      ?      ? ?    'X-RAY DIFFRACTION' ? 
r_symmetry_metal_ion_refined ?      ?      ? ?    'X-RAY DIFFRACTION' ? 
r_symmetry_metal_ion_other   ?      ?      ? ?    'X-RAY DIFFRACTION' ? 
r_mcbond_it                  0.646  1.500  ? 740  'X-RAY DIFFRACTION' ? 
r_mcbond_other               ?      ?      ? ?    'X-RAY DIFFRACTION' ? 
r_mcangle_it                 1.206  2.000  ? 1203 'X-RAY DIFFRACTION' ? 
r_scbond_it                  1.747  3.000  ? 561  'X-RAY DIFFRACTION' ? 
r_scangle_it                 2.853  4.500  ? 549  'X-RAY DIFFRACTION' ? 
r_rigid_bond_restr           ?      ?      ? ?    'X-RAY DIFFRACTION' ? 
r_sphericity_free            ?      ?      ? ?    'X-RAY DIFFRACTION' ? 
r_sphericity_bonded          ?      ?      ? ?    'X-RAY DIFFRACTION' ? 
# 
_refine_ls_shell.pdbx_refine_id                   'X-RAY DIFFRACTION' 
_refine_ls_shell.pdbx_total_number_of_bins_used   20 
_refine_ls_shell.d_res_high                       2.200 
_refine_ls_shell.d_res_low                        2.257 
_refine_ls_shell.number_reflns_R_work             907 
_refine_ls_shell.R_factor_R_work                  0.277 
_refine_ls_shell.percent_reflns_obs               99.90 
_refine_ls_shell.R_factor_R_free                  0.378 
_refine_ls_shell.R_factor_R_free_error            ? 
_refine_ls_shell.percent_reflns_R_free            ? 
_refine_ls_shell.number_reflns_R_free             50 
_refine_ls_shell.number_reflns_all                ? 
_refine_ls_shell.R_factor_all                     ? 
_refine_ls_shell.redundancy_reflns_obs            ? 
_refine_ls_shell.number_reflns_obs                ? 
# 
_struct.entry_id                  3IF0 
_struct.title                     'Crystal Structure of the Nanoarchaeum equitans tRNA splicing endonuclease structural subunit' 
_struct.pdbx_model_details        ? 
_struct.pdbx_CASP_flag            ? 
_struct.pdbx_model_type_details   ? 
# 
_struct_keywords.entry_id        3IF0 
_struct_keywords.pdbx_keywords   HYDROLASE 
_struct_keywords.text            'protein, Hydrolase' 
# 
_struct_asym.id                            A 
_struct_asym.pdbx_blank_PDB_chainid_flag   N 
_struct_asym.pdbx_modified                 N 
_struct_asym.entity_id                     1 
_struct_asym.details                       ? 
# 
_struct_biol.id        1 
_struct_biol.details   ? 
# 
loop_
_struct_conf.conf_type_id 
_struct_conf.id 
_struct_conf.pdbx_PDB_helix_id 
_struct_conf.beg_label_comp_id 
_struct_conf.beg_label_asym_id 
_struct_conf.beg_label_seq_id 
_struct_conf.pdbx_beg_PDB_ins_code 
_struct_conf.end_label_comp_id 
_struct_conf.end_label_asym_id 
_struct_conf.end_label_seq_id 
_struct_conf.pdbx_end_PDB_ins_code 
_struct_conf.beg_auth_comp_id 
_struct_conf.beg_auth_asym_id 
_struct_conf.beg_auth_seq_id 
_struct_conf.end_auth_comp_id 
_struct_conf.end_auth_asym_id 
_struct_conf.end_auth_seq_id 
_struct_conf.pdbx_PDB_helix_class 
_struct_conf.details 
_struct_conf.pdbx_PDB_helix_length 
HELX_P HELX_P1 1 PRO A 6   ? TYR A 11  ? PRO X 6   TYR X 11  5 ? 6  
HELX_P HELX_P2 2 SER A 24  ? LYS A 35  ? SER X 24  LYS X 35  1 ? 12 
HELX_P HELX_P3 3 LYS A 35  ? ARG A 41  ? LYS X 35  ARG X 41  1 ? 7  
HELX_P HELX_P4 4 ASP A 45  ? TYR A 57  ? ASP X 45  TYR X 57  1 ? 13 
HELX_P HELX_P5 5 ASN A 59  ? ARG A 73  ? ASN X 59  ARG X 73  1 ? 15 
HELX_P HELX_P6 6 THR A 112 ? ARG A 126 ? THR X 112 ARG X 126 1 ? 15 
# 
_struct_conf_type.id          HELX_P 
_struct_conf_type.criteria    ? 
_struct_conf_type.reference   ? 
# 
loop_
_struct_sheet.id 
_struct_sheet.type 
_struct_sheet.number_strands 
_struct_sheet.details 
A ? 3 ? 
B ? 5 ? 
# 
loop_
_struct_sheet_order.sheet_id 
_struct_sheet_order.range_id_1 
_struct_sheet_order.range_id_2 
_struct_sheet_order.offset 
_struct_sheet_order.sense 
A 1 2 ? anti-parallel 
A 2 3 ? anti-parallel 
B 1 2 ? anti-parallel 
B 2 3 ? anti-parallel 
B 3 4 ? parallel      
B 4 5 ? anti-parallel 
# 
loop_
_struct_sheet_range.sheet_id 
_struct_sheet_range.id 
_struct_sheet_range.beg_label_comp_id 
_struct_sheet_range.beg_label_asym_id 
_struct_sheet_range.beg_label_seq_id 
_struct_sheet_range.pdbx_beg_PDB_ins_code 
_struct_sheet_range.end_label_comp_id 
_struct_sheet_range.end_label_asym_id 
_struct_sheet_range.end_label_seq_id 
_struct_sheet_range.pdbx_end_PDB_ins_code 
_struct_sheet_range.beg_auth_comp_id 
_struct_sheet_range.beg_auth_asym_id 
_struct_sheet_range.beg_auth_seq_id 
_struct_sheet_range.end_auth_comp_id 
_struct_sheet_range.end_auth_asym_id 
_struct_sheet_range.end_auth_seq_id 
A 1 ASN A 2   ? LEU A 3   ? ASN X 2   LEU X 3   
A 2 ILE A 21  ? LYS A 22  ? ILE X 21  LYS X 22  
A 3 TYR A 15  ? ASN A 16  ? TYR X 15  ASN X 16  
B 1 ARG A 76  ? PHE A 79  ? ARG X 76  PHE X 79  
B 2 ILE A 84  ? TYR A 87  ? ILE X 84  TYR X 87  
B 3 TYR A 100 ? SER A 106 ? TYR X 100 SER X 106 
B 4 LYS A 129 ? VAL A 135 ? LYS X 129 VAL X 135 
B 5 VAL A 141 ? GLU A 145 ? VAL X 141 GLU X 145 
# 
loop_
_pdbx_struct_sheet_hbond.sheet_id 
_pdbx_struct_sheet_hbond.range_id_1 
_pdbx_struct_sheet_hbond.range_id_2 
_pdbx_struct_sheet_hbond.range_1_label_atom_id 
_pdbx_struct_sheet_hbond.range_1_label_comp_id 
_pdbx_struct_sheet_hbond.range_1_label_asym_id 
_pdbx_struct_sheet_hbond.range_1_label_seq_id 
_pdbx_struct_sheet_hbond.range_1_PDB_ins_code 
_pdbx_struct_sheet_hbond.range_1_auth_atom_id 
_pdbx_struct_sheet_hbond.range_1_auth_comp_id 
_pdbx_struct_sheet_hbond.range_1_auth_asym_id 
_pdbx_struct_sheet_hbond.range_1_auth_seq_id 
_pdbx_struct_sheet_hbond.range_2_label_atom_id 
_pdbx_struct_sheet_hbond.range_2_label_comp_id 
_pdbx_struct_sheet_hbond.range_2_label_asym_id 
_pdbx_struct_sheet_hbond.range_2_label_seq_id 
_pdbx_struct_sheet_hbond.range_2_PDB_ins_code 
_pdbx_struct_sheet_hbond.range_2_auth_atom_id 
_pdbx_struct_sheet_hbond.range_2_auth_comp_id 
_pdbx_struct_sheet_hbond.range_2_auth_asym_id 
_pdbx_struct_sheet_hbond.range_2_auth_seq_id 
A 1 2 N LEU A 3   ? N LEU X 3   O ILE A 21  ? O ILE X 21  
A 2 3 O LYS A 22  ? O LYS X 22  N TYR A 15  ? N TYR X 15  
B 1 2 N ARG A 78  ? N ARG X 78  O GLU A 85  ? O GLU X 85  
B 2 3 N LEU A 86  ? N LEU X 86  O TYR A 100 ? O TYR X 100 
B 3 4 N VAL A 105 ? N VAL X 105 O VAL A 135 ? O VAL X 135 
B 4 5 N LEU A 132 ? N LEU X 132 O TYR A 144 ? O TYR X 144 
# 
_atom_sites.entry_id                    3IF0 
_atom_sites.fract_transf_matrix[1][1]   0.00372923 
_atom_sites.fract_transf_matrix[1][2]   0.01132319 
_atom_sites.fract_transf_matrix[1][3]   0.00206620 
_atom_sites.fract_transf_matrix[2][1]   0.01004557 
_atom_sites.fract_transf_matrix[2][2]   0.00197980 
_atom_sites.fract_transf_matrix[2][3]   0.00644614 
_atom_sites.fract_transf_matrix[3][1]   0.01137201 
_atom_sites.fract_transf_matrix[3][2]   -0.00054186 
_atom_sites.fract_transf_matrix[3][3]   -0.01755556 
_atom_sites.fract_transf_vector[1]      0.158444 
_atom_sites.fract_transf_vector[2]      -0.264094 
_atom_sites.fract_transf_vector[3]      0.133981 
# 
loop_
_atom_type.symbol 
C 
N 
O 
S 
# 
loop_
_atom_site.group_PDB 
_atom_site.id 
_atom_site.type_symbol 
_atom_site.label_atom_id 
_atom_site.label_alt_id 
_atom_site.label_comp_id 
_atom_site.label_asym_id 
_atom_site.label_entity_id 
_atom_site.label_seq_id 
_atom_site.pdbx_PDB_ins_code 
_atom_site.Cartn_x 
_atom_site.Cartn_y 
_atom_site.Cartn_z 
_atom_site.occupancy 
_atom_site.B_iso_or_equiv 
_atom_site.pdbx_formal_charge 
_atom_site.auth_seq_id 
_atom_site.auth_comp_id 
_atom_site.auth_asym_id 
_atom_site.auth_atom_id 
_atom_site.pdbx_PDB_model_num 
ATOM 1    N N   . MET A 1 1   ? 13.146  9.271   -1.036  1.00 44.67 ? 1   MET X N   1 
ATOM 2    C CA  . MET A 1 1   ? 11.759  8.885   -0.620  1.00 45.21 ? 1   MET X CA  1 
ATOM 3    C C   . MET A 1 1   ? 10.763  9.991   -0.967  1.00 45.06 ? 1   MET X C   1 
ATOM 4    O O   . MET A 1 1   ? 9.539   9.786   -0.964  1.00 45.05 ? 1   MET X O   1 
ATOM 5    C CB  . MET A 1 1   ? 11.695  8.561   0.874   1.00 45.01 ? 1   MET X CB  1 
ATOM 6    C CG  . MET A 1 1   ? 12.466  7.320   1.261   1.00 46.50 ? 1   MET X CG  1 
ATOM 7    S SD  . MET A 1 1   ? 12.262  5.987   0.059   1.00 49.93 ? 1   MET X SD  1 
ATOM 8    C CE  . MET A 1 1   ? 10.481  5.705   0.160   1.00 49.32 ? 1   MET X CE  1 
ATOM 9    N N   . ASN A 1 2   ? 11.301  11.168  -1.255  1.00 44.55 ? 2   ASN X N   1 
ATOM 10   C CA  . ASN A 1 2   ? 10.504  12.265  -1.769  1.00 44.02 ? 2   ASN X CA  1 
ATOM 11   C C   . ASN A 1 2   ? 10.776  12.426  -3.233  1.00 43.46 ? 2   ASN X C   1 
ATOM 12   O O   . ASN A 1 2   ? 11.895  12.697  -3.616  1.00 43.85 ? 2   ASN X O   1 
ATOM 13   C CB  . ASN A 1 2   ? 10.846  13.544  -1.041  1.00 44.11 ? 2   ASN X CB  1 
ATOM 14   C CG  . ASN A 1 2   ? 10.430  13.492  0.393   1.00 43.87 ? 2   ASN X CG  1 
ATOM 15   O OD1 . ASN A 1 2   ? 9.788   12.537  0.811   1.00 43.52 ? 2   ASN X OD1 1 
ATOM 16   N ND2 . ASN A 1 2   ? 10.776  14.514  1.157   1.00 44.29 ? 2   ASN X ND2 1 
ATOM 17   N N   . LEU A 1 3   ? 9.757   12.234  -4.058  1.00 42.62 ? 3   LEU X N   1 
ATOM 18   C CA  . LEU A 1 3   ? 9.962   12.293  -5.482  1.00 41.99 ? 3   LEU X CA  1 
ATOM 19   C C   . LEU A 1 3   ? 9.440   13.606  -6.022  1.00 41.78 ? 3   LEU X C   1 
ATOM 20   O O   . LEU A 1 3   ? 8.280   13.965  -5.799  1.00 41.62 ? 3   LEU X O   1 
ATOM 21   C CB  . LEU A 1 3   ? 9.268   11.128  -6.174  1.00 41.92 ? 3   LEU X CB  1 
ATOM 22   C CG  . LEU A 1 3   ? 9.313   9.825   -5.384  1.00 41.85 ? 3   LEU X CG  1 
ATOM 23   C CD1 . LEU A 1 3   ? 8.751   8.688   -6.233  1.00 42.05 ? 3   LEU X CD1 1 
ATOM 24   C CD2 . LEU A 1 3   ? 10.730  9.527   -4.961  1.00 40.98 ? 3   LEU X CD2 1 
ATOM 25   N N   . ARG A 1 4   ? 10.321  14.321  -6.717  1.00 41.41 ? 4   ARG X N   1 
ATOM 26   C CA  . ARG A 1 4   ? 9.979   15.562  -7.399  1.00 40.82 ? 4   ARG X CA  1 
ATOM 27   C C   . ARG A 1 4   ? 9.509   15.143  -8.756  1.00 40.05 ? 4   ARG X C   1 
ATOM 28   O O   . ARG A 1 4   ? 10.207  15.325  -9.750  1.00 39.72 ? 4   ARG X O   1 
ATOM 29   C CB  . ARG A 1 4   ? 11.220  16.426  -7.559  1.00 40.92 ? 4   ARG X CB  1 
ATOM 30   C CG  . ARG A 1 4   ? 12.144  16.309  -6.386  1.00 42.57 ? 4   ARG X CG  1 
ATOM 31   C CD  . ARG A 1 4   ? 11.432  16.755  -5.123  1.00 44.48 ? 4   ARG X CD  1 
ATOM 32   N NE  . ARG A 1 4   ? 11.240  18.196  -5.174  1.00 45.45 ? 4   ARG X NE  1 
ATOM 33   C CZ  . ARG A 1 4   ? 12.246  19.061  -5.177  1.00 44.10 ? 4   ARG X CZ  1 
ATOM 34   N NH1 . ARG A 1 4   ? 13.500  18.616  -5.120  1.00 43.02 ? 4   ARG X NH1 1 
ATOM 35   N NH2 . ARG A 1 4   ? 12.000  20.360  -5.231  1.00 44.16 ? 4   ARG X NH2 1 
ATOM 36   N N   . ILE A 1 5   ? 8.324   14.548  -8.780  1.00 39.22 ? 5   ILE X N   1 
ATOM 37   C CA  . ILE A 1 5   ? 7.807   13.920  -9.965  1.00 38.49 ? 5   ILE X CA  1 
ATOM 38   C C   . ILE A 1 5   ? 6.304   14.068  -9.918  1.00 37.31 ? 5   ILE X C   1 
ATOM 39   O O   . ILE A 1 5   ? 5.697   13.914  -8.861  1.00 37.66 ? 5   ILE X O   1 
ATOM 40   C CB  . ILE A 1 5   ? 8.227   12.422  -10.019 1.00 38.63 ? 5   ILE X CB  1 
ATOM 41   C CG1 . ILE A 1 5   ? 8.133   11.883  -11.447 1.00 40.43 ? 5   ILE X CG1 1 
ATOM 42   C CG2 . ILE A 1 5   ? 7.379   11.572  -9.069  1.00 39.63 ? 5   ILE X CG2 1 
ATOM 43   C CD1 . ILE A 1 5   ? 8.517   10.416  -11.561 1.00 41.64 ? 5   ILE X CD1 1 
ATOM 44   N N   . PRO A 1 6   ? 5.691   14.394  -11.055 1.00 36.35 ? 6   PRO X N   1 
ATOM 45   C CA  . PRO A 1 6   ? 4.249   14.574  -11.040 1.00 35.26 ? 6   PRO X CA  1 
ATOM 46   C C   . PRO A 1 6   ? 3.543   13.355  -10.445 1.00 34.24 ? 6   PRO X C   1 
ATOM 47   O O   . PRO A 1 6   ? 3.970   12.222  -10.661 1.00 33.91 ? 6   PRO X O   1 
ATOM 48   C CB  . PRO A 1 6   ? 3.910   14.750  -12.521 1.00 35.25 ? 6   PRO X CB  1 
ATOM 49   C CG  . PRO A 1 6   ? 5.158   15.375  -13.103 1.00 36.02 ? 6   PRO X CG  1 
ATOM 50   C CD  . PRO A 1 6   ? 6.276   14.648  -12.385 1.00 36.08 ? 6   PRO X CD  1 
ATOM 51   N N   . TRP A 1 7   ? 2.464   13.596  -9.703  1.00 32.91 ? 7   TRP X N   1 
ATOM 52   C CA  . TRP A 1 7   ? 1.804   12.543  -8.951  1.00 31.83 ? 7   TRP X CA  1 
ATOM 53   C C   . TRP A 1 7   ? 1.337   11.402  -9.848  1.00 31.85 ? 7   TRP X C   1 
ATOM 54   O O   . TRP A 1 7   ? 1.450   10.224  -9.490  1.00 30.33 ? 7   TRP X O   1 
ATOM 55   C CB  . TRP A 1 7   ? 0.610   13.100  -8.184  1.00 31.51 ? 7   TRP X CB  1 
ATOM 56   C CG  . TRP A 1 7   ? 0.269   12.281  -6.971  1.00 30.71 ? 7   TRP X CG  1 
ATOM 57   C CD1 . TRP A 1 7   ? 1.018   11.273  -6.419  1.00 30.16 ? 7   TRP X CD1 1 
ATOM 58   C CD2 . TRP A 1 7   ? -0.874  12.436  -6.133  1.00 30.10 ? 7   TRP X CD2 1 
ATOM 59   N NE1 . TRP A 1 7   ? 0.397   10.787  -5.290  1.00 29.61 ? 7   TRP X NE1 1 
ATOM 60   C CE2 . TRP A 1 7   ? -0.767  11.480  -5.095  1.00 30.83 ? 7   TRP X CE2 1 
ATOM 61   C CE3 . TRP A 1 7   ? -1.986  13.287  -6.156  1.00 30.05 ? 7   TRP X CE3 1 
ATOM 62   C CZ2 . TRP A 1 7   ? -1.731  11.359  -4.084  1.00 32.42 ? 7   TRP X CZ2 1 
ATOM 63   C CZ3 . TRP A 1 7   ? -2.939  13.163  -5.152  1.00 31.79 ? 7   TRP X CZ3 1 
ATOM 64   C CH2 . TRP A 1 7   ? -2.811  12.199  -4.139  1.00 31.89 ? 7   TRP X CH2 1 
ATOM 65   N N   . LYS A 1 8   ? 0.824   11.755  -11.018 1.00 31.92 ? 8   LYS X N   1 
ATOM 66   C CA  . LYS A 1 8   ? 0.271   10.743  -11.886 1.00 33.40 ? 8   LYS X CA  1 
ATOM 67   C C   . LYS A 1 8   ? 1.317   9.799   -12.436 1.00 33.51 ? 8   LYS X C   1 
ATOM 68   O O   . LYS A 1 8   ? 0.997   8.677   -12.776 1.00 34.84 ? 8   LYS X O   1 
ATOM 69   C CB  . LYS A 1 8   ? -0.616  11.330  -12.994 1.00 33.44 ? 8   LYS X CB  1 
ATOM 70   C CG  . LYS A 1 8   ? 0.073   12.186  -14.040 1.00 35.18 ? 8   LYS X CG  1 
ATOM 71   C CD  . LYS A 1 8   ? -0.953  12.587  -15.098 1.00 36.08 ? 8   LYS X CD  1 
ATOM 72   C CE  . LYS A 1 8   ? -0.543  13.850  -15.809 1.00 39.05 ? 8   LYS X CE  1 
ATOM 73   N NZ  . LYS A 1 8   ? 0.835   13.695  -16.341 1.00 39.54 ? 8   LYS X NZ  1 
ATOM 74   N N   . GLU A 1 9   ? 2.572   10.210  -12.482 1.00 33.60 ? 9   GLU X N   1 
ATOM 75   C CA  . GLU A 1 9   ? 3.564   9.334   -13.084 1.00 33.97 ? 9   GLU X CA  1 
ATOM 76   C C   . GLU A 1 9   ? 4.057   8.295   -12.110 1.00 33.46 ? 9   GLU X C   1 
ATOM 77   O O   . GLU A 1 9   ? 4.797   7.385   -12.510 1.00 33.46 ? 9   GLU X O   1 
ATOM 78   C CB  . GLU A 1 9   ? 4.763   10.115  -13.596 1.00 34.25 ? 9   GLU X CB  1 
ATOM 79   C CG  . GLU A 1 9   ? 4.422   11.127  -14.635 1.00 37.11 ? 9   GLU X CG  1 
ATOM 80   C CD  . GLU A 1 9   ? 5.677   11.783  -15.165 1.00 42.32 ? 9   GLU X CD  1 
ATOM 81   O OE1 . GLU A 1 9   ? 6.494   11.067  -15.790 1.00 43.44 ? 9   GLU X OE1 1 
ATOM 82   O OE2 . GLU A 1 9   ? 5.853   13.003  -14.944 1.00 44.62 ? 9   GLU X OE2 1 
ATOM 83   N N   . VAL A 1 10  ? 3.688   8.451   -10.837 1.00 32.62 ? 10  VAL X N   1 
ATOM 84   C CA  . VAL A 1 10  ? 3.933   7.408   -9.844  1.00 32.21 ? 10  VAL X CA  1 
ATOM 85   C C   . VAL A 1 10  ? 2.604   6.757   -9.408  1.00 32.15 ? 10  VAL X C   1 
ATOM 86   O O   . VAL A 1 10  ? 2.442   6.314   -8.257  1.00 31.82 ? 10  VAL X O   1 
ATOM 87   C CB  . VAL A 1 10  ? 4.764   7.930   -8.647  1.00 32.26 ? 10  VAL X CB  1 
ATOM 88   C CG1 . VAL A 1 10  ? 6.112   8.450   -9.143  1.00 32.84 ? 10  VAL X CG1 1 
ATOM 89   C CG2 . VAL A 1 10  ? 4.024   9.031   -7.881  1.00 31.67 ? 10  VAL X CG2 1 
ATOM 90   N N   . TYR A 1 11  ? 1.653   6.730   -10.344 1.00 31.20 ? 11  TYR X N   1 
ATOM 91   C CA  . TYR A 1 11  ? 0.386   6.039   -10.145 1.00 30.53 ? 11  TYR X CA  1 
ATOM 92   C C   . TYR A 1 11  ? -0.492  6.616   -9.041  1.00 30.25 ? 11  TYR X C   1 
ATOM 93   O O   . TYR A 1 11  ? -1.465  5.988   -8.643  1.00 29.69 ? 11  TYR X O   1 
ATOM 94   C CB  . TYR A 1 11  ? 0.650   4.574   -9.822  1.00 30.40 ? 11  TYR X CB  1 
ATOM 95   C CG  . TYR A 1 11  ? 1.494   3.871   -10.850 1.00 31.45 ? 11  TYR X CG  1 
ATOM 96   C CD1 . TYR A 1 11  ? 0.915   3.301   -11.975 1.00 33.23 ? 11  TYR X CD1 1 
ATOM 97   C CD2 . TYR A 1 11  ? 2.871   3.768   -10.694 1.00 32.57 ? 11  TYR X CD2 1 
ATOM 98   C CE1 . TYR A 1 11  ? 1.687   2.638   -12.919 1.00 34.53 ? 11  TYR X CE1 1 
ATOM 99   C CE2 . TYR A 1 11  ? 3.650   3.117   -11.630 1.00 32.85 ? 11  TYR X CE2 1 
ATOM 100  C CZ  . TYR A 1 11  ? 3.048   2.556   -12.738 1.00 33.71 ? 11  TYR X CZ  1 
ATOM 101  O OH  . TYR A 1 11  ? 3.810   1.909   -13.669 1.00 36.82 ? 11  TYR X OH  1 
ATOM 102  N N   . TYR A 1 12  ? -0.146  7.801   -8.547  1.00 29.78 ? 12  TYR X N   1 
ATOM 103  C CA  . TYR A 1 12  ? -0.876  8.427   -7.455  1.00 29.14 ? 12  TYR X CA  1 
ATOM 104  C C   . TYR A 1 12  ? -0.655  7.682   -6.141  1.00 28.38 ? 12  TYR X C   1 
ATOM 105  O O   . TYR A 1 12  ? -1.509  7.696   -5.257  1.00 27.13 ? 12  TYR X O   1 
ATOM 106  C CB  . TYR A 1 12  ? -2.367  8.503   -7.771  1.00 29.57 ? 12  TYR X CB  1 
ATOM 107  C CG  . TYR A 1 12  ? -2.730  9.427   -8.923  1.00 30.72 ? 12  TYR X CG  1 
ATOM 108  C CD1 . TYR A 1 12  ? -2.765  10.796  -8.757  1.00 31.11 ? 12  TYR X CD1 1 
ATOM 109  C CD2 . TYR A 1 12  ? -3.068  8.904   -10.169 1.00 34.00 ? 12  TYR X CD2 1 
ATOM 110  C CE1 . TYR A 1 12  ? -3.115  11.635  -9.815  1.00 34.89 ? 12  TYR X CE1 1 
ATOM 111  C CE2 . TYR A 1 12  ? -3.419  9.726   -11.230 1.00 36.46 ? 12  TYR X CE2 1 
ATOM 112  C CZ  . TYR A 1 12  ? -3.447  11.083  -11.043 1.00 36.82 ? 12  TYR X CZ  1 
ATOM 113  O OH  . TYR A 1 12  ? -3.800  11.879  -12.104 1.00 41.02 ? 12  TYR X OH  1 
ATOM 114  N N   . LEU A 1 13  ? 0.495   7.030   -6.028  1.00 28.13 ? 13  LEU X N   1 
ATOM 115  C CA  . LEU A 1 13  ? 0.936   6.441   -4.773  1.00 28.29 ? 13  LEU X CA  1 
ATOM 116  C C   . LEU A 1 13  ? 1.594   7.501   -3.895  1.00 29.47 ? 13  LEU X C   1 
ATOM 117  O O   . LEU A 1 13  ? 2.099   8.504   -4.388  1.00 29.43 ? 13  LEU X O   1 
ATOM 118  C CB  . LEU A 1 13  ? 1.942   5.344   -5.068  1.00 27.83 ? 13  LEU X CB  1 
ATOM 119  C CG  . LEU A 1 13  ? 1.378   4.205   -5.934  1.00 27.26 ? 13  LEU X CG  1 
ATOM 120  C CD1 . LEU A 1 13  ? 2.492   3.229   -6.347  1.00 25.37 ? 13  LEU X CD1 1 
ATOM 121  C CD2 . LEU A 1 13  ? 0.284   3.497   -5.143  1.00 25.28 ? 13  LEU X CD2 1 
ATOM 122  N N   . GLY A 1 14  ? 1.598   7.267   -2.588  1.00 29.83 ? 14  GLY X N   1 
ATOM 123  C CA  . GLY A 1 14  ? 2.285   8.156   -1.669  1.00 30.29 ? 14  GLY X CA  1 
ATOM 124  C C   . GLY A 1 14  ? 1.416   9.361   -1.376  1.00 30.58 ? 14  GLY X C   1 
ATOM 125  O O   . GLY A 1 14  ? 0.236   9.380   -1.698  1.00 30.67 ? 14  GLY X O   1 
ATOM 126  N N   . TYR A 1 15  ? 1.995   10.368  -0.747  1.00 30.60 ? 15  TYR X N   1 
ATOM 127  C CA  . TYR A 1 15  ? 1.239   11.564  -0.447  1.00 30.96 ? 15  TYR X CA  1 
ATOM 128  C C   . TYR A 1 15  ? 1.730   12.712  -1.282  1.00 30.77 ? 15  TYR X C   1 
ATOM 129  O O   . TYR A 1 15  ? 2.929   12.960  -1.375  1.00 30.50 ? 15  TYR X O   1 
ATOM 130  C CB  . TYR A 1 15  ? 1.332   11.895  1.041   1.00 31.17 ? 15  TYR X CB  1 
ATOM 131  C CG  . TYR A 1 15  ? 0.548   10.894  1.849   1.00 31.93 ? 15  TYR X CG  1 
ATOM 132  C CD1 . TYR A 1 15  ? -0.674  11.233  2.418   1.00 31.04 ? 15  TYR X CD1 1 
ATOM 133  C CD2 . TYR A 1 15  ? 1.013   9.587   1.998   1.00 31.34 ? 15  TYR X CD2 1 
ATOM 134  C CE1 . TYR A 1 15  ? -1.390  10.310  3.146   1.00 32.31 ? 15  TYR X CE1 1 
ATOM 135  C CE2 . TYR A 1 15  ? 0.303   8.660   2.704   1.00 32.45 ? 15  TYR X CE2 1 
ATOM 136  C CZ  . TYR A 1 15  ? -0.899  9.022   3.274   1.00 33.58 ? 15  TYR X CZ  1 
ATOM 137  O OH  . TYR A 1 15  ? -1.605  8.084   3.978   1.00 36.56 ? 15  TYR X OH  1 
ATOM 138  N N   . ASN A 1 16  ? 0.791   13.391  -1.916  1.00 31.39 ? 16  ASN X N   1 
ATOM 139  C CA  . ASN A 1 16  ? 1.121   14.556  -2.698  1.00 32.47 ? 16  ASN X CA  1 
ATOM 140  C C   . ASN A 1 16  ? 1.403   15.779  -1.816  1.00 32.77 ? 16  ASN X C   1 
ATOM 141  O O   . ASN A 1 16  ? 0.485   16.394  -1.268  1.00 32.16 ? 16  ASN X O   1 
ATOM 142  C CB  . ASN A 1 16  ? 0.005   14.861  -3.689  1.00 32.56 ? 16  ASN X CB  1 
ATOM 143  C CG  . ASN A 1 16  ? 0.337   16.053  -4.574  1.00 33.06 ? 16  ASN X CG  1 
ATOM 144  O OD1 . ASN A 1 16  ? -0.501  16.510  -5.339  1.00 35.08 ? 16  ASN X OD1 1 
ATOM 145  N ND2 . ASN A 1 16  ? 1.563   16.557  -4.471  1.00 31.36 ? 16  ASN X ND2 1 
ATOM 146  N N   . MET A 1 17  ? 2.679   16.121  -1.690  1.00 33.55 ? 17  MET X N   1 
ATOM 147  C CA  . MET A 1 17  ? 3.080   17.273  -0.894  1.00 34.87 ? 17  MET X CA  1 
ATOM 148  C C   . MET A 1 17  ? 3.227   18.536  -1.737  1.00 34.91 ? 17  MET X C   1 
ATOM 149  O O   . MET A 1 17  ? 3.830   19.510  -1.298  1.00 35.32 ? 17  MET X O   1 
ATOM 150  C CB  . MET A 1 17  ? 4.387   16.973  -0.145  1.00 35.30 ? 17  MET X CB  1 
ATOM 151  C CG  . MET A 1 17  ? 4.358   15.630  0.603   1.00 37.80 ? 17  MET X CG  1 
ATOM 152  S SD  . MET A 1 17  ? 3.091   15.499  1.914   1.00 42.21 ? 17  MET X SD  1 
ATOM 153  C CE  . MET A 1 17  ? 1.795   16.567  1.271   1.00 43.03 ? 17  MET X CE  1 
ATOM 154  N N   . GLY A 1 18  ? 2.676   18.533  -2.946  1.00 34.58 ? 18  GLY X N   1 
ATOM 155  C CA  . GLY A 1 18  ? 2.774   19.716  -3.798  1.00 34.14 ? 18  GLY X CA  1 
ATOM 156  C C   . GLY A 1 18  ? 4.071   19.794  -4.590  1.00 33.83 ? 18  GLY X C   1 
ATOM 157  O O   . GLY A 1 18  ? 4.063   19.717  -5.814  1.00 33.28 ? 18  GLY X O   1 
ATOM 158  N N   . ASN A 1 19  ? 5.195   19.950  -3.896  1.00 34.02 ? 19  ASN X N   1 
ATOM 159  C CA  . ASN A 1 19  ? 6.480   20.009  -4.589  1.00 33.95 ? 19  ASN X CA  1 
ATOM 160  C C   . ASN A 1 19  ? 7.194   18.670  -4.620  1.00 33.83 ? 19  ASN X C   1 
ATOM 161  O O   . ASN A 1 19  ? 8.270   18.539  -5.211  1.00 33.40 ? 19  ASN X O   1 
ATOM 162  C CB  . ASN A 1 19  ? 7.383   21.086  -3.998  1.00 34.63 ? 19  ASN X CB  1 
ATOM 163  C CG  . ASN A 1 19  ? 7.719   20.841  -2.546  1.00 35.48 ? 19  ASN X CG  1 
ATOM 164  O OD1 . ASN A 1 19  ? 8.891   20.880  -2.160  1.00 38.80 ? 19  ASN X OD1 1 
ATOM 165  N ND2 . ASN A 1 19  ? 6.703   20.609  -1.728  1.00 36.56 ? 19  ASN X ND2 1 
ATOM 166  N N   . TYR A 1 20  ? 6.591   17.669  -3.983  1.00 33.26 ? 20  TYR X N   1 
ATOM 167  C CA  . TYR A 1 20  ? 7.105   16.317  -4.089  1.00 33.22 ? 20  TYR X CA  1 
ATOM 168  C C   . TYR A 1 20  ? 6.093   15.293  -3.602  1.00 33.02 ? 20  TYR X C   1 
ATOM 169  O O   . TYR A 1 20  ? 5.142   15.612  -2.897  1.00 32.95 ? 20  TYR X O   1 
ATOM 170  C CB  . TYR A 1 20  ? 8.415   16.177  -3.319  1.00 32.75 ? 20  TYR X CB  1 
ATOM 171  C CG  . TYR A 1 20  ? 8.254   16.359  -1.840  1.00 33.71 ? 20  TYR X CG  1 
ATOM 172  C CD1 . TYR A 1 20  ? 7.906   15.281  -1.027  1.00 34.82 ? 20  TYR X CD1 1 
ATOM 173  C CD2 . TYR A 1 20  ? 8.459   17.603  -1.240  1.00 34.60 ? 20  TYR X CD2 1 
ATOM 174  C CE1 . TYR A 1 20  ? 7.754   15.441  0.334   1.00 35.01 ? 20  TYR X CE1 1 
ATOM 175  C CE2 . TYR A 1 20  ? 8.313   17.774  0.122   1.00 34.45 ? 20  TYR X CE2 1 
ATOM 176  C CZ  . TYR A 1 20  ? 7.962   16.689  0.901   1.00 36.78 ? 20  TYR X CZ  1 
ATOM 177  O OH  . TYR A 1 20  ? 7.811   16.839  2.258   1.00 38.49 ? 20  TYR X OH  1 
ATOM 178  N N   . ILE A 1 21  ? 6.304   14.055  -4.000  1.00 32.95 ? 21  ILE X N   1 
ATOM 179  C CA  . ILE A 1 21  ? 5.470   12.981  -3.522  1.00 32.50 ? 21  ILE X CA  1 
ATOM 180  C C   . ILE A 1 21  ? 6.204   12.251  -2.410  1.00 32.84 ? 21  ILE X C   1 
ATOM 181  O O   . ILE A 1 21  ? 7.261   11.675  -2.635  1.00 32.94 ? 21  ILE X O   1 
ATOM 182  C CB  . ILE A 1 21  ? 5.141   12.029  -4.647  1.00 31.78 ? 21  ILE X CB  1 
ATOM 183  C CG1 . ILE A 1 21  ? 4.673   12.826  -5.868  1.00 30.95 ? 21  ILE X CG1 1 
ATOM 184  C CG2 . ILE A 1 21  ? 4.120   10.975  -4.180  1.00 32.13 ? 21  ILE X CG2 1 
ATOM 185  C CD1 . ILE A 1 21  ? 3.536   13.812  -5.597  1.00 28.60 ? 21  ILE X CD1 1 
ATOM 186  N N   . LYS A 1 22  ? 5.649   12.307  -1.204  1.00 33.07 ? 22  LYS X N   1 
ATOM 187  C CA  . LYS A 1 22  ? 6.168   11.534  -0.098  1.00 33.49 ? 22  LYS X CA  1 
ATOM 188  C C   . LYS A 1 22  ? 5.673   10.097  -0.241  1.00 32.92 ? 22  LYS X C   1 
ATOM 189  O O   . LYS A 1 22  ? 4.488   9.808   -0.040  1.00 33.35 ? 22  LYS X O   1 
ATOM 190  C CB  . LYS A 1 22  ? 5.694   12.126  1.225   1.00 33.61 ? 22  LYS X CB  1 
ATOM 191  C CG  . LYS A 1 22  ? 6.201   11.363  2.448   1.00 36.15 ? 22  LYS X CG  1 
ATOM 192  C CD  . LYS A 1 22  ? 5.658   11.975  3.752   1.00 38.56 ? 22  LYS X CD  1 
ATOM 193  C CE  . LYS A 1 22  ? 4.182   11.597  3.928   1.00 41.67 ? 22  LYS X CE  1 
ATOM 194  N NZ  . LYS A 1 22  ? 3.574   12.078  5.210   1.00 44.18 ? 22  LYS X NZ  1 
ATOM 195  N N   . ILE A 1 23  ? 6.577   9.193   -0.592  1.00 32.38 ? 23  ILE X N   1 
ATOM 196  C CA  . ILE A 1 23  ? 6.187   7.846   -0.952  1.00 32.02 ? 23  ILE X CA  1 
ATOM 197  C C   . ILE A 1 23  ? 6.881   6.806   -0.079  1.00 32.52 ? 23  ILE X C   1 
ATOM 198  O O   . ILE A 1 23  ? 8.047   6.974   0.271   1.00 33.21 ? 23  ILE X O   1 
ATOM 199  C CB  . ILE A 1 23  ? 6.513   7.584   -2.427  1.00 31.87 ? 23  ILE X CB  1 
ATOM 200  C CG1 . ILE A 1 23  ? 5.837   6.305   -2.912  1.00 29.89 ? 23  ILE X CG1 1 
ATOM 201  C CG2 . ILE A 1 23  ? 8.017   7.517   -2.631  1.00 31.45 ? 23  ILE X CG2 1 
ATOM 202  C CD1 . ILE A 1 23  ? 5.793   6.167   -4.408  1.00 27.27 ? 23  ILE X CD1 1 
ATOM 203  N N   . SER A 1 24  ? 6.171   5.727   0.257   1.00 32.49 ? 24  SER X N   1 
ATOM 204  C CA  . SER A 1 24  ? 6.726   4.661   1.103   1.00 32.39 ? 24  SER X CA  1 
ATOM 205  C C   . SER A 1 24  ? 7.612   3.717   0.297   1.00 31.98 ? 24  SER X C   1 
ATOM 206  O O   . SER A 1 24  ? 7.578   3.711   -0.939  1.00 32.65 ? 24  SER X O   1 
ATOM 207  C CB  . SER A 1 24  ? 5.604   3.868   1.785   1.00 32.18 ? 24  SER X CB  1 
ATOM 208  O OG  . SER A 1 24  ? 4.926   3.047   0.835   1.00 33.24 ? 24  SER X OG  1 
ATOM 209  N N   . GLU A 1 25  ? 8.400   2.910   0.990   1.00 31.25 ? 25  GLU X N   1 
ATOM 210  C CA  . GLU A 1 25  ? 9.324   2.009   0.306   1.00 31.15 ? 25  GLU X CA  1 
ATOM 211  C C   . GLU A 1 25  ? 8.640   0.949   -0.572  1.00 30.79 ? 25  GLU X C   1 
ATOM 212  O O   . GLU A 1 25  ? 9.090   0.683   -1.696  1.00 30.66 ? 25  GLU X O   1 
ATOM 213  C CB  . GLU A 1 25  ? 10.248  1.328   1.314   1.00 31.27 ? 25  GLU X CB  1 
ATOM 214  C CG  . GLU A 1 25  ? 11.305  2.248   1.907   1.00 33.74 ? 25  GLU X CG  1 
ATOM 215  C CD  . GLU A 1 25  ? 10.746  3.156   2.990   1.00 36.27 ? 25  GLU X CD  1 
ATOM 216  O OE1 . GLU A 1 25  ? 11.382  4.185   3.311   1.00 38.59 ? 25  GLU X OE1 1 
ATOM 217  O OE2 . GLU A 1 25  ? 9.662   2.836   3.518   1.00 37.96 ? 25  GLU X OE2 1 
ATOM 218  N N   . PRO A 1 26  ? 7.556   0.327   -0.061  1.00 29.96 ? 26  PRO X N   1 
ATOM 219  C CA  . PRO A 1 26  ? 6.900   -0.711  -0.873  1.00 30.15 ? 26  PRO X CA  1 
ATOM 220  C C   . PRO A 1 26  ? 6.181   -0.115  -2.067  1.00 29.91 ? 26  PRO X C   1 
ATOM 221  O O   . PRO A 1 26  ? 6.148   -0.719  -3.148  1.00 30.45 ? 26  PRO X O   1 
ATOM 222  C CB  . PRO A 1 26  ? 5.899   -1.376  0.107   1.00 29.84 ? 26  PRO X CB  1 
ATOM 223  C CG  . PRO A 1 26  ? 5.794   -0.429  1.280   1.00 30.19 ? 26  PRO X CG  1 
ATOM 224  C CD  . PRO A 1 26  ? 7.093   0.332   1.338   1.00 29.63 ? 26  PRO X CD  1 
ATOM 225  N N   . GLU A 1 27  ? 5.617   1.072   -1.896  1.00 29.28 ? 27  GLU X N   1 
ATOM 226  C CA  . GLU A 1 27  ? 5.029   1.726   -3.039  1.00 29.02 ? 27  GLU X CA  1 
ATOM 227  C C   . GLU A 1 27  ? 6.141   2.092   -4.026  1.00 29.01 ? 27  GLU X C   1 
ATOM 228  O O   . GLU A 1 27  ? 6.012   1.874   -5.234  1.00 28.82 ? 27  GLU X O   1 
ATOM 229  C CB  . GLU A 1 27  ? 4.292   2.981   -2.621  1.00 28.69 ? 27  GLU X CB  1 
ATOM 230  C CG  . GLU A 1 27  ? 2.935   2.774   -1.979  1.00 28.21 ? 27  GLU X CG  1 
ATOM 231  C CD  . GLU A 1 27  ? 2.514   4.037   -1.248  1.00 28.70 ? 27  GLU X CD  1 
ATOM 232  O OE1 . GLU A 1 27  ? 3.387   4.614   -0.577  1.00 29.72 ? 27  GLU X OE1 1 
ATOM 233  O OE2 . GLU A 1 27  ? 1.350   4.474   -1.357  1.00 28.23 ? 27  GLU X OE2 1 
ATOM 234  N N   . LEU A 1 28  ? 7.223   2.666   -3.514  1.00 29.14 ? 28  LEU X N   1 
ATOM 235  C CA  . LEU A 1 28  ? 8.322   3.103   -4.377  1.00 29.16 ? 28  LEU X CA  1 
ATOM 236  C C   . LEU A 1 28  ? 8.913   1.902   -5.100  1.00 29.66 ? 28  LEU X C   1 
ATOM 237  O O   . LEU A 1 28  ? 9.255   1.977   -6.281  1.00 30.03 ? 28  LEU X O   1 
ATOM 238  C CB  . LEU A 1 28  ? 9.409   3.811   -3.563  1.00 29.21 ? 28  LEU X CB  1 
ATOM 239  C CG  . LEU A 1 28  ? 10.655  4.255   -4.347  1.00 30.18 ? 28  LEU X CG  1 
ATOM 240  C CD1 . LEU A 1 28  ? 10.308  5.285   -5.423  1.00 28.98 ? 28  LEU X CD1 1 
ATOM 241  C CD2 . LEU A 1 28  ? 11.747  4.804   -3.410  1.00 31.65 ? 28  LEU X CD2 1 
ATOM 242  N N   . LEU A 1 29  ? 9.025   0.781   -4.391  1.00 30.04 ? 29  LEU X N   1 
ATOM 243  C CA  . LEU A 1 29  ? 9.566   -0.430  -4.996  1.00 30.62 ? 29  LEU X CA  1 
ATOM 244  C C   . LEU A 1 29  ? 8.747   -0.810  -6.226  1.00 30.53 ? 29  LEU X C   1 
ATOM 245  O O   . LEU A 1 29  ? 9.289   -1.133  -7.282  1.00 30.51 ? 29  LEU X O   1 
ATOM 246  C CB  . LEU A 1 29  ? 9.628   -1.572  -3.977  1.00 30.49 ? 29  LEU X CB  1 
ATOM 247  C CG  . LEU A 1 29  ? 9.557   -2.969  -4.586  1.00 32.40 ? 29  LEU X CG  1 
ATOM 248  C CD1 . LEU A 1 29  ? 10.046  -2.937  -6.030  1.00 35.12 ? 29  LEU X CD1 1 
ATOM 249  C CD2 . LEU A 1 29  ? 10.354  -3.968  -3.752  1.00 32.23 ? 29  LEU X CD2 1 
ATOM 250  N N   . PHE A 1 30  ? 7.431   -0.745  -6.096  1.00 30.79 ? 30  PHE X N   1 
ATOM 251  C CA  . PHE A 1 30  ? 6.566   -0.950  -7.242  1.00 31.04 ? 30  PHE X CA  1 
ATOM 252  C C   . PHE A 1 30  ? 6.834   0.043   -8.374  1.00 31.83 ? 30  PHE X C   1 
ATOM 253  O O   . PHE A 1 30  ? 6.819   -0.326  -9.545  1.00 31.74 ? 30  PHE X O   1 
ATOM 254  C CB  . PHE A 1 30  ? 5.100   -0.822  -6.844  1.00 30.67 ? 30  PHE X CB  1 
ATOM 255  C CG  . PHE A 1 30  ? 4.157   -0.960  -8.003  1.00 29.76 ? 30  PHE X CG  1 
ATOM 256  C CD1 . PHE A 1 30  ? 3.783   -2.207  -8.459  1.00 29.68 ? 30  PHE X CD1 1 
ATOM 257  C CD2 . PHE A 1 30  ? 3.653   0.154   -8.633  1.00 29.24 ? 30  PHE X CD2 1 
ATOM 258  C CE1 . PHE A 1 30  ? 2.916   -2.340  -9.518  1.00 29.28 ? 30  PHE X CE1 1 
ATOM 259  C CE2 . PHE A 1 30  ? 2.784   0.032   -9.696  1.00 29.62 ? 30  PHE X CE2 1 
ATOM 260  C CZ  . PHE A 1 30  ? 2.409   -1.217  -10.133 1.00 29.48 ? 30  PHE X CZ  1 
ATOM 261  N N   . VAL A 1 31  ? 7.017   1.315   -8.038  1.00 32.87 ? 31  VAL X N   1 
ATOM 262  C CA  . VAL A 1 31  ? 7.192   2.306   -9.100  1.00 33.96 ? 31  VAL X CA  1 
ATOM 263  C C   . VAL A 1 31  ? 8.443   1.964   -9.880  1.00 34.77 ? 31  VAL X C   1 
ATOM 264  O O   . VAL A 1 31  ? 8.439   1.977   -11.109 1.00 34.93 ? 31  VAL X O   1 
ATOM 265  C CB  . VAL A 1 31  ? 7.236   3.751   -8.566  1.00 34.05 ? 31  VAL X CB  1 
ATOM 266  C CG1 . VAL A 1 31  ? 7.686   4.724   -9.661  1.00 34.06 ? 31  VAL X CG1 1 
ATOM 267  C CG2 . VAL A 1 31  ? 5.866   4.140   -8.025  1.00 33.00 ? 31  VAL X CG2 1 
ATOM 268  N N   . LEU A 1 32  ? 9.500   1.612   -9.157  1.00 36.07 ? 32  LEU X N   1 
ATOM 269  C CA  . LEU A 1 32  ? 10.772  1.280   -9.780  1.00 37.69 ? 32  LEU X CA  1 
ATOM 270  C C   . LEU A 1 32  ? 10.651  0.159   -10.802 1.00 38.90 ? 32  LEU X C   1 
ATOM 271  O O   . LEU A 1 32  ? 11.173  0.251   -11.916 1.00 39.05 ? 32  LEU X O   1 
ATOM 272  C CB  . LEU A 1 32  ? 11.801  0.899   -8.716  1.00 37.63 ? 32  LEU X CB  1 
ATOM 273  C CG  . LEU A 1 32  ? 12.218  2.034   -7.773  1.00 37.56 ? 32  LEU X CG  1 
ATOM 274  C CD1 . LEU A 1 32  ? 13.445  1.634   -6.954  1.00 38.20 ? 32  LEU X CD1 1 
ATOM 275  C CD2 . LEU A 1 32  ? 12.485  3.298   -8.559  1.00 37.09 ? 32  LEU X CD2 1 
ATOM 276  N N   . ARG A 1 33  ? 9.964   -0.909  -10.427 1.00 40.15 ? 33  ARG X N   1 
ATOM 277  C CA  . ARG A 1 33  ? 9.904   -2.081  -11.285 1.00 41.34 ? 33  ARG X CA  1 
ATOM 278  C C   . ARG A 1 33  ? 8.923   -1.902  -12.442 1.00 42.28 ? 33  ARG X C   1 
ATOM 279  O O   . ARG A 1 33  ? 8.957   -2.654  -13.411 1.00 42.33 ? 33  ARG X O   1 
ATOM 280  C CB  . ARG A 1 33  ? 9.602   -3.314  -10.440 1.00 41.36 ? 33  ARG X CB  1 
ATOM 281  C CG  . ARG A 1 33  ? 10.311  -3.227  -9.105  1.00 42.09 ? 33  ARG X CG  1 
ATOM 282  C CD  . ARG A 1 33  ? 10.264  -4.527  -8.361  1.00 44.04 ? 33  ARG X CD  1 
ATOM 283  N NE  . ARG A 1 33  ? 11.064  -5.530  -9.046  1.00 45.99 ? 33  ARG X NE  1 
ATOM 284  C CZ  . ARG A 1 33  ? 10.561  -6.468  -9.836  1.00 44.99 ? 33  ARG X CZ  1 
ATOM 285  N NH1 . ARG A 1 33  ? 9.246   -6.548  -10.030 1.00 44.55 ? 33  ARG X NH1 1 
ATOM 286  N NH2 . ARG A 1 33  ? 11.376  -7.330  -10.414 1.00 42.54 ? 33  ARG X NH2 1 
ATOM 287  N N   . ASN A 1 34  ? 8.073   -0.883  -12.371 1.00 43.45 ? 34  ASN X N   1 
ATOM 288  C CA  . ASN A 1 34  ? 7.140   -0.640  -13.465 1.00 44.66 ? 34  ASN X CA  1 
ATOM 289  C C   . ASN A 1 34  ? 7.439   0.598   -14.298 1.00 45.80 ? 34  ASN X C   1 
ATOM 290  O O   . ASN A 1 34  ? 6.948   0.737   -15.418 1.00 45.52 ? 34  ASN X O   1 
ATOM 291  C CB  . ASN A 1 34  ? 5.704   -0.609  -12.954 1.00 44.69 ? 34  ASN X CB  1 
ATOM 292  C CG  . ASN A 1 34  ? 5.269   -1.943  -12.416 1.00 44.39 ? 34  ASN X CG  1 
ATOM 293  O OD1 . ASN A 1 34  ? 4.571   -2.694  -13.091 1.00 44.44 ? 34  ASN X OD1 1 
ATOM 294  N ND2 . ASN A 1 34  ? 5.711   -2.267  -11.206 1.00 44.62 ? 34  ASN X ND2 1 
ATOM 295  N N   . LYS A 1 35  ? 8.229   1.507   -13.744 1.00 47.27 ? 35  LYS X N   1 
ATOM 296  C CA  . LYS A 1 35  ? 8.702   2.647   -14.514 1.00 48.77 ? 35  LYS X CA  1 
ATOM 297  C C   . LYS A 1 35  ? 10.233  2.654   -14.517 1.00 49.83 ? 35  LYS X C   1 
ATOM 298  O O   . LYS A 1 35  ? 10.863  3.323   -13.697 1.00 49.64 ? 35  LYS X O   1 
ATOM 299  C CB  . LYS A 1 35  ? 8.119   3.959   -13.984 1.00 48.53 ? 35  LYS X CB  1 
ATOM 300  C CG  . LYS A 1 35  ? 6.723   4.264   -14.520 1.00 49.11 ? 35  LYS X CG  1 
ATOM 301  C CD  . LYS A 1 35  ? 6.410   5.770   -14.478 1.00 50.09 ? 35  LYS X CD  1 
ATOM 302  C CE  . LYS A 1 35  ? 5.266   6.144   -15.421 1.00 49.99 ? 35  LYS X CE  1 
ATOM 303  N NZ  . LYS A 1 35  ? 4.192   5.103   -15.425 1.00 50.00 ? 35  LYS X NZ  1 
ATOM 304  N N   . PRO A 1 36  ? 10.833  1.888   -15.442 1.00 51.00 ? 36  PRO X N   1 
ATOM 305  C CA  . PRO A 1 36  ? 12.285  1.717   -15.517 1.00 52.00 ? 36  PRO X CA  1 
ATOM 306  C C   . PRO A 1 36  ? 12.986  3.034   -15.826 1.00 52.74 ? 36  PRO X C   1 
ATOM 307  O O   . PRO A 1 36  ? 14.095  3.263   -15.352 1.00 52.82 ? 36  PRO X O   1 
ATOM 308  C CB  . PRO A 1 36  ? 12.464  0.742   -16.686 1.00 51.89 ? 36  PRO X CB  1 
ATOM 309  C CG  . PRO A 1 36  ? 11.267  0.982   -17.554 1.00 51.36 ? 36  PRO X CG  1 
ATOM 310  C CD  . PRO A 1 36  ? 10.143  1.266   -16.588 1.00 51.12 ? 36  PRO X CD  1 
ATOM 311  N N   . GLN A 1 37  ? 12.333  3.887   -16.611 1.00 53.82 ? 37  GLN X N   1 
ATOM 312  C CA  . GLN A 1 37  ? 12.909  5.175   -17.009 1.00 54.93 ? 37  GLN X CA  1 
ATOM 313  C C   . GLN A 1 37  ? 12.966  6.109   -15.808 1.00 55.26 ? 37  GLN X C   1 
ATOM 314  O O   . GLN A 1 37  ? 13.835  6.980   -15.712 1.00 55.15 ? 37  GLN X O   1 
ATOM 315  C CB  . GLN A 1 37  ? 12.090  5.817   -18.137 1.00 55.19 ? 37  GLN X CB  1 
ATOM 316  C CG  . GLN A 1 37  ? 11.331  4.812   -19.012 1.00 56.98 ? 37  GLN X CG  1 
ATOM 317  C CD  . GLN A 1 37  ? 10.166  4.147   -18.273 1.00 58.54 ? 37  GLN X CD  1 
ATOM 318  O OE1 . GLN A 1 37  ? 9.472   4.787   -17.475 1.00 58.59 ? 37  GLN X OE1 1 
ATOM 319  N NE2 . GLN A 1 37  ? 9.948   2.857   -18.542 1.00 59.39 ? 37  GLN X NE2 1 
ATOM 320  N N   . ILE A 1 38  ? 12.024  5.921   -14.891 1.00 55.77 ? 38  ILE X N   1 
ATOM 321  C CA  . ILE A 1 38  ? 12.045  6.661   -13.646 1.00 56.33 ? 38  ILE X CA  1 
ATOM 322  C C   . ILE A 1 38  ? 13.097  6.080   -12.703 1.00 56.75 ? 38  ILE X C   1 
ATOM 323  O O   . ILE A 1 38  ? 13.612  6.779   -11.830 1.00 56.81 ? 38  ILE X O   1 
ATOM 324  C CB  . ILE A 1 38  ? 10.653  6.685   -12.969 1.00 56.53 ? 38  ILE X CB  1 
ATOM 325  C CG1 . ILE A 1 38  ? 9.729   7.663   -13.707 1.00 56.40 ? 38  ILE X CG1 1 
ATOM 326  C CG2 . ILE A 1 38  ? 10.780  7.056   -11.488 1.00 55.92 ? 38  ILE X CG2 1 
ATOM 327  C CD1 . ILE A 1 38  ? 8.314   7.697   -13.177 1.00 56.67 ? 38  ILE X CD1 1 
ATOM 328  N N   . LYS A 1 39  ? 13.425  4.803   -12.882 1.00 57.41 ? 39  LYS X N   1 
ATOM 329  C CA  . LYS A 1 39  ? 14.418  4.186   -12.013 1.00 57.99 ? 39  LYS X CA  1 
ATOM 330  C C   . LYS A 1 39  ? 15.754  4.890   -12.181 1.00 58.51 ? 39  LYS X C   1 
ATOM 331  O O   . LYS A 1 39  ? 16.569  4.914   -11.261 1.00 58.60 ? 39  LYS X O   1 
ATOM 332  C CB  . LYS A 1 39  ? 14.559  2.679   -12.253 1.00 57.76 ? 39  LYS X CB  1 
ATOM 333  C CG  . LYS A 1 39  ? 15.775  2.095   -11.533 1.00 57.63 ? 39  LYS X CG  1 
ATOM 334  C CD  . LYS A 1 39  ? 15.517  0.742   -10.879 1.00 57.19 ? 39  LYS X CD  1 
ATOM 335  C CE  . LYS A 1 39  ? 16.096  -0.415  -11.677 1.00 56.82 ? 39  LYS X CE  1 
ATOM 336  N NZ  . LYS A 1 39  ? 16.488  -1.546  -10.779 1.00 56.23 ? 39  LYS X NZ  1 
ATOM 337  N N   . ASP A 1 40  ? 15.962  5.479   -13.354 1.00 59.33 ? 40  ASP X N   1 
ATOM 338  C CA  . ASP A 1 40  ? 17.199  6.197   -13.650 1.00 59.97 ? 40  ASP X CA  1 
ATOM 339  C C   . ASP A 1 40  ? 17.067  7.675   -13.351 1.00 60.18 ? 40  ASP X C   1 
ATOM 340  O O   . ASP A 1 40  ? 17.939  8.267   -12.714 1.00 60.28 ? 40  ASP X O   1 
ATOM 341  C CB  . ASP A 1 40  ? 17.592  6.018   -15.111 1.00 60.21 ? 40  ASP X CB  1 
ATOM 342  C CG  . ASP A 1 40  ? 17.983  4.596   -15.435 1.00 61.24 ? 40  ASP X CG  1 
ATOM 343  O OD1 . ASP A 1 40  ? 18.227  3.809   -14.495 1.00 62.13 ? 40  ASP X OD1 1 
ATOM 344  O OD2 . ASP A 1 40  ? 18.052  4.266   -16.638 1.00 62.50 ? 40  ASP X OD2 1 
ATOM 345  N N   . ARG A 1 41  ? 15.987  8.283   -13.828 1.00 60.38 ? 41  ARG X N   1 
ATOM 346  C CA  . ARG A 1 41  ? 15.740  9.673   -13.504 1.00 60.68 ? 41  ARG X CA  1 
ATOM 347  C C   . ARG A 1 41  ? 15.754  9.827   -11.985 1.00 60.68 ? 41  ARG X C   1 
ATOM 348  O O   . ARG A 1 41  ? 15.489  10.905  -11.451 1.00 60.97 ? 41  ARG X O   1 
ATOM 349  C CB  . ARG A 1 41  ? 14.451  10.174  -14.157 1.00 60.82 ? 41  ARG X CB  1 
ATOM 350  C CG  . ARG A 1 41  ? 14.356  11.697  -14.261 1.00 61.85 ? 41  ARG X CG  1 
ATOM 351  C CD  . ARG A 1 41  ? 12.916  12.186  -14.155 1.00 62.93 ? 41  ARG X CD  1 
ATOM 352  N NE  . ARG A 1 41  ? 11.962  11.207  -14.676 1.00 64.35 ? 41  ARG X NE  1 
ATOM 353  C CZ  . ARG A 1 41  ? 11.915  10.813  -15.946 1.00 65.06 ? 41  ARG X CZ  1 
ATOM 354  N NH1 . ARG A 1 41  ? 12.774  11.307  -16.831 1.00 65.42 ? 41  ARG X NH1 1 
ATOM 355  N NH2 . ARG A 1 41  ? 11.013  9.918   -16.331 1.00 64.61 ? 41  ARG X NH2 1 
ATOM 356  N N   . LEU A 1 42  ? 16.045  8.723   -11.298 1.00 60.42 ? 42  LEU X N   1 
ATOM 357  C CA  . LEU A 1 42  ? 16.221  8.709   -9.844  1.00 60.13 ? 42  LEU X CA  1 
ATOM 358  C C   . LEU A 1 42  ? 17.475  7.931   -9.414  1.00 60.03 ? 42  LEU X C   1 
ATOM 359  O O   . LEU A 1 42  ? 18.037  8.157   -8.341  1.00 59.86 ? 42  LEU X O   1 
ATOM 360  C CB  . LEU A 1 42  ? 14.949  8.124   -9.221  1.00 60.04 ? 42  LEU X CB  1 
ATOM 361  C CG  . LEU A 1 42  ? 13.932  9.129   -8.665  1.00 59.47 ? 42  LEU X CG  1 
ATOM 362  C CD1 . LEU A 1 42  ? 13.597  10.195  -9.686  1.00 58.70 ? 42  LEU X CD1 1 
ATOM 363  C CD2 . LEU A 1 42  ? 12.677  8.408   -8.201  1.00 58.57 ? 42  LEU X CD2 1 
ATOM 364  N N   . LYS A 1 43  ? 17.893  7.002   -10.266 1.00 59.92 ? 43  LYS X N   1 
ATOM 365  C CA  . LYS A 1 43  ? 19.137  6.256   -10.090 1.00 59.83 ? 43  LYS X CA  1 
ATOM 366  C C   . LYS A 1 43  ? 19.306  5.583   -8.732  1.00 59.74 ? 43  LYS X C   1 
ATOM 367  O O   . LYS A 1 43  ? 20.417  5.484   -8.212  1.00 59.71 ? 43  LYS X O   1 
ATOM 368  C CB  . LYS A 1 43  ? 20.349  7.128   -10.426 1.00 59.87 ? 43  LYS X CB  1 
ATOM 369  C CG  . LYS A 1 43  ? 20.866  6.890   -11.835 1.00 60.12 ? 43  LYS X CG  1 
ATOM 370  C CD  . LYS A 1 43  ? 21.140  8.190   -12.570 1.00 60.13 ? 43  LYS X CD  1 
ATOM 371  C CE  . LYS A 1 43  ? 21.267  7.932   -14.062 1.00 59.80 ? 43  LYS X CE  1 
ATOM 372  N NZ  . LYS A 1 43  ? 20.538  8.957   -14.848 1.00 59.34 ? 43  LYS X NZ  1 
ATOM 373  N N   . LEU A 1 44  ? 18.203  5.106   -8.165  1.00 59.58 ? 44  LEU X N   1 
ATOM 374  C CA  . LEU A 1 44  ? 18.283  4.283   -6.968  1.00 59.26 ? 44  LEU X CA  1 
ATOM 375  C C   . LEU A 1 44  ? 17.965  2.824   -7.310  1.00 59.02 ? 44  LEU X C   1 
ATOM 376  O O   . LEU A 1 44  ? 17.359  2.535   -8.343  1.00 58.93 ? 44  LEU X O   1 
ATOM 377  C CB  . LEU A 1 44  ? 17.392  4.840   -5.854  1.00 59.25 ? 44  LEU X CB  1 
ATOM 378  C CG  . LEU A 1 44  ? 15.904  5.050   -6.133  1.00 59.23 ? 44  LEU X CG  1 
ATOM 379  C CD1 . LEU A 1 44  ? 15.467  6.383   -5.557  1.00 58.32 ? 44  LEU X CD1 1 
ATOM 380  C CD2 . LEU A 1 44  ? 15.615  4.999   -7.618  1.00 59.90 ? 44  LEU X CD2 1 
ATOM 381  N N   . ASP A 1 45  ? 18.413  1.909   -6.458  1.00 58.74 ? 45  ASP X N   1 
ATOM 382  C CA  . ASP A 1 45  ? 18.271  0.483   -6.714  1.00 58.39 ? 45  ASP X CA  1 
ATOM 383  C C   . ASP A 1 45  ? 17.215  -0.141  -5.819  1.00 57.84 ? 45  ASP X C   1 
ATOM 384  O O   . ASP A 1 45  ? 17.079  0.232   -4.652  1.00 57.58 ? 45  ASP X O   1 
ATOM 385  C CB  . ASP A 1 45  ? 19.605  -0.225  -6.497  1.00 58.55 ? 45  ASP X CB  1 
ATOM 386  C CG  . ASP A 1 45  ? 20.680  0.281   -7.424  1.00 59.68 ? 45  ASP X CG  1 
ATOM 387  O OD1 . ASP A 1 45  ? 20.540  0.090   -8.650  1.00 60.94 ? 45  ASP X OD1 1 
ATOM 388  O OD2 . ASP A 1 45  ? 21.663  0.876   -6.932  1.00 60.56 ? 45  ASP X OD2 1 
ATOM 389  N N   . GLU A 1 46  ? 16.472  -1.099  -6.367  1.00 57.33 ? 46  GLU X N   1 
ATOM 390  C CA  . GLU A 1 46  ? 15.466  -1.808  -5.585  1.00 56.76 ? 46  GLU X CA  1 
ATOM 391  C C   . GLU A 1 46  ? 16.087  -2.835  -4.657  1.00 56.13 ? 46  GLU X C   1 
ATOM 392  O O   . GLU A 1 46  ? 15.385  -3.534  -3.929  1.00 56.49 ? 46  GLU X O   1 
ATOM 393  C CB  . GLU A 1 46  ? 14.420  -2.460  -6.476  1.00 57.06 ? 46  GLU X CB  1 
ATOM 394  C CG  . GLU A 1 46  ? 14.948  -3.118  -7.713  1.00 57.40 ? 46  GLU X CG  1 
ATOM 395  C CD  . GLU A 1 46  ? 13.948  -3.002  -8.837  1.00 58.62 ? 46  GLU X CD  1 
ATOM 396  O OE1 . GLU A 1 46  ? 13.478  -1.866  -9.068  1.00 58.83 ? 46  GLU X OE1 1 
ATOM 397  O OE2 . GLU A 1 46  ? 13.615  -4.032  -9.467  1.00 58.63 ? 46  GLU X OE2 1 
ATOM 398  N N   . LYS A 1 47  ? 17.407  -2.929  -4.690  1.00 55.23 ? 47  LYS X N   1 
ATOM 399  C CA  . LYS A 1 47  ? 18.126  -3.650  -3.660  1.00 54.18 ? 47  LYS X CA  1 
ATOM 400  C C   . LYS A 1 47  ? 18.116  -2.788  -2.394  1.00 53.37 ? 47  LYS X C   1 
ATOM 401  O O   . LYS A 1 47  ? 17.795  -3.262  -1.309  1.00 53.27 ? 47  LYS X O   1 
ATOM 402  C CB  . LYS A 1 47  ? 19.552  -3.981  -4.134  1.00 54.25 ? 47  LYS X CB  1 
ATOM 403  C CG  . LYS A 1 47  ? 19.964  -3.262  -5.441  1.00 54.09 ? 47  LYS X CG  1 
ATOM 404  C CD  . LYS A 1 47  ? 19.199  -3.807  -6.662  1.00 53.65 ? 47  LYS X CD  1 
ATOM 405  C CE  . LYS A 1 47  ? 19.284  -2.869  -7.868  1.00 53.61 ? 47  LYS X CE  1 
ATOM 406  N NZ  . LYS A 1 47  ? 18.493  -3.364  -9.038  1.00 51.95 ? 47  LYS X NZ  1 
ATOM 407  N N   . THR A 1 48  ? 18.411  -1.504  -2.552  1.00 52.40 ? 48  THR X N   1 
ATOM 408  C CA  . THR A 1 48  ? 18.514  -0.600  -1.416  1.00 51.70 ? 48  THR X CA  1 
ATOM 409  C C   . THR A 1 48  ? 17.167  -0.253  -0.806  1.00 51.10 ? 48  THR X C   1 
ATOM 410  O O   . THR A 1 48  ? 17.045  -0.149  0.410   1.00 51.29 ? 48  THR X O   1 
ATOM 411  C CB  . THR A 1 48  ? 19.180  0.719   -1.819  1.00 51.81 ? 48  THR X CB  1 
ATOM 412  O OG1 . THR A 1 48  ? 20.331  0.442   -2.624  1.00 52.36 ? 48  THR X OG1 1 
ATOM 413  C CG2 . THR A 1 48  ? 19.597  1.501   -0.581  1.00 51.84 ? 48  THR X CG2 1 
ATOM 414  N N   . ILE A 1 49  ? 16.162  -0.045  -1.650  1.00 50.26 ? 49  ILE X N   1 
ATOM 415  C CA  . ILE A 1 49  ? 14.832  0.322   -1.171  1.00 49.33 ? 49  ILE X CA  1 
ATOM 416  C C   . ILE A 1 49  ? 14.134  -0.874  -0.501  1.00 48.56 ? 49  ILE X C   1 
ATOM 417  O O   . ILE A 1 49  ? 13.542  -0.735  0.573   1.00 48.12 ? 49  ILE X O   1 
ATOM 418  C CB  . ILE A 1 49  ? 13.982  0.962   -2.291  1.00 49.31 ? 49  ILE X CB  1 
ATOM 419  C CG1 . ILE A 1 49  ? 12.504  0.919   -1.943  1.00 49.45 ? 49  ILE X CG1 1 
ATOM 420  C CG2 . ILE A 1 49  ? 14.205  0.263   -3.613  1.00 49.25 ? 49  ILE X CG2 1 
ATOM 421  C CD1 . ILE A 1 49  ? 11.625  1.421   -3.074  1.00 50.27 ? 49  ILE X CD1 1 
ATOM 422  N N   . ILE A 1 50  ? 14.226  -2.042  -1.133  1.00 47.98 ? 50  ILE X N   1 
ATOM 423  C CA  . ILE A 1 50  ? 13.812  -3.310  -0.514  1.00 47.37 ? 50  ILE X CA  1 
ATOM 424  C C   . ILE A 1 50  ? 14.481  -3.451  0.851   1.00 47.23 ? 50  ILE X C   1 
ATOM 425  O O   . ILE A 1 50  ? 13.842  -3.745  1.854   1.00 47.03 ? 50  ILE X O   1 
ATOM 426  C CB  . ILE A 1 50  ? 14.251  -4.519  -1.372  1.00 47.14 ? 50  ILE X CB  1 
ATOM 427  C CG1 . ILE A 1 50  ? 13.503  -4.553  -2.700  1.00 47.13 ? 50  ILE X CG1 1 
ATOM 428  C CG2 . ILE A 1 50  ? 14.037  -5.831  -0.618  1.00 47.40 ? 50  ILE X CG2 1 
ATOM 429  C CD1 . ILE A 1 50  ? 13.787  -5.800  -3.514  1.00 47.22 ? 50  ILE X CD1 1 
ATOM 430  N N   . LYS A 1 51  ? 15.790  -3.233  0.863   1.00 47.40 ? 51  LYS X N   1 
ATOM 431  C CA  . LYS A 1 51  ? 16.609  -3.361  2.064   1.00 47.65 ? 51  LYS X CA  1 
ATOM 432  C C   . LYS A 1 51  ? 16.085  -2.514  3.230   1.00 47.26 ? 51  LYS X C   1 
ATOM 433  O O   . LYS A 1 51  ? 16.062  -2.959  4.373   1.00 47.40 ? 51  LYS X O   1 
ATOM 434  C CB  . LYS A 1 51  ? 18.044  -2.967  1.723   1.00 47.72 ? 51  LYS X CB  1 
ATOM 435  C CG  . LYS A 1 51  ? 19.095  -3.525  2.648   1.00 48.98 ? 51  LYS X CG  1 
ATOM 436  C CD  . LYS A 1 51  ? 20.468  -3.374  2.008   1.00 50.52 ? 51  LYS X CD  1 
ATOM 437  C CE  . LYS A 1 51  ? 21.536  -3.296  3.066   1.00 52.37 ? 51  LYS X CE  1 
ATOM 438  N NZ  . LYS A 1 51  ? 21.081  -2.381  4.147   1.00 53.78 ? 51  LYS X NZ  1 
ATOM 439  N N   . GLU A 1 52  ? 15.667  -1.291  2.928   1.00 46.85 ? 52  GLU X N   1 
ATOM 440  C CA  . GLU A 1 52  ? 15.165  -0.374  3.949   1.00 46.46 ? 52  GLU X CA  1 
ATOM 441  C C   . GLU A 1 52  ? 13.681  -0.574  4.234   1.00 46.12 ? 52  GLU X C   1 
ATOM 442  O O   . GLU A 1 52  ? 13.199  -0.253  5.315   1.00 46.45 ? 52  GLU X O   1 
ATOM 443  C CB  . GLU A 1 52  ? 15.442  1.063   3.524   1.00 46.68 ? 52  GLU X CB  1 
ATOM 444  C CG  . GLU A 1 52  ? 15.986  1.149   2.109   1.00 46.74 ? 52  GLU X CG  1 
ATOM 445  C CD  . GLU A 1 52  ? 16.341  2.561   1.695   1.00 47.81 ? 52  GLU X CD  1 
ATOM 446  O OE1 . GLU A 1 52  ? 15.470  3.454   1.814   1.00 46.81 ? 52  GLU X OE1 1 
ATOM 447  O OE2 . GLU A 1 52  ? 17.493  2.773   1.235   1.00 48.01 ? 52  GLU X OE2 1 
ATOM 448  N N   . GLY A 1 53  ? 12.951  -1.109  3.266   1.00 45.57 ? 53  GLY X N   1 
ATOM 449  C CA  . GLY A 1 53  ? 11.541  -1.386  3.481   1.00 44.75 ? 53  GLY X CA  1 
ATOM 450  C C   . GLY A 1 53  ? 11.387  -2.451  4.550   1.00 43.79 ? 53  GLY X C   1 
ATOM 451  O O   . GLY A 1 53  ? 10.625  -2.298  5.501   1.00 43.18 ? 53  GLY X O   1 
ATOM 452  N N   . VAL A 1 54  ? 12.135  -3.532  4.393   1.00 43.62 ? 54  VAL X N   1 
ATOM 453  C CA  . VAL A 1 54  ? 12.071  -4.638  5.338   1.00 43.56 ? 54  VAL X CA  1 
ATOM 454  C C   . VAL A 1 54  ? 12.489  -4.165  6.719   1.00 43.51 ? 54  VAL X C   1 
ATOM 455  O O   . VAL A 1 54  ? 11.937  -4.595  7.721   1.00 43.72 ? 54  VAL X O   1 
ATOM 456  C CB  . VAL A 1 54  ? 12.948  -5.815  4.890   1.00 43.29 ? 54  VAL X CB  1 
ATOM 457  C CG1 . VAL A 1 54  ? 12.402  -6.399  3.592   1.00 42.58 ? 54  VAL X CG1 1 
ATOM 458  C CG2 . VAL A 1 54  ? 14.368  -5.348  4.692   1.00 43.87 ? 54  VAL X CG2 1 
ATOM 459  N N   . LYS A 1 55  ? 13.459  -3.261  6.770   1.00 43.73 ? 55  LYS X N   1 
ATOM 460  C CA  . LYS A 1 55  ? 13.896  -2.726  8.051   1.00 43.77 ? 55  LYS X CA  1 
ATOM 461  C C   . LYS A 1 55  ? 12.762  -1.958  8.719   1.00 43.33 ? 55  LYS X C   1 
ATOM 462  O O   . LYS A 1 55  ? 12.669  -1.897  9.938   1.00 43.17 ? 55  LYS X O   1 
ATOM 463  C CB  . LYS A 1 55  ? 15.134  -1.834  7.879   1.00 43.86 ? 55  LYS X CB  1 
ATOM 464  C CG  . LYS A 1 55  ? 16.364  -2.593  7.391   1.00 45.06 ? 55  LYS X CG  1 
ATOM 465  C CD  . LYS A 1 55  ? 17.645  -2.088  8.057   1.00 46.74 ? 55  LYS X CD  1 
ATOM 466  C CE  . LYS A 1 55  ? 18.757  -3.127  7.942   1.00 47.70 ? 55  LYS X CE  1 
ATOM 467  N NZ  . LYS A 1 55  ? 19.587  -3.232  9.178   1.00 47.84 ? 55  LYS X NZ  1 
ATOM 468  N N   . LYS A 1 56  ? 11.879  -1.389  7.913   1.00 43.02 ? 56  LYS X N   1 
ATOM 469  C CA  . LYS A 1 56  ? 10.879  -0.483  8.453   1.00 42.52 ? 56  LYS X CA  1 
ATOM 470  C C   . LYS A 1 56  ? 9.535   -1.151  8.746   1.00 41.38 ? 56  LYS X C   1 
ATOM 471  O O   . LYS A 1 56  ? 8.871   -0.836  9.734   1.00 41.08 ? 56  LYS X O   1 
ATOM 472  C CB  . LYS A 1 56  ? 10.703  0.728   7.523   1.00 43.27 ? 56  LYS X CB  1 
ATOM 473  C CG  . LYS A 1 56  ? 9.991   1.879   8.206   1.00 45.33 ? 56  LYS X CG  1 
ATOM 474  C CD  . LYS A 1 56  ? 8.973   1.319   9.215   1.00 48.21 ? 56  LYS X CD  1 
ATOM 475  C CE  . LYS A 1 56  ? 8.755   2.283   10.379  1.00 50.72 ? 56  LYS X CE  1 
ATOM 476  N NZ  . LYS A 1 56  ? 8.612   3.685   9.872   1.00 52.61 ? 56  LYS X NZ  1 
ATOM 477  N N   . TYR A 1 57  ? 9.121   -2.068  7.884   1.00 40.07 ? 57  TYR X N   1 
ATOM 478  C CA  . TYR A 1 57  ? 7.826   -2.709  8.064   1.00 38.70 ? 57  TYR X CA  1 
ATOM 479  C C   . TYR A 1 57  ? 7.994   -4.203  8.129   1.00 37.76 ? 57  TYR X C   1 
ATOM 480  O O   . TYR A 1 57  ? 8.546   -4.802  7.220   1.00 37.75 ? 57  TYR X O   1 
ATOM 481  C CB  . TYR A 1 57  ? 6.899   -2.363  6.907   1.00 38.63 ? 57  TYR X CB  1 
ATOM 482  C CG  . TYR A 1 57  ? 6.692   -0.887  6.719   1.00 37.92 ? 57  TYR X CG  1 
ATOM 483  C CD1 . TYR A 1 57  ? 5.788   -0.196  7.504   1.00 37.40 ? 57  TYR X CD1 1 
ATOM 484  C CD2 . TYR A 1 57  ? 7.400   -0.182  5.753   1.00 38.12 ? 57  TYR X CD2 1 
ATOM 485  C CE1 . TYR A 1 57  ? 5.594   1.146   7.342   1.00 37.24 ? 57  TYR X CE1 1 
ATOM 486  C CE2 . TYR A 1 57  ? 7.210   1.165   5.581   1.00 36.85 ? 57  TYR X CE2 1 
ATOM 487  C CZ  . TYR A 1 57  ? 6.304   1.818   6.379   1.00 37.28 ? 57  TYR X CZ  1 
ATOM 488  O OH  . TYR A 1 57  ? 6.089   3.162   6.218   1.00 39.43 ? 57  TYR X OH  1 
ATOM 489  N N   . LYS A 1 58  ? 7.525   -4.807  9.210   1.00 37.33 ? 58  LYS X N   1 
ATOM 490  C CA  . LYS A 1 58  ? 7.572   -6.245  9.307   1.00 37.06 ? 58  LYS X CA  1 
ATOM 491  C C   . LYS A 1 58  ? 6.838   -6.882  8.119   1.00 36.16 ? 58  LYS X C   1 
ATOM 492  O O   . LYS A 1 58  ? 7.216   -7.957  7.655   1.00 36.27 ? 58  LYS X O   1 
ATOM 493  C CB  . LYS A 1 58  ? 6.951   -6.732  10.603  1.00 37.40 ? 58  LYS X CB  1 
ATOM 494  C CG  . LYS A 1 58  ? 6.559   -8.174  10.478  1.00 40.43 ? 58  LYS X CG  1 
ATOM 495  C CD  . LYS A 1 58  ? 6.031   -8.793  11.776  1.00 44.81 ? 58  LYS X CD  1 
ATOM 496  C CE  . LYS A 1 58  ? 5.481   -10.185 11.475  1.00 46.32 ? 58  LYS X CE  1 
ATOM 497  N NZ  . LYS A 1 58  ? 4.602   -10.713 12.558  1.00 49.62 ? 58  LYS X NZ  1 
ATOM 498  N N   . ASN A 1 59  ? 5.809   -6.210  7.604   1.00 34.39 ? 59  ASN X N   1 
ATOM 499  C CA  . ASN A 1 59  ? 5.005   -6.794  6.532   1.00 32.91 ? 59  ASN X CA  1 
ATOM 500  C C   . ASN A 1 59  ? 5.284   -6.140  5.172   1.00 31.80 ? 59  ASN X C   1 
ATOM 501  O O   . ASN A 1 59  ? 4.401   -6.030  4.334   1.00 31.03 ? 59  ASN X O   1 
ATOM 502  C CB  . ASN A 1 59  ? 3.499   -6.799  6.900   1.00 32.88 ? 59  ASN X CB  1 
ATOM 503  C CG  . ASN A 1 59  ? 2.941   -5.388  7.173   1.00 32.40 ? 59  ASN X CG  1 
ATOM 504  O OD1 . ASN A 1 59  ? 3.701   -4.456  7.422   1.00 34.54 ? 59  ASN X OD1 1 
ATOM 505  N ND2 . ASN A 1 59  ? 1.613   -5.237  7.124   1.00 30.17 ? 59  ASN X ND2 1 
ATOM 506  N N   . PHE A 1 60  ? 6.534   -5.726  4.967   1.00 30.60 ? 60  PHE X N   1 
ATOM 507  C CA  . PHE A 1 60  ? 6.947   -5.044  3.747   1.00 29.63 ? 60  PHE X CA  1 
ATOM 508  C C   . PHE A 1 60  ? 6.435   -5.724  2.486   1.00 29.03 ? 60  PHE X C   1 
ATOM 509  O O   . PHE A 1 60  ? 5.773   -5.101  1.665   1.00 28.53 ? 60  PHE X O   1 
ATOM 510  C CB  . PHE A 1 60  ? 8.476   -4.954  3.665   1.00 29.61 ? 60  PHE X CB  1 
ATOM 511  C CG  . PHE A 1 60  ? 8.968   -4.371  2.367   1.00 29.05 ? 60  PHE X CG  1 
ATOM 512  C CD1 . PHE A 1 60  ? 8.976   -2.993  2.170   1.00 29.33 ? 60  PHE X CD1 1 
ATOM 513  C CD2 . PHE A 1 60  ? 9.392   -5.194  1.341   1.00 28.31 ? 60  PHE X CD2 1 
ATOM 514  C CE1 . PHE A 1 60  ? 9.399   -2.449  0.982   1.00 27.15 ? 60  PHE X CE1 1 
ATOM 515  C CE2 . PHE A 1 60  ? 9.830   -4.660  0.141   1.00 28.86 ? 60  PHE X CE2 1 
ATOM 516  C CZ  . PHE A 1 60  ? 9.834   -3.279  -0.038  1.00 28.71 ? 60  PHE X CZ  1 
ATOM 517  N N   . TRP A 1 61  ? 6.769   -7.000  2.327   1.00 28.34 ? 61  TRP X N   1 
ATOM 518  C CA  . TRP A 1 61  ? 6.441   -7.726  1.105   1.00 28.41 ? 61  TRP X CA  1 
ATOM 519  C C   . TRP A 1 61  ? 4.947   -7.815  0.893   1.00 27.56 ? 61  TRP X C   1 
ATOM 520  O O   . TRP A 1 61  ? 4.476   -7.674  -0.227  1.00 27.34 ? 61  TRP X O   1 
ATOM 521  C CB  . TRP A 1 61  ? 7.104   -9.118  1.074   1.00 28.15 ? 61  TRP X CB  1 
ATOM 522  C CG  . TRP A 1 61  ? 8.562   -8.948  0.831   1.00 30.26 ? 61  TRP X CG  1 
ATOM 523  C CD1 . TRP A 1 61  ? 9.581   -9.109  1.737   1.00 30.28 ? 61  TRP X CD1 1 
ATOM 524  C CD2 . TRP A 1 61  ? 9.174   -8.488  -0.384  1.00 30.95 ? 61  TRP X CD2 1 
ATOM 525  N NE1 . TRP A 1 61  ? 10.785  -8.809  1.145   1.00 29.78 ? 61  TRP X NE1 1 
ATOM 526  C CE2 . TRP A 1 61  ? 10.565  -8.427  -0.153  1.00 30.71 ? 61  TRP X CE2 1 
ATOM 527  C CE3 . TRP A 1 61  ? 8.681   -8.149  -1.651  1.00 31.28 ? 61  TRP X CE3 1 
ATOM 528  C CZ2 . TRP A 1 61  ? 11.469  -8.032  -1.139  1.00 31.01 ? 61  TRP X CZ2 1 
ATOM 529  C CZ3 . TRP A 1 61  ? 9.577   -7.761  -2.629  1.00 32.67 ? 61  TRP X CZ3 1 
ATOM 530  C CH2 . TRP A 1 61  ? 10.961  -7.710  -2.368  1.00 32.39 ? 61  TRP X CH2 1 
ATOM 531  N N   . GLU A 1 62  ? 4.217   -8.023  1.979   1.00 26.89 ? 62  GLU X N   1 
ATOM 532  C CA  . GLU A 1 62  ? 2.774   -8.089  1.915   1.00 27.07 ? 62  GLU X CA  1 
ATOM 533  C C   . GLU A 1 62  ? 2.182   -6.777  1.463   1.00 26.19 ? 62  GLU X C   1 
ATOM 534  O O   . GLU A 1 62  ? 1.260   -6.783  0.650   1.00 26.63 ? 62  GLU X O   1 
ATOM 535  C CB  . GLU A 1 62  ? 2.182   -8.500  3.260   1.00 26.92 ? 62  GLU X CB  1 
ATOM 536  C CG  . GLU A 1 62  ? 2.479   -9.963  3.582   1.00 29.06 ? 62  GLU X CG  1 
ATOM 537  C CD  . GLU A 1 62  ? 3.815   -10.154 4.286   1.00 31.65 ? 62  GLU X CD  1 
ATOM 538  O OE1 . GLU A 1 62  ? 4.633   -9.217  4.327   1.00 32.68 ? 62  GLU X OE1 1 
ATOM 539  O OE2 . GLU A 1 62  ? 4.043   -11.251 4.815   1.00 36.11 ? 62  GLU X OE2 1 
ATOM 540  N N   . ILE A 1 63  ? 2.693   -5.662  1.997   1.00 25.46 ? 63  ILE X N   1 
ATOM 541  C CA  . ILE A 1 63  ? 2.317   -4.338  1.498   1.00 25.50 ? 63  ILE X CA  1 
ATOM 542  C C   . ILE A 1 63  ? 2.635   -4.192  -0.006  1.00 25.11 ? 63  ILE X C   1 
ATOM 543  O O   . ILE A 1 63  ? 1.761   -3.812  -0.797  1.00 24.81 ? 63  ILE X O   1 
ATOM 544  C CB  . ILE A 1 63  ? 3.038   -3.216  2.249   1.00 25.69 ? 63  ILE X CB  1 
ATOM 545  C CG1 . ILE A 1 63  ? 2.829   -3.346  3.769   1.00 27.39 ? 63  ILE X CG1 1 
ATOM 546  C CG2 . ILE A 1 63  ? 2.586   -1.833  1.747   1.00 24.52 ? 63  ILE X CG2 1 
ATOM 547  C CD1 . ILE A 1 63  ? 3.845   -2.501  4.586   1.00 27.73 ? 63  ILE X CD1 1 
ATOM 548  N N   . TYR A 1 64  ? 3.885   -4.478  -0.388  1.00 24.67 ? 64  TYR X N   1 
ATOM 549  C CA  . TYR A 1 64  ? 4.321   -4.370  -1.795  1.00 24.85 ? 64  TYR X CA  1 
ATOM 550  C C   . TYR A 1 64  ? 3.382   -5.147  -2.722  1.00 24.26 ? 64  TYR X C   1 
ATOM 551  O O   . TYR A 1 64  ? 2.851   -4.602  -3.693  1.00 24.64 ? 64  TYR X O   1 
ATOM 552  C CB  . TYR A 1 64  ? 5.746   -4.910  -1.985  1.00 24.97 ? 64  TYR X CB  1 
ATOM 553  C CG  . TYR A 1 64  ? 6.085   -5.139  -3.442  1.00 26.40 ? 64  TYR X CG  1 
ATOM 554  C CD1 . TYR A 1 64  ? 6.346   -4.062  -4.295  1.00 27.50 ? 64  TYR X CD1 1 
ATOM 555  C CD2 . TYR A 1 64  ? 6.118   -6.420  -3.979  1.00 27.15 ? 64  TYR X CD2 1 
ATOM 556  C CE1 . TYR A 1 64  ? 6.634   -4.268  -5.642  1.00 27.72 ? 64  TYR X CE1 1 
ATOM 557  C CE2 . TYR A 1 64  ? 6.405   -6.638  -5.317  1.00 27.27 ? 64  TYR X CE2 1 
ATOM 558  C CZ  . TYR A 1 64  ? 6.670   -5.561  -6.147  1.00 29.16 ? 64  TYR X CZ  1 
ATOM 559  O OH  . TYR A 1 64  ? 6.970   -5.767  -7.481  1.00 27.75 ? 64  TYR X OH  1 
ATOM 560  N N   . TYR A 1 65  ? 3.184   -6.430  -2.415  1.00 23.55 ? 65  TYR X N   1 
ATOM 561  C CA  . TYR A 1 65  ? 2.359   -7.293  -3.258  1.00 22.84 ? 65  TYR X CA  1 
ATOM 562  C C   . TYR A 1 65  ? 0.919   -6.870  -3.344  1.00 22.45 ? 65  TYR X C   1 
ATOM 563  O O   . TYR A 1 65  ? 0.288   -7.014  -4.390  1.00 21.48 ? 65  TYR X O   1 
ATOM 564  C CB  . TYR A 1 65  ? 2.467   -8.742  -2.800  1.00 23.59 ? 65  TYR X CB  1 
ATOM 565  C CG  . TYR A 1 65  ? 3.727   -9.355  -3.346  1.00 26.22 ? 65  TYR X CG  1 
ATOM 566  C CD1 . TYR A 1 65  ? 3.929   -9.425  -4.720  1.00 27.88 ? 65  TYR X CD1 1 
ATOM 567  C CD2 . TYR A 1 65  ? 4.736   -9.821  -2.501  1.00 28.95 ? 65  TYR X CD2 1 
ATOM 568  C CE1 . TYR A 1 65  ? 5.082   -9.965  -5.252  1.00 29.95 ? 65  TYR X CE1 1 
ATOM 569  C CE2 . TYR A 1 65  ? 5.901   -10.384 -3.031  1.00 31.27 ? 65  TYR X CE2 1 
ATOM 570  C CZ  . TYR A 1 65  ? 6.056   -10.447 -4.411  1.00 31.09 ? 65  TYR X CZ  1 
ATOM 571  O OH  . TYR A 1 65  ? 7.191   -10.985 -4.970  1.00 33.83 ? 65  TYR X OH  1 
ATOM 572  N N   . THR A 1 66  ? 0.386   -6.333  -2.243  1.00 21.13 ? 66  THR X N   1 
ATOM 573  C CA  . THR A 1 66  ? -0.978  -5.841  -2.255  1.00 20.69 ? 66  THR X CA  1 
ATOM 574  C C   . THR A 1 66  ? -1.086  -4.522  -3.033  1.00 20.93 ? 66  THR X C   1 
ATOM 575  O O   . THR A 1 66  ? -1.976  -4.356  -3.860  1.00 21.05 ? 66  THR X O   1 
ATOM 576  C CB  . THR A 1 66  ? -1.532  -5.706  -0.809  1.00 20.31 ? 66  THR X CB  1 
ATOM 577  O OG1 . THR A 1 66  ? -1.380  -6.962  -0.160  1.00 17.99 ? 66  THR X OG1 1 
ATOM 578  C CG2 . THR A 1 66  ? -2.998  -5.341  -0.833  1.00 20.69 ? 66  THR X CG2 1 
ATOM 579  N N   . VAL A 1 67  ? -0.165  -3.597  -2.809  1.00 21.51 ? 67  VAL X N   1 
ATOM 580  C CA  . VAL A 1 67  ? -0.125  -2.402  -3.655  1.00 22.53 ? 67  VAL X CA  1 
ATOM 581  C C   . VAL A 1 67  ? -0.068  -2.803  -5.135  1.00 22.68 ? 67  VAL X C   1 
ATOM 582  O O   . VAL A 1 67  ? -0.818  -2.302  -5.978  1.00 22.06 ? 67  VAL X O   1 
ATOM 583  C CB  . VAL A 1 67  ? 1.073   -1.519  -3.304  1.00 22.61 ? 67  VAL X CB  1 
ATOM 584  C CG1 . VAL A 1 67  ? 1.259   -0.440  -4.347  1.00 23.11 ? 67  VAL X CG1 1 
ATOM 585  C CG2 . VAL A 1 67  ? 0.844   -0.903  -1.928  1.00 25.16 ? 67  VAL X CG2 1 
ATOM 586  N N   . LYS A 1 68  ? 0.799   -3.753  -5.431  1.00 23.27 ? 68  LYS X N   1 
ATOM 587  C CA  . LYS A 1 68  ? 1.025   -4.155  -6.808  1.00 23.80 ? 68  LYS X CA  1 
ATOM 588  C C   . LYS A 1 68  ? -0.259  -4.725  -7.431  1.00 24.23 ? 68  LYS X C   1 
ATOM 589  O O   . LYS A 1 68  ? -0.697  -4.331  -8.531  1.00 23.17 ? 68  LYS X O   1 
ATOM 590  C CB  . LYS A 1 68  ? 2.124   -5.210  -6.830  1.00 23.88 ? 68  LYS X CB  1 
ATOM 591  C CG  . LYS A 1 68  ? 2.355   -5.814  -8.198  1.00 25.64 ? 68  LYS X CG  1 
ATOM 592  C CD  . LYS A 1 68  ? 3.203   -7.074  -8.082  1.00 27.71 ? 68  LYS X CD  1 
ATOM 593  C CE  . LYS A 1 68  ? 3.613   -7.539  -9.475  1.00 28.58 ? 68  LYS X CE  1 
ATOM 594  N NZ  . LYS A 1 68  ? 4.383   -8.810  -9.421  1.00 29.30 ? 68  LYS X NZ  1 
ATOM 595  N N   . ASP A 1 69  ? -0.860  -5.680  -6.731  1.00 24.12 ? 69  ASP X N   1 
ATOM 596  C CA  . ASP A 1 69  ? -2.057  -6.296  -7.250  1.00 24.39 ? 69  ASP X CA  1 
ATOM 597  C C   . ASP A 1 69  ? -3.139  -5.232  -7.470  1.00 24.78 ? 69  ASP X C   1 
ATOM 598  O O   . ASP A 1 69  ? -3.817  -5.212  -8.486  1.00 24.36 ? 69  ASP X O   1 
ATOM 599  C CB  . ASP A 1 69  ? -2.571  -7.336  -6.269  1.00 24.97 ? 69  ASP X CB  1 
ATOM 600  C CG  . ASP A 1 69  ? -3.780  -8.048  -6.791  1.00 24.67 ? 69  ASP X CG  1 
ATOM 601  O OD1 . ASP A 1 69  ? -3.610  -8.828  -7.722  1.00 27.67 ? 69  ASP X OD1 1 
ATOM 602  O OD2 . ASP A 1 69  ? -4.887  -7.824  -6.285  1.00 28.14 ? 69  ASP X OD2 1 
ATOM 603  N N   . LEU A 1 70  ? -3.310  -4.351  -6.497  1.00 25.30 ? 70  LEU X N   1 
ATOM 604  C CA  . LEU A 1 70  ? -4.385  -3.368  -6.551  1.00 25.65 ? 70  LEU X CA  1 
ATOM 605  C C   . LEU A 1 70  ? -4.133  -2.329  -7.673  1.00 25.88 ? 70  LEU X C   1 
ATOM 606  O O   . LEU A 1 70  ? -5.057  -1.917  -8.380  1.00 25.55 ? 70  LEU X O   1 
ATOM 607  C CB  . LEU A 1 70  ? -4.485  -2.647  -5.213  1.00 25.30 ? 70  LEU X CB  1 
ATOM 608  C CG  . LEU A 1 70  ? -5.527  -3.020  -4.141  1.00 28.14 ? 70  LEU X CG  1 
ATOM 609  C CD1 . LEU A 1 70  ? -6.403  -4.233  -4.445  1.00 23.41 ? 70  LEU X CD1 1 
ATOM 610  C CD2 . LEU A 1 70  ? -4.896  -3.051  -2.744  1.00 24.10 ? 70  LEU X CD2 1 
ATOM 611  N N   . ILE A 1 71  ? -2.893  -1.886  -7.818  1.00 25.76 ? 71  ILE X N   1 
ATOM 612  C CA  . ILE A 1 71  ? -2.607  -0.868  -8.817  1.00 26.71 ? 71  ILE X CA  1 
ATOM 613  C C   . ILE A 1 71  ? -2.768  -1.504  -10.198 1.00 27.79 ? 71  ILE X C   1 
ATOM 614  O O   . ILE A 1 71  ? -3.380  -0.935  -11.091 1.00 28.99 ? 71  ILE X O   1 
ATOM 615  C CB  . ILE A 1 71  ? -1.199  -0.277  -8.663  1.00 26.49 ? 71  ILE X CB  1 
ATOM 616  C CG1 . ILE A 1 71  ? -1.124  0.660   -7.452  1.00 25.83 ? 71  ILE X CG1 1 
ATOM 617  C CG2 . ILE A 1 71  ? -0.784  0.479   -9.958  1.00 26.95 ? 71  ILE X CG2 1 
ATOM 618  C CD1 . ILE A 1 71  ? -1.995  1.928   -7.576  1.00 25.19 ? 71  ILE X CD1 1 
ATOM 619  N N   . LEU A 1 72  ? -2.255  -2.707  -10.371 1.00 28.51 ? 72  LEU X N   1 
ATOM 620  C CA  . LEU A 1 72  ? -2.420  -3.369  -11.651 1.00 29.29 ? 72  LEU X CA  1 
ATOM 621  C C   . LEU A 1 72  ? -3.881  -3.687  -11.980 1.00 29.62 ? 72  LEU X C   1 
ATOM 622  O O   . LEU A 1 72  ? -4.244  -3.667  -13.154 1.00 29.80 ? 72  LEU X O   1 
ATOM 623  C CB  . LEU A 1 72  ? -1.538  -4.622  -11.752 1.00 29.28 ? 72  LEU X CB  1 
ATOM 624  C CG  . LEU A 1 72  ? -0.050  -4.288  -11.855 1.00 30.54 ? 72  LEU X CG  1 
ATOM 625  C CD1 . LEU A 1 72  ? 0.755   -5.552  -11.885 1.00 31.60 ? 72  LEU X CD1 1 
ATOM 626  C CD2 . LEU A 1 72  ? 0.268   -3.389  -13.097 1.00 31.22 ? 72  LEU X CD2 1 
ATOM 627  N N   . ARG A 1 73  ? -4.708  -3.994  -10.974 1.00 29.23 ? 73  ARG X N   1 
ATOM 628  C CA  . ARG A 1 73  ? -6.155  -4.175  -11.197 1.00 29.27 ? 73  ARG X CA  1 
ATOM 629  C C   . ARG A 1 73  ? -6.799  -2.845  -11.604 1.00 27.92 ? 73  ARG X C   1 
ATOM 630  O O   . ARG A 1 73  ? -7.952  -2.809  -11.992 1.00 28.10 ? 73  ARG X O   1 
ATOM 631  C CB  . ARG A 1 73  ? -6.905  -4.687  -9.933  1.00 29.35 ? 73  ARG X CB  1 
ATOM 632  C CG  . ARG A 1 73  ? -7.177  -6.197  -9.766  1.00 32.29 ? 73  ARG X CG  1 
ATOM 633  C CD  . ARG A 1 73  ? -8.667  -6.489  -9.220  1.00 35.11 ? 73  ARG X CD  1 
ATOM 634  N NE  . ARG A 1 73  ? -9.699  -6.137  -10.244 1.00 35.99 ? 73  ARG X NE  1 
ATOM 635  C CZ  . ARG A 1 73  ? -11.024 -6.234  -10.117 1.00 29.42 ? 73  ARG X CZ  1 
ATOM 636  N NH1 . ARG A 1 73  ? -11.593 -6.674  -9.029  1.00 31.49 ? 73  ARG X NH1 1 
ATOM 637  N NH2 . ARG A 1 73  ? -11.784 -5.856  -11.094 1.00 32.73 ? 73  ARG X NH2 1 
ATOM 638  N N   . GLY A 1 74  ? -6.088  -1.740  -11.472 1.00 27.94 ? 74  GLY X N   1 
ATOM 639  C CA  . GLY A 1 74  ? -6.669  -0.439  -11.864 1.00 27.07 ? 74  GLY X CA  1 
ATOM 640  C C   . GLY A 1 74  ? -7.210  0.380   -10.704 1.00 27.17 ? 74  GLY X C   1 
ATOM 641  O O   . GLY A 1 74  ? -7.713  1.484   -10.893 1.00 26.38 ? 74  GLY X O   1 
ATOM 642  N N   . TYR A 1 75  ? -7.112  -0.156  -9.489  1.00 26.84 ? 75  TYR X N   1 
ATOM 643  C CA  . TYR A 1 75  ? -7.531  0.594   -8.306  1.00 26.88 ? 75  TYR X CA  1 
ATOM 644  C C   . TYR A 1 75  ? -6.501  1.659   -7.992  1.00 27.17 ? 75  TYR X C   1 
ATOM 645  O O   . TYR A 1 75  ? -5.385  1.611   -8.507  1.00 26.75 ? 75  TYR X O   1 
ATOM 646  C CB  . TYR A 1 75  ? -7.737  -0.346  -7.108  1.00 27.02 ? 75  TYR X CB  1 
ATOM 647  C CG  . TYR A 1 75  ? -8.953  -1.192  -7.317  1.00 27.22 ? 75  TYR X CG  1 
ATOM 648  C CD1 . TYR A 1 75  ? -10.222 -0.632  -7.219  1.00 27.57 ? 75  TYR X CD1 1 
ATOM 649  C CD2 . TYR A 1 75  ? -8.845  -2.529  -7.675  1.00 26.99 ? 75  TYR X CD2 1 
ATOM 650  C CE1 . TYR A 1 75  ? -11.350 -1.381  -7.454  1.00 28.21 ? 75  TYR X CE1 1 
ATOM 651  C CE2 . TYR A 1 75  ? -9.969  -3.290  -7.909  1.00 28.52 ? 75  TYR X CE2 1 
ATOM 652  C CZ  . TYR A 1 75  ? -11.219 -2.711  -7.792  1.00 29.06 ? 75  TYR X CZ  1 
ATOM 653  O OH  . TYR A 1 75  ? -12.348 -3.459  -8.013  1.00 28.28 ? 75  TYR X OH  1 
ATOM 654  N N   . ARG A 1 76  ? -6.891  2.639   -7.183  1.00 26.91 ? 76  ARG X N   1 
ATOM 655  C CA  . ARG A 1 76  ? -5.972  3.678   -6.719  1.00 27.66 ? 76  ARG X CA  1 
ATOM 656  C C   . ARG A 1 76  ? -5.762  3.447   -5.248  1.00 27.88 ? 76  ARG X C   1 
ATOM 657  O O   . ARG A 1 76  ? -6.729  3.227   -4.508  1.00 28.40 ? 76  ARG X O   1 
ATOM 658  C CB  . ARG A 1 76  ? -6.582  5.074   -6.898  1.00 27.62 ? 76  ARG X CB  1 
ATOM 659  C CG  . ARG A 1 76  ? -6.744  5.471   -8.341  1.00 29.12 ? 76  ARG X CG  1 
ATOM 660  C CD  . ARG A 1 76  ? -5.437  6.029   -8.848  1.00 28.77 ? 76  ARG X CD  1 
ATOM 661  N NE  . ARG A 1 76  ? -5.429  6.171   -10.301 1.00 29.44 ? 76  ARG X NE  1 
ATOM 662  C CZ  . ARG A 1 76  ? -6.107  7.100   -10.965 1.00 29.03 ? 76  ARG X CZ  1 
ATOM 663  N NH1 . ARG A 1 76  ? -6.863  7.981   -10.317 1.00 28.77 ? 76  ARG X NH1 1 
ATOM 664  N NH2 . ARG A 1 76  ? -6.021  7.142   -12.279 1.00 28.99 ? 76  ARG X NH2 1 
ATOM 665  N N   . VAL A 1 77  ? -4.516  3.465   -4.818  1.00 27.68 ? 77  VAL X N   1 
ATOM 666  C CA  . VAL A 1 77  ? -4.230  3.199   -3.433  1.00 27.82 ? 77  VAL X CA  1 
ATOM 667  C C   . VAL A 1 77  ? -3.193  4.156   -2.883  1.00 28.19 ? 77  VAL X C   1 
ATOM 668  O O   . VAL A 1 77  ? -2.460  4.830   -3.619  1.00 27.17 ? 77  VAL X O   1 
ATOM 669  C CB  . VAL A 1 77  ? -3.779  1.733   -3.231  1.00 28.68 ? 77  VAL X CB  1 
ATOM 670  C CG1 . VAL A 1 77  ? -4.779  0.799   -3.877  1.00 26.81 ? 77  VAL X CG1 1 
ATOM 671  C CG2 . VAL A 1 77  ? -2.379  1.505   -3.823  1.00 28.85 ? 77  VAL X CG2 1 
ATOM 672  N N   . ARG A 1 78  ? -3.137  4.215   -1.561  1.00 28.33 ? 78  ARG X N   1 
ATOM 673  C CA  . ARG A 1 78  ? -2.127  4.998   -0.905  1.00 28.73 ? 78  ARG X CA  1 
ATOM 674  C C   . ARG A 1 78  ? -1.824  4.277   0.396   1.00 28.71 ? 78  ARG X C   1 
ATOM 675  O O   . ARG A 1 78  ? -2.738  4.001   1.164   1.00 27.98 ? 78  ARG X O   1 
ATOM 676  C CB  . ARG A 1 78  ? -2.728  6.372   -0.600  1.00 29.12 ? 78  ARG X CB  1 
ATOM 677  C CG  . ARG A 1 78  ? -1.792  7.359   -0.027  1.00 30.40 ? 78  ARG X CG  1 
ATOM 678  C CD  . ARG A 1 78  ? -2.402  8.746   -0.194  1.00 33.25 ? 78  ARG X CD  1 
ATOM 679  N NE  . ARG A 1 78  ? -3.538  8.929   0.694   1.00 33.01 ? 78  ARG X NE  1 
ATOM 680  C CZ  . ARG A 1 78  ? -4.120  10.105  0.920   1.00 35.54 ? 78  ARG X CZ  1 
ATOM 681  N NH1 . ARG A 1 78  ? -3.679  11.182  0.302   1.00 34.44 ? 78  ARG X NH1 1 
ATOM 682  N NH2 . ARG A 1 78  ? -5.139  10.206  1.772   1.00 35.83 ? 78  ARG X NH2 1 
ATOM 683  N N   . PHE A 1 79  ? -0.552  3.995   0.655   1.00 28.66 ? 79  PHE X N   1 
ATOM 684  C CA  . PHE A 1 79  ? -0.168  3.372   1.917   1.00 29.45 ? 79  PHE X CA  1 
ATOM 685  C C   . PHE A 1 79  ? -0.104  4.418   3.037   1.00 29.04 ? 79  PHE X C   1 
ATOM 686  O O   . PHE A 1 79  ? 0.639   5.381   2.919   1.00 29.16 ? 79  PHE X O   1 
ATOM 687  C CB  . PHE A 1 79  ? 1.182   2.653   1.783   1.00 29.47 ? 79  PHE X CB  1 
ATOM 688  C CG  . PHE A 1 79  ? 1.582   1.870   3.023   1.00 29.98 ? 79  PHE X CG  1 
ATOM 689  C CD1 . PHE A 1 79  ? 0.689   0.994   3.621   1.00 29.34 ? 79  PHE X CD1 1 
ATOM 690  C CD2 . PHE A 1 79  ? 2.844   2.030   3.590   1.00 30.25 ? 79  PHE X CD2 1 
ATOM 691  C CE1 . PHE A 1 79  ? 1.061   0.262   4.765   1.00 30.05 ? 79  PHE X CE1 1 
ATOM 692  C CE2 . PHE A 1 79  ? 3.211   1.328   4.725   1.00 29.83 ? 79  PHE X CE2 1 
ATOM 693  C CZ  . PHE A 1 79  ? 2.322   0.438   5.319   1.00 29.45 ? 79  PHE X CZ  1 
ATOM 694  N N   . ASP A 1 80  ? -0.883  4.247   4.109   1.00 28.30 ? 80  ASP X N   1 
ATOM 695  C CA  . ASP A 1 80  ? -0.830  5.224   5.199   1.00 27.93 ? 80  ASP X CA  1 
ATOM 696  C C   . ASP A 1 80  ? 0.205   4.936   6.291   1.00 27.75 ? 80  ASP X C   1 
ATOM 697  O O   . ASP A 1 80  ? 0.299   5.675   7.260   1.00 28.41 ? 80  ASP X O   1 
ATOM 698  C CB  . ASP A 1 80  ? -2.201  5.474   5.824   1.00 27.78 ? 80  ASP X CB  1 
ATOM 699  C CG  . ASP A 1 80  ? -2.716  4.293   6.636   1.00 27.96 ? 80  ASP X CG  1 
ATOM 700  O OD1 . ASP A 1 80  ? -3.956  4.123   6.698   1.00 28.54 ? 80  ASP X OD1 1 
ATOM 701  O OD2 . ASP A 1 80  ? -1.910  3.528   7.202   1.00 28.29 ? 80  ASP X OD2 1 
ATOM 702  N N   . GLY A 1 81  ? 1.000   3.894   6.142   1.00 27.23 ? 81  GLY X N   1 
ATOM 703  C CA  . GLY A 1 81  ? 1.957   3.582   7.190   1.00 27.11 ? 81  GLY X CA  1 
ATOM 704  C C   . GLY A 1 81  ? 1.453   2.377   7.979   1.00 27.35 ? 81  GLY X C   1 
ATOM 705  O O   . GLY A 1 81  ? 2.229   1.706   8.647   1.00 26.90 ? 81  GLY X O   1 
ATOM 706  N N   . PHE A 1 82  ? 0.151   2.097   7.897   1.00 26.42 ? 82  PHE X N   1 
ATOM 707  C CA  . PHE A 1 82  ? -0.403  0.923   8.567   1.00 26.24 ? 82  PHE X CA  1 
ATOM 708  C C   . PHE A 1 82  ? -1.329  0.283   7.549   1.00 25.42 ? 82  PHE X C   1 
ATOM 709  O O   . PHE A 1 82  ? -1.093  -0.820  7.088   1.00 25.02 ? 82  PHE X O   1 
ATOM 710  C CB  . PHE A 1 82  ? -1.081  1.309   9.890   1.00 26.33 ? 82  PHE X CB  1 
ATOM 711  C CG  . PHE A 1 82  ? -1.492  0.122   10.721  1.00 29.36 ? 82  PHE X CG  1 
ATOM 712  C CD1 . PHE A 1 82  ? -0.606  -0.455  11.612  1.00 30.69 ? 82  PHE X CD1 1 
ATOM 713  C CD2 . PHE A 1 82  ? -2.764  -0.424  10.598  1.00 30.49 ? 82  PHE X CD2 1 
ATOM 714  C CE1 . PHE A 1 82  ? -0.984  -1.557  12.369  1.00 32.08 ? 82  PHE X CE1 1 
ATOM 715  C CE2 . PHE A 1 82  ? -3.149  -1.520  11.349  1.00 30.92 ? 82  PHE X CE2 1 
ATOM 716  C CZ  . PHE A 1 82  ? -2.264  -2.088  12.236  1.00 31.61 ? 82  PHE X CZ  1 
ATOM 717  N N   . PHE A 1 83  ? -2.413  0.972   7.220   1.00 24.66 ? 83  PHE X N   1 
ATOM 718  C CA  . PHE A 1 83  ? -3.332  0.473   6.218   1.00 24.95 ? 83  PHE X CA  1 
ATOM 719  C C   . PHE A 1 83  ? -2.987  0.966   4.822   1.00 24.99 ? 83  PHE X C   1 
ATOM 720  O O   . PHE A 1 83  ? -2.468  2.084   4.656   1.00 25.03 ? 83  PHE X O   1 
ATOM 721  C CB  . PHE A 1 83  ? -4.732  1.010   6.525   1.00 24.76 ? 83  PHE X CB  1 
ATOM 722  C CG  . PHE A 1 83  ? -5.354  0.492   7.806   1.00 26.56 ? 83  PHE X CG  1 
ATOM 723  C CD1 . PHE A 1 83  ? -5.749  -0.836  7.922   1.00 27.27 ? 83  PHE X CD1 1 
ATOM 724  C CD2 . PHE A 1 83  ? -5.599  1.362   8.873   1.00 25.73 ? 83  PHE X CD2 1 
ATOM 725  C CE1 . PHE A 1 83  ? -6.373  -1.307  9.091   1.00 26.85 ? 83  PHE X CE1 1 
ATOM 726  C CE2 . PHE A 1 83  ? -6.212  0.908   10.028  1.00 25.98 ? 83  PHE X CE2 1 
ATOM 727  C CZ  . PHE A 1 83  ? -6.602  -0.442  10.140  1.00 26.49 ? 83  PHE X CZ  1 
ATOM 728  N N   . ILE A 1 84  ? -3.330  0.155   3.825   1.00 24.76 ? 84  ILE X N   1 
ATOM 729  C CA  . ILE A 1 84  ? -3.449  0.632   2.463   1.00 23.51 ? 84  ILE X CA  1 
ATOM 730  C C   . ILE A 1 84  ? -4.854  1.188   2.270   1.00 23.96 ? 84  ILE X C   1 
ATOM 731  O O   . ILE A 1 84  ? -5.837  0.466   2.461   1.00 23.35 ? 84  ILE X O   1 
ATOM 732  C CB  . ILE A 1 84  ? -3.260  -0.499  1.455   1.00 23.42 ? 84  ILE X CB  1 
ATOM 733  C CG1 . ILE A 1 84  ? -1.850  -1.074  1.554   1.00 21.00 ? 84  ILE X CG1 1 
ATOM 734  C CG2 . ILE A 1 84  ? -3.583  -0.007  0.042   1.00 23.29 ? 84  ILE X CG2 1 
ATOM 735  C CD1 . ILE A 1 84  ? -1.692  -2.407  0.845   1.00 23.86 ? 84  ILE X CD1 1 
ATOM 736  N N   . GLU A 1 85  ? -4.937  2.462   1.881   1.00 23.32 ? 85  GLU X N   1 
ATOM 737  C CA  . GLU A 1 85  ? -6.204  3.119   1.559   1.00 23.95 ? 85  GLU X CA  1 
ATOM 738  C C   . GLU A 1 85  ? -6.625  2.725   0.173   1.00 24.22 ? 85  GLU X C   1 
ATOM 739  O O   . GLU A 1 85  ? -5.890  2.979   -0.770  1.00 24.42 ? 85  GLU X O   1 
ATOM 740  C CB  . GLU A 1 85  ? -6.030  4.637   1.609   1.00 23.78 ? 85  GLU X CB  1 
ATOM 741  C CG  . GLU A 1 85  ? -5.626  5.087   2.985   1.00 24.96 ? 85  GLU X CG  1 
ATOM 742  C CD  . GLU A 1 85  ? -5.539  6.583   3.129   1.00 28.46 ? 85  GLU X CD  1 
ATOM 743  O OE1 . GLU A 1 85  ? -5.651  7.035   4.274   1.00 33.76 ? 85  GLU X OE1 1 
ATOM 744  O OE2 . GLU A 1 85  ? -5.354  7.317   2.137   1.00 29.88 ? 85  GLU X OE2 1 
ATOM 745  N N   . LEU A 1 86  ? -7.790  2.095   0.042   1.00 24.20 ? 86  LEU X N   1 
ATOM 746  C CA  . LEU A 1 86  ? -8.227  1.599   -1.263  1.00 25.00 ? 86  LEU X CA  1 
ATOM 747  C C   . LEU A 1 86  ? -9.324  2.501   -1.831  1.00 25.21 ? 86  LEU X C   1 
ATOM 748  O O   . LEU A 1 86  ? -10.351 2.677   -1.207  1.00 26.14 ? 86  LEU X O   1 
ATOM 749  C CB  . LEU A 1 86  ? -8.737  0.152   -1.162  1.00 24.38 ? 86  LEU X CB  1 
ATOM 750  C CG  . LEU A 1 86  ? -9.416  -0.496  -2.384  1.00 24.43 ? 86  LEU X CG  1 
ATOM 751  C CD1 . LEU A 1 86  ? -8.501  -0.455  -3.609  1.00 23.93 ? 86  LEU X CD1 1 
ATOM 752  C CD2 . LEU A 1 86  ? -9.794  -1.934  -2.072  1.00 22.01 ? 86  LEU X CD2 1 
ATOM 753  N N   . TYR A 1 87  ? -9.107  3.047   -3.017  1.00 25.29 ? 87  TYR X N   1 
ATOM 754  C CA  . TYR A 1 87  ? -10.103 3.868   -3.685  1.00 25.78 ? 87  TYR X CA  1 
ATOM 755  C C   . TYR A 1 87  ? -10.548 3.215   -4.991  1.00 26.36 ? 87  TYR X C   1 
ATOM 756  O O   . TYR A 1 87  ? -9.799  2.473   -5.625  1.00 26.00 ? 87  TYR X O   1 
ATOM 757  C CB  . TYR A 1 87  ? -9.511  5.237   -4.021  1.00 25.33 ? 87  TYR X CB  1 
ATOM 758  C CG  . TYR A 1 87  ? -8.907  5.983   -2.861  1.00 25.64 ? 87  TYR X CG  1 
ATOM 759  C CD1 . TYR A 1 87  ? -9.597  7.015   -2.241  1.00 28.21 ? 87  TYR X CD1 1 
ATOM 760  C CD2 . TYR A 1 87  ? -7.630  5.682   -2.398  1.00 27.49 ? 87  TYR X CD2 1 
ATOM 761  C CE1 . TYR A 1 87  ? -9.039  7.726   -1.174  1.00 27.06 ? 87  TYR X CE1 1 
ATOM 762  C CE2 . TYR A 1 87  ? -7.071  6.376   -1.345  1.00 26.31 ? 87  TYR X CE2 1 
ATOM 763  C CZ  . TYR A 1 87  ? -7.776  7.404   -0.738  1.00 28.04 ? 87  TYR X CZ  1 
ATOM 764  O OH  . TYR A 1 87  ? -7.218  8.097   0.330   1.00 27.92 ? 87  TYR X OH  1 
ATOM 765  N N   . GLU A 1 88  ? -11.768 3.533   -5.396  1.00 27.11 ? 88  GLU X N   1 
ATOM 766  C CA  . GLU A 1 88  ? -12.322 3.090   -6.656  1.00 27.77 ? 88  GLU X CA  1 
ATOM 767  C C   . GLU A 1 88  ? -11.410 3.484   -7.821  1.00 27.92 ? 88  GLU X C   1 
ATOM 768  O O   . GLU A 1 88  ? -10.612 4.406   -7.707  1.00 26.93 ? 88  GLU X O   1 
ATOM 769  C CB  . GLU A 1 88  ? -13.718 3.719   -6.839  1.00 28.03 ? 88  GLU X CB  1 
ATOM 770  C CG  . GLU A 1 88  ? -14.444 3.254   -8.085  1.00 30.73 ? 88  GLU X CG  1 
ATOM 771  C CD  . GLU A 1 88  ? -14.661 1.750   -8.071  1.00 34.53 ? 88  GLU X CD  1 
ATOM 772  O OE1 . GLU A 1 88  ? -13.887 1.026   -8.737  1.00 33.52 ? 88  GLU X OE1 1 
ATOM 773  O OE2 . GLU A 1 88  ? -15.586 1.294   -7.353  1.00 36.93 ? 88  GLU X OE2 1 
ATOM 774  N N   . LYS A 1 89  ? -11.533 2.775   -8.943  1.00 28.36 ? 89  LYS X N   1 
ATOM 775  C CA  . LYS A 1 89  ? -10.781 3.115   -10.154 1.00 29.01 ? 89  LYS X CA  1 
ATOM 776  C C   . LYS A 1 89  ? -11.122 4.532   -10.567 1.00 28.71 ? 89  LYS X C   1 
ATOM 777  O O   . LYS A 1 89  ? -12.246 4.989   -10.385 1.00 29.37 ? 89  LYS X O   1 
ATOM 778  C CB  . LYS A 1 89  ? -11.084 2.119   -11.268 1.00 28.22 ? 89  LYS X CB  1 
ATOM 779  C CG  . LYS A 1 89  ? -11.121 0.703   -10.713 1.00 30.02 ? 89  LYS X CG  1 
ATOM 780  C CD  . LYS A 1 89  ? -11.042 -0.374  -11.791 1.00 30.67 ? 89  LYS X CD  1 
ATOM 781  C CE  . LYS A 1 89  ? -10.799 -1.717  -11.127 1.00 31.42 ? 89  LYS X CE  1 
ATOM 782  N NZ  . LYS A 1 89  ? -10.691 -2.819  -12.093 1.00 34.03 ? 89  LYS X NZ  1 
ATOM 783  N N   . GLY A 1 90  ? -10.132 5.250   -11.054 1.00 28.72 ? 90  GLY X N   1 
ATOM 784  C CA  . GLY A 1 90  ? -10.352 6.608   -11.518 1.00 29.31 ? 90  GLY X CA  1 
ATOM 785  C C   . GLY A 1 90  ? -10.307 7.675   -10.445 1.00 29.47 ? 90  GLY X C   1 
ATOM 786  O O   . GLY A 1 90  ? -10.268 8.845   -10.757 1.00 29.98 ? 90  GLY X O   1 
ATOM 787  N N   . ILE A 1 91  ? -10.320 7.296   -9.173  1.00 30.35 ? 91  ILE X N   1 
ATOM 788  C CA  . ILE A 1 91  ? -10.282 8.305   -8.111  1.00 30.39 ? 91  ILE X CA  1 
ATOM 789  C C   . ILE A 1 91  ? -8.863  8.700   -7.746  1.00 30.69 ? 91  ILE X C   1 
ATOM 790  O O   . ILE A 1 91  ? -7.961  7.869   -7.729  1.00 29.92 ? 91  ILE X O   1 
ATOM 791  C CB  . ILE A 1 91  ? -11.046 7.853   -6.828  1.00 30.78 ? 91  ILE X CB  1 
ATOM 792  C CG1 . ILE A 1 91  ? -12.546 8.038   -7.023  1.00 31.49 ? 91  ILE X CG1 1 
ATOM 793  C CG2 . ILE A 1 91  ? -10.601 8.678   -5.600  1.00 29.29 ? 91  ILE X CG2 1 
ATOM 794  C CD1 . ILE A 1 91  ? -13.228 6.851   -7.631  1.00 33.86 ? 91  ILE X CD1 1 
ATOM 795  N N   . ILE A 1 92  ? -8.670  9.976   -7.442  1.00 31.26 ? 92  ILE X N   1 
ATOM 796  C CA  . ILE A 1 92  ? -7.384  10.426  -6.944  1.00 31.94 ? 92  ILE X CA  1 
ATOM 797  C C   . ILE A 1 92  ? -7.457  10.419  -5.434  1.00 32.06 ? 92  ILE X C   1 
ATOM 798  O O   . ILE A 1 92  ? -8.371  11.017  -4.866  1.00 32.32 ? 92  ILE X O   1 
ATOM 799  C CB  . ILE A 1 92  ? -7.058  11.843  -7.429  1.00 32.26 ? 92  ILE X CB  1 
ATOM 800  C CG1 . ILE A 1 92  ? -6.795  11.839  -8.941  1.00 32.62 ? 92  ILE X CG1 1 
ATOM 801  C CG2 . ILE A 1 92  ? -5.844  12.385  -6.677  1.00 31.74 ? 92  ILE X CG2 1 
ATOM 802  C CD1 . ILE A 1 92  ? -7.254  13.125  -9.631  1.00 34.07 ? 92  ILE X CD1 1 
ATOM 803  N N   . PRO A 1 93  ? -6.508  9.728   -4.779  1.00 32.29 ? 93  PRO X N   1 
ATOM 804  C CA  . PRO A 1 93  ? -6.495  9.584   -3.319  1.00 32.62 ? 93  PRO X CA  1 
ATOM 805  C C   . PRO A 1 93  ? -6.559  10.931  -2.599  1.00 33.61 ? 93  PRO X C   1 
ATOM 806  O O   . PRO A 1 93  ? -6.007  11.904  -3.090  1.00 34.07 ? 93  PRO X O   1 
ATOM 807  C CB  . PRO A 1 93  ? -5.159  8.895   -3.055  1.00 32.55 ? 93  PRO X CB  1 
ATOM 808  C CG  . PRO A 1 93  ? -4.897  8.102   -4.325  1.00 32.29 ? 93  PRO X CG  1 
ATOM 809  C CD  . PRO A 1 93  ? -5.394  9.006   -5.421  1.00 31.95 ? 93  PRO X CD  1 
ATOM 810  N N   . GLY A 1 94  ? -7.235  10.986  -1.451  1.00 34.50 ? 94  GLY X N   1 
ATOM 811  C CA  . GLY A 1 94  ? -7.307  12.211  -0.650  1.00 35.19 ? 94  GLY X CA  1 
ATOM 812  C C   . GLY A 1 94  ? -8.435  13.092  -1.131  1.00 35.71 ? 94  GLY X C   1 
ATOM 813  O O   . GLY A 1 94  ? -8.982  13.886  -0.387  1.00 36.27 ? 94  GLY X O   1 
ATOM 814  N N   . THR A 1 95  ? -8.797  12.902  -2.390  1.00 36.30 ? 95  THR X N   1 
ATOM 815  C CA  . THR A 1 95  ? -9.820  13.669  -3.078  1.00 36.13 ? 95  THR X CA  1 
ATOM 816  C C   . THR A 1 95  ? -11.197 13.358  -2.496  1.00 36.16 ? 95  THR X C   1 
ATOM 817  O O   . THR A 1 95  ? -12.075 14.220  -2.452  1.00 36.69 ? 95  THR X O   1 
ATOM 818  C CB  . THR A 1 95  ? -9.736  13.343  -4.591  1.00 36.51 ? 95  THR X CB  1 
ATOM 819  O OG1 . THR A 1 95  ? -9.340  14.515  -5.324  1.00 37.64 ? 95  THR X OG1 1 
ATOM 820  C CG2 . THR A 1 95  ? -11.007 12.751  -5.140  1.00 35.41 ? 95  THR X CG2 1 
ATOM 821  N N   . ILE A 1 96  ? -11.387 12.110  -2.074  1.00 35.16 ? 96  ILE X N   1 
ATOM 822  C CA  . ILE A 1 96  ? -12.548 11.692  -1.303  1.00 34.15 ? 96  ILE X CA  1 
ATOM 823  C C   . ILE A 1 96  ? -11.998 10.706  -0.282  1.00 33.51 ? 96  ILE X C   1 
ATOM 824  O O   . ILE A 1 96  ? -10.807 10.441  -0.287  1.00 32.99 ? 96  ILE X O   1 
ATOM 825  C CB  . ILE A 1 96  ? -13.613 11.000  -2.178  1.00 34.47 ? 96  ILE X CB  1 
ATOM 826  C CG1 . ILE A 1 96  ? -13.034 9.754   -2.854  1.00 34.02 ? 96  ILE X CG1 1 
ATOM 827  C CG2 . ILE A 1 96  ? -14.176 11.963  -3.221  1.00 33.98 ? 96  ILE X CG2 1 
ATOM 828  C CD1 . ILE A 1 96  ? -14.096 8.878   -3.497  1.00 35.20 ? 96  ILE X CD1 1 
ATOM 829  N N   . GLU A 1 97  ? -12.828 10.178  0.606   1.00 33.26 ? 97  GLU X N   1 
ATOM 830  C CA  . GLU A 1 97  ? -12.338 9.165   1.547   1.00 33.46 ? 97  GLU X CA  1 
ATOM 831  C C   . GLU A 1 97  ? -12.157 7.847   0.817   1.00 32.61 ? 97  GLU X C   1 
ATOM 832  O O   . GLU A 1 97  ? -12.875 7.575   -0.147  1.00 32.97 ? 97  GLU X O   1 
ATOM 833  C CB  . GLU A 1 97  ? -13.315 8.952   2.707   1.00 33.98 ? 97  GLU X CB  1 
ATOM 834  C CG  . GLU A 1 97  ? -13.632 10.203  3.497   1.00 37.57 ? 97  GLU X CG  1 
ATOM 835  C CD  . GLU A 1 97  ? -12.386 10.915  3.957   1.00 42.60 ? 97  GLU X CD  1 
ATOM 836  O OE1 . GLU A 1 97  ? -11.386 10.226  4.252   1.00 45.40 ? 97  GLU X OE1 1 
ATOM 837  O OE2 . GLU A 1 97  ? -12.397 12.165  4.030   1.00 44.19 ? 97  GLU X OE2 1 
ATOM 838  N N   . GLN A 1 98  ? -11.223 7.017   1.275   1.00 31.75 ? 98  GLN X N   1 
ATOM 839  C CA  . GLN A 1 98  ? -11.055 5.687   0.686   1.00 30.90 ? 98  GLN X CA  1 
ATOM 840  C C   . GLN A 1 98  ? -12.314 4.848   0.896   1.00 30.47 ? 98  GLN X C   1 
ATOM 841  O O   . GLN A 1 98  ? -13.063 5.071   1.847   1.00 30.75 ? 98  GLN X O   1 
ATOM 842  C CB  . GLN A 1 98  ? -9.855  4.957   1.293   1.00 30.58 ? 98  GLN X CB  1 
ATOM 843  C CG  . GLN A 1 98  ? -10.079 4.459   2.719   1.00 30.31 ? 98  GLN X CG  1 
ATOM 844  C CD  . GLN A 1 98  ? -10.055 5.601   3.719   1.00 29.97 ? 98  GLN X CD  1 
ATOM 845  O OE1 . GLN A 1 98  ? -9.448  6.646   3.466   1.00 30.30 ? 98  GLN X OE1 1 
ATOM 846  N NE2 . GLN A 1 98  ? -10.738 5.424   4.841   1.00 27.36 ? 98  GLN X NE2 1 
ATOM 847  N N   . ASP A 1 99  ? -12.534 3.865   0.032   1.00 29.59 ? 99  ASP X N   1 
ATOM 848  C CA  . ASP A 1 99  ? -13.598 2.887   0.286   1.00 29.09 ? 99  ASP X CA  1 
ATOM 849  C C   . ASP A 1 99  ? -13.215 1.937   1.429   1.00 28.26 ? 99  ASP X C   1 
ATOM 850  O O   . ASP A 1 99  ? -14.030 1.636   2.300   1.00 28.46 ? 99  ASP X O   1 
ATOM 851  C CB  . ASP A 1 99  ? -13.880 2.079   -0.974  1.00 29.20 ? 99  ASP X CB  1 
ATOM 852  C CG  . ASP A 1 99  ? -14.627 2.878   -2.030  1.00 31.35 ? 99  ASP X CG  1 
ATOM 853  O OD1 . ASP A 1 99  ? -13.974 3.379   -2.988  1.00 33.45 ? 99  ASP X OD1 1 
ATOM 854  O OD2 . ASP A 1 99  ? -15.868 3.001   -1.889  1.00 31.72 ? 99  ASP X OD2 1 
ATOM 855  N N   . TYR A 1 100 ? -11.982 1.438   1.403   1.00 26.30 ? 100 TYR X N   1 
ATOM 856  C CA  . TYR A 1 100 ? -11.526 0.521   2.434   1.00 25.06 ? 100 TYR X CA  1 
ATOM 857  C C   . TYR A 1 100 ? -10.191 0.935   2.977   1.00 24.34 ? 100 TYR X C   1 
ATOM 858  O O   . TYR A 1 100 ? -9.354  1.512   2.265   1.00 23.33 ? 100 TYR X O   1 
ATOM 859  C CB  . TYR A 1 100 ? -11.358 -0.896  1.871   1.00 25.46 ? 100 TYR X CB  1 
ATOM 860  C CG  . TYR A 1 100 ? -12.661 -1.608  1.636   1.00 26.38 ? 100 TYR X CG  1 
ATOM 861  C CD1 . TYR A 1 100 ? -13.260 -2.356  2.648   1.00 27.20 ? 100 TYR X CD1 1 
ATOM 862  C CD2 . TYR A 1 100 ? -13.308 -1.500  0.416   1.00 27.32 ? 100 TYR X CD2 1 
ATOM 863  C CE1 . TYR A 1 100 ? -14.462 -3.001  2.436   1.00 29.46 ? 100 TYR X CE1 1 
ATOM 864  C CE2 . TYR A 1 100 ? -14.506 -2.130  0.184   1.00 29.25 ? 100 TYR X CE2 1 
ATOM 865  C CZ  . TYR A 1 100 ? -15.075 -2.884  1.190   1.00 31.52 ? 100 TYR X CZ  1 
ATOM 866  O OH  . TYR A 1 100 ? -16.265 -3.505  0.942   1.00 33.59 ? 100 TYR X OH  1 
ATOM 867  N N   . LEU A 1 101 ? -9.992  0.601   4.237   1.00 23.38 ? 101 LEU X N   1 
ATOM 868  C CA  . LEU A 1 101 ? -8.661  0.479   4.776   1.00 23.79 ? 101 LEU X CA  1 
ATOM 869  C C   . LEU A 1 101 ? -8.321  -1.010  4.716   1.00 23.93 ? 101 LEU X C   1 
ATOM 870  O O   . LEU A 1 101 ? -9.016  -1.852  5.293   1.00 23.72 ? 101 LEU X O   1 
ATOM 871  C CB  . LEU A 1 101 ? -8.626  1.003   6.203   1.00 22.81 ? 101 LEU X CB  1 
ATOM 872  C CG  . LEU A 1 101 ? -8.982  2.484   6.268   1.00 23.63 ? 101 LEU X CG  1 
ATOM 873  C CD1 . LEU A 1 101 ? -9.312  2.902   7.730   1.00 21.70 ? 101 LEU X CD1 1 
ATOM 874  C CD2 . LEU A 1 101 ? -7.834  3.314   5.659   1.00 21.76 ? 101 LEU X CD2 1 
ATOM 875  N N   . VAL A 1 102 ? -7.268  -1.333  3.983   1.00 24.31 ? 102 VAL X N   1 
ATOM 876  C CA  . VAL A 1 102 ? -6.874  -2.707  3.862   1.00 24.09 ? 102 VAL X CA  1 
ATOM 877  C C   . VAL A 1 102 ? -5.602  -3.024  4.613   1.00 24.67 ? 102 VAL X C   1 
ATOM 878  O O   . VAL A 1 102 ? -4.625  -2.259  4.607   1.00 24.68 ? 102 VAL X O   1 
ATOM 879  C CB  . VAL A 1 102 ? -6.964  -3.250  2.392   1.00 25.05 ? 102 VAL X CB  1 
ATOM 880  C CG1 . VAL A 1 102 ? -7.313  -2.199  1.427   1.00 23.75 ? 102 VAL X CG1 1 
ATOM 881  C CG2 . VAL A 1 102 ? -5.803  -4.104  1.981   1.00 24.46 ? 102 VAL X CG2 1 
ATOM 882  N N   . TYR A 1 103 ? -5.651  -4.138  5.330   1.00 24.35 ? 103 TYR X N   1 
ATOM 883  C CA  . TYR A 1 103 ? -4.527  -4.545  6.115   1.00 24.07 ? 103 TYR X CA  1 
ATOM 884  C C   . TYR A 1 103 ? -3.916  -5.786  5.469   1.00 24.47 ? 103 TYR X C   1 
ATOM 885  O O   . TYR A 1 103 ? -4.569  -6.836  5.357   1.00 23.73 ? 103 TYR X O   1 
ATOM 886  C CB  . TYR A 1 103 ? -4.983  -4.838  7.545   1.00 24.24 ? 103 TYR X CB  1 
ATOM 887  C CG  . TYR A 1 103 ? -3.830  -5.115  8.465   1.00 25.07 ? 103 TYR X CG  1 
ATOM 888  C CD1 . TYR A 1 103 ? -2.940  -4.108  8.815   1.00 27.72 ? 103 TYR X CD1 1 
ATOM 889  C CD2 . TYR A 1 103 ? -3.631  -6.383  8.985   1.00 26.95 ? 103 TYR X CD2 1 
ATOM 890  C CE1 . TYR A 1 103 ? -1.870  -4.363  9.669   1.00 30.03 ? 103 TYR X CE1 1 
ATOM 891  C CE2 . TYR A 1 103 ? -2.564  -6.656  9.840   1.00 27.16 ? 103 TYR X CE2 1 
ATOM 892  C CZ  . TYR A 1 103 ? -1.704  -5.643  10.182  1.00 30.11 ? 103 TYR X CZ  1 
ATOM 893  O OH  . TYR A 1 103 ? -0.660  -5.919  11.030  1.00 34.16 ? 103 TYR X OH  1 
ATOM 894  N N   . PRO A 1 104 ? -2.662  -5.667  5.027   1.00 24.92 ? 104 PRO X N   1 
ATOM 895  C CA  . PRO A 1 104 ? -2.024  -6.766  4.342   1.00 26.20 ? 104 PRO X CA  1 
ATOM 896  C C   . PRO A 1 104 ? -1.173  -7.650  5.233   1.00 27.48 ? 104 PRO X C   1 
ATOM 897  O O   . PRO A 1 104 ? -0.373  -7.170  6.015   1.00 27.93 ? 104 PRO X O   1 
ATOM 898  C CB  . PRO A 1 104 ? -1.174  -6.071  3.270   1.00 26.66 ? 104 PRO X CB  1 
ATOM 899  C CG  . PRO A 1 104 ? -0.897  -4.682  3.819   1.00 26.66 ? 104 PRO X CG  1 
ATOM 900  C CD  . PRO A 1 104 ? -1.890  -4.414  4.950   1.00 24.84 ? 104 PRO X CD  1 
ATOM 901  N N   . VAL A 1 105 ? -1.360  -8.955  5.091   1.00 29.78 ? 105 VAL X N   1 
ATOM 902  C CA  . VAL A 1 105 ? -0.672  -9.961  5.887   1.00 30.81 ? 105 VAL X CA  1 
ATOM 903  C C   . VAL A 1 105 ? -0.350  -11.168 4.996   1.00 32.03 ? 105 VAL X C   1 
ATOM 904  O O   . VAL A 1 105 ? -0.771  -11.233 3.827   1.00 31.36 ? 105 VAL X O   1 
ATOM 905  C CB  . VAL A 1 105 ? -1.582  -10.394 7.069   1.00 31.56 ? 105 VAL X CB  1 
ATOM 906  C CG1 . VAL A 1 105 ? -2.152  -9.165  7.752   1.00 30.70 ? 105 VAL X CG1 1 
ATOM 907  C CG2 . VAL A 1 105 ? -2.738  -11.273 6.584   1.00 31.33 ? 105 VAL X CG2 1 
ATOM 908  N N   . SER A 1 106 ? 0.409   -12.117 5.525   1.00 33.61 ? 106 SER X N   1 
ATOM 909  C CA  . SER A 1 106 ? 0.568   -13.412 4.851   1.00 35.81 ? 106 SER X CA  1 
ATOM 910  C C   . SER A 1 106 ? 0.062   -14.503 5.774   1.00 37.53 ? 106 SER X C   1 
ATOM 911  O O   . SER A 1 106 ? 0.087   -14.342 6.995   1.00 37.38 ? 106 SER X O   1 
ATOM 912  C CB  . SER A 1 106 ? 2.023   -13.680 4.476   1.00 35.50 ? 106 SER X CB  1 
ATOM 913  O OG  . SER A 1 106 ? 2.858   -13.441 5.579   1.00 36.47 ? 106 SER X OG  1 
ATOM 914  N N   . GLY A 1 107 ? -0.382  -15.609 5.182   1.00 39.62 ? 107 GLY X N   1 
ATOM 915  C CA  . GLY A 1 107 ? -1.033  -16.709 5.910   1.00 42.16 ? 107 GLY X CA  1 
ATOM 916  C C   . GLY A 1 107 ? -0.298  -17.306 7.103   1.00 44.24 ? 107 GLY X C   1 
ATOM 917  O O   . GLY A 1 107 ? -0.929  -17.834 8.030   1.00 44.21 ? 107 GLY X O   1 
ATOM 918  N N   . GLU A 1 108 ? 1.032   -17.239 7.090   1.00 46.12 ? 108 GLU X N   1 
ATOM 919  C CA  . GLU A 1 108 ? 1.820   -17.847 8.154   1.00 48.24 ? 108 GLU X CA  1 
ATOM 920  C C   . GLU A 1 108 ? 2.049   -16.921 9.349   1.00 49.22 ? 108 GLU X C   1 
ATOM 921  O O   . GLU A 1 108 ? 2.290   -17.397 10.461  1.00 49.53 ? 108 GLU X O   1 
ATOM 922  C CB  . GLU A 1 108 ? 3.169   -18.327 7.621   1.00 48.79 ? 108 GLU X CB  1 
ATOM 923  C CG  . GLU A 1 108 ? 3.090   -19.336 6.496   1.00 50.57 ? 108 GLU X CG  1 
ATOM 924  C CD  . GLU A 1 108 ? 4.391   -19.423 5.730   1.00 54.00 ? 108 GLU X CD  1 
ATOM 925  O OE1 . GLU A 1 108 ? 5.426   -19.790 6.334   1.00 55.46 ? 108 GLU X OE1 1 
ATOM 926  O OE2 . GLU A 1 108 ? 4.386   -19.111 4.519   1.00 56.29 ? 108 GLU X OE2 1 
ATOM 927  N N   . ILE A 1 109 ? 1.989   -15.609 9.139   1.00 50.17 ? 109 ILE X N   1 
ATOM 928  C CA  . ILE A 1 109 ? 2.257   -14.692 10.250  1.00 51.15 ? 109 ILE X CA  1 
ATOM 929  C C   . ILE A 1 109 ? 1.139   -14.712 11.299  1.00 51.92 ? 109 ILE X C   1 
ATOM 930  O O   . ILE A 1 109 ? -0.046  -14.654 10.974  1.00 52.38 ? 109 ILE X O   1 
ATOM 931  C CB  . ILE A 1 109 ? 2.683   -13.255 9.809   1.00 51.02 ? 109 ILE X CB  1 
ATOM 932  C CG1 . ILE A 1 109 ? 1.743   -12.665 8.750   1.00 50.71 ? 109 ILE X CG1 1 
ATOM 933  C CG2 . ILE A 1 109 ? 4.134   -13.271 9.327   1.00 51.10 ? 109 ILE X CG2 1 
ATOM 934  C CD1 . ILE A 1 109 ? 2.070   -11.200 8.375   1.00 48.74 ? 109 ILE X CD1 1 
ATOM 935  N N   . ARG A 1 110 ? 1.538   -14.836 12.561  1.00 52.66 ? 110 ARG X N   1 
ATOM 936  C CA  . ARG A 1 110 ? 0.614   -15.170 13.648  1.00 53.04 ? 110 ARG X CA  1 
ATOM 937  C C   . ARG A 1 110 ? -0.343  -14.033 14.047  1.00 52.84 ? 110 ARG X C   1 
ATOM 938  O O   . ARG A 1 110 ? -0.153  -12.874 13.659  1.00 53.08 ? 110 ARG X O   1 
ATOM 939  C CB  . ARG A 1 110 ? 1.398   -15.675 14.859  1.00 53.40 ? 110 ARG X CB  1 
ATOM 940  C CG  . ARG A 1 110 ? 0.539   -16.209 15.982  1.00 54.56 ? 110 ARG X CG  1 
ATOM 941  C CD  . ARG A 1 110 ? 1.405   -16.506 17.186  1.00 57.07 ? 110 ARG X CD  1 
ATOM 942  N NE  . ARG A 1 110 ? 0.626   -16.493 18.420  1.00 59.69 ? 110 ARG X NE  1 
ATOM 943  C CZ  . ARG A 1 110 ? 0.393   -15.402 19.145  1.00 61.24 ? 110 ARG X CZ  1 
ATOM 944  N NH1 . ARG A 1 110 ? 0.879   -14.224 18.758  1.00 61.74 ? 110 ARG X NH1 1 
ATOM 945  N NH2 . ARG A 1 110 ? -0.328  -15.490 20.258  1.00 61.71 ? 110 ARG X NH2 1 
ATOM 946  N N   . MET A 1 111 ? -1.370  -14.380 14.822  1.00 52.36 ? 111 MET X N   1 
ATOM 947  C CA  . MET A 1 111 ? -2.403  -13.431 15.231  1.00 51.72 ? 111 MET X CA  1 
ATOM 948  C C   . MET A 1 111 ? -3.235  -13.969 16.379  1.00 50.24 ? 111 MET X C   1 
ATOM 949  O O   . MET A 1 111 ? -3.428  -15.173 16.488  1.00 50.39 ? 111 MET X O   1 
ATOM 950  C CB  . MET A 1 111 ? -3.346  -13.142 14.062  1.00 52.43 ? 111 MET X CB  1 
ATOM 951  C CG  . MET A 1 111 ? -3.100  -11.795 13.436  1.00 55.76 ? 111 MET X CG  1 
ATOM 952  S SD  . MET A 1 111 ? -2.819  -10.549 14.722  1.00 63.28 ? 111 MET X SD  1 
ATOM 953  C CE  . MET A 1 111 ? -4.451  -9.811  14.862  1.00 61.45 ? 111 MET X CE  1 
ATOM 954  N N   . THR A 1 112 ? -3.738  -13.084 17.233  1.00 48.28 ? 112 THR X N   1 
ATOM 955  C CA  . THR A 1 112 ? -4.847  -13.465 18.103  1.00 46.58 ? 112 THR X CA  1 
ATOM 956  C C   . THR A 1 112 ? -6.117  -12.763 17.634  1.00 45.22 ? 112 THR X C   1 
ATOM 957  O O   . THR A 1 112 ? -6.063  -11.748 16.914  1.00 44.72 ? 112 THR X O   1 
ATOM 958  C CB  . THR A 1 112 ? -4.607  -13.146 19.600  1.00 46.77 ? 112 THR X CB  1 
ATOM 959  O OG1 . THR A 1 112 ? -4.630  -11.730 19.795  1.00 46.33 ? 112 THR X OG1 1 
ATOM 960  C CG2 . THR A 1 112 ? -3.275  -13.716 20.078  1.00 46.90 ? 112 THR X CG2 1 
ATOM 961  N N   . TRP A 1 113 ? -7.260  -13.309 18.031  1.00 43.48 ? 113 TRP X N   1 
ATOM 962  C CA  . TRP A 1 113 ? -8.527  -12.712 17.662  1.00 41.98 ? 113 TRP X CA  1 
ATOM 963  C C   . TRP A 1 113 ? -8.568  -11.317 18.240  1.00 41.71 ? 113 TRP X C   1 
ATOM 964  O O   . TRP A 1 113 ? -9.234  -10.434 17.713  1.00 41.72 ? 113 TRP X O   1 
ATOM 965  C CB  . TRP A 1 113 ? -9.682  -13.553 18.193  1.00 41.47 ? 113 TRP X CB  1 
ATOM 966  C CG  . TRP A 1 113 ? -9.573  -14.956 17.758  1.00 38.39 ? 113 TRP X CG  1 
ATOM 967  C CD1 . TRP A 1 113 ? -9.215  -16.017 18.523  1.00 35.79 ? 113 TRP X CD1 1 
ATOM 968  C CD2 . TRP A 1 113 ? -9.787  -15.461 16.435  1.00 35.68 ? 113 TRP X CD2 1 
ATOM 969  N NE1 . TRP A 1 113 ? -9.212  -17.161 17.766  1.00 35.60 ? 113 TRP X NE1 1 
ATOM 970  C CE2 . TRP A 1 113 ? -9.558  -16.848 16.480  1.00 34.64 ? 113 TRP X CE2 1 
ATOM 971  C CE3 . TRP A 1 113 ? -10.158 -14.875 15.223  1.00 34.44 ? 113 TRP X CE3 1 
ATOM 972  C CZ2 . TRP A 1 113 ? -9.691  -17.662 15.365  1.00 34.44 ? 113 TRP X CZ2 1 
ATOM 973  C CZ3 . TRP A 1 113 ? -10.291 -15.675 14.118  1.00 34.49 ? 113 TRP X CZ3 1 
ATOM 974  C CH2 . TRP A 1 113 ? -10.057 -17.061 14.192  1.00 35.39 ? 113 TRP X CH2 1 
ATOM 975  N N   . GLY A 1 114 ? -7.842  -11.120 19.335  1.00 41.75 ? 114 GLY X N   1 
ATOM 976  C CA  . GLY A 1 114 ? -7.755  -9.816  19.966  1.00 41.21 ? 114 GLY X CA  1 
ATOM 977  C C   . GLY A 1 114 ? -7.041  -8.821  19.074  1.00 40.83 ? 114 GLY X C   1 
ATOM 978  O O   . GLY A 1 114 ? -7.353  -7.630  19.079  1.00 41.49 ? 114 GLY X O   1 
ATOM 979  N N   . GLU A 1 115 ? -6.079  -9.315  18.302  1.00 40.14 ? 115 GLU X N   1 
ATOM 980  C CA  . GLU A 1 115 ? -5.332  -8.475  17.376  1.00 39.56 ? 115 GLU X CA  1 
ATOM 981  C C   . GLU A 1 115 ? -6.218  -8.042  16.214  1.00 38.06 ? 115 GLU X C   1 
ATOM 982  O O   . GLU A 1 115 ? -6.183  -6.888  15.789  1.00 37.66 ? 115 GLU X O   1 
ATOM 983  C CB  . GLU A 1 115 ? -4.099  -9.214  16.852  1.00 39.99 ? 115 GLU X CB  1 
ATOM 984  C CG  . GLU A 1 115 ? -2.980  -9.356  17.871  1.00 43.22 ? 115 GLU X CG  1 
ATOM 985  C CD  . GLU A 1 115 ? -1.615  -9.474  17.222  1.00 46.71 ? 115 GLU X CD  1 
ATOM 986  O OE1 . GLU A 1 115 ? -1.554  -9.780  16.013  1.00 48.77 ? 115 GLU X OE1 1 
ATOM 987  O OE2 . GLU A 1 115 ? -0.603  -9.261  17.923  1.00 47.96 ? 115 GLU X OE2 1 
ATOM 988  N N   . LEU A 1 116 ? -7.015  -8.978  15.707  1.00 36.74 ? 116 LEU X N   1 
ATOM 989  C CA  . LEU A 1 116 ? -7.934  -8.690  14.614  1.00 35.60 ? 116 LEU X CA  1 
ATOM 990  C C   . LEU A 1 116 ? -8.934  -7.616  15.026  1.00 34.91 ? 116 LEU X C   1 
ATOM 991  O O   . LEU A 1 116 ? -9.243  -6.710  14.252  1.00 33.51 ? 116 LEU X O   1 
ATOM 992  C CB  . LEU A 1 116 ? -8.671  -9.959  14.184  1.00 35.70 ? 116 LEU X CB  1 
ATOM 993  C CG  . LEU A 1 116 ? -9.701  -9.799  13.063  1.00 36.57 ? 116 LEU X CG  1 
ATOM 994  C CD1 . LEU A 1 116 ? -9.031  -9.339  11.778  1.00 36.80 ? 116 LEU X CD1 1 
ATOM 995  C CD2 . LEU A 1 116 ? -10.462 -11.097 12.842  1.00 35.83 ? 116 LEU X CD2 1 
ATOM 996  N N   . LEU A 1 117 ? -9.434  -7.724  16.253  1.00 34.57 ? 117 LEU X N   1 
ATOM 997  C CA  . LEU A 1 117 ? -10.377 -6.746  16.783  1.00 34.34 ? 117 LEU X CA  1 
ATOM 998  C C   . LEU A 1 117 ? -9.732  -5.367  16.850  1.00 33.83 ? 117 LEU X C   1 
ATOM 999  O O   . LEU A 1 117 ? -10.344 -4.366  16.479  1.00 33.88 ? 117 LEU X O   1 
ATOM 1000 C CB  . LEU A 1 117 ? -10.864 -7.169  18.169  1.00 34.71 ? 117 LEU X CB  1 
ATOM 1001 C CG  . LEU A 1 117 ? -12.346 -6.931  18.469  1.00 35.44 ? 117 LEU X CG  1 
ATOM 1002 C CD1 . LEU A 1 117 ? -13.219 -7.549  17.387  1.00 36.03 ? 117 LEU X CD1 1 
ATOM 1003 C CD2 . LEU A 1 117 ? -12.713 -7.479  19.839  1.00 35.05 ? 117 LEU X CD2 1 
ATOM 1004 N N   . ASP A 1 118 ? -8.491  -5.324  17.324  1.00 33.87 ? 118 ASP X N   1 
ATOM 1005 C CA  . ASP A 1 118 ? -7.737  -4.052  17.414  1.00 33.51 ? 118 ASP X CA  1 
ATOM 1006 C C   . ASP A 1 118 ? -7.582  -3.393  16.038  1.00 32.79 ? 118 ASP X C   1 
ATOM 1007 O O   . ASP A 1 118 ? -7.785  -2.179  15.886  1.00 32.48 ? 118 ASP X O   1 
ATOM 1008 C CB  . ASP A 1 118 ? -6.319  -4.279  17.950  1.00 33.56 ? 118 ASP X CB  1 
ATOM 1009 C CG  . ASP A 1 118 ? -6.276  -4.575  19.433  1.00 36.49 ? 118 ASP X CG  1 
ATOM 1010 O OD1 . ASP A 1 118 ? -5.172  -4.462  20.007  1.00 38.06 ? 118 ASP X OD1 1 
ATOM 1011 O OD2 . ASP A 1 118 ? -7.319  -4.932  20.031  1.00 38.21 ? 118 ASP X OD2 1 
ATOM 1012 N N   . ILE A 1 119 ? -7.171  -4.188  15.046  1.00 31.71 ? 119 ILE X N   1 
ATOM 1013 C CA  . ILE A 1 119 ? -6.993  -3.670  13.686  1.00 30.99 ? 119 ILE X CA  1 
ATOM 1014 C C   . ILE A 1 119 ? -8.337  -3.177  13.173  1.00 30.19 ? 119 ILE X C   1 
ATOM 1015 O O   . ILE A 1 119 ? -8.464  -2.066  12.698  1.00 29.73 ? 119 ILE X O   1 
ATOM 1016 C CB  . ILE A 1 119 ? -6.442  -4.748  12.706  1.00 31.26 ? 119 ILE X CB  1 
ATOM 1017 C CG1 . ILE A 1 119 ? -5.113  -5.310  13.202  1.00 32.74 ? 119 ILE X CG1 1 
ATOM 1018 C CG2 . ILE A 1 119 ? -6.268  -4.177  11.288  1.00 30.64 ? 119 ILE X CG2 1 
ATOM 1019 C CD1 . ILE A 1 119 ? -4.188  -4.236  13.713  1.00 34.86 ? 119 ILE X CD1 1 
ATOM 1020 N N   . TYR A 1 120 ? -9.355  -4.017  13.280  1.00 30.27 ? 120 TYR X N   1 
ATOM 1021 C CA  . TYR A 1 120 ? -10.667 -3.638  12.783  1.00 29.90 ? 120 TYR X CA  1 
ATOM 1022 C C   . TYR A 1 120 ? -11.141 -2.354  13.450  1.00 30.40 ? 120 TYR X C   1 
ATOM 1023 O O   . TYR A 1 120 ? -11.690 -1.463  12.791  1.00 30.06 ? 120 TYR X O   1 
ATOM 1024 C CB  . TYR A 1 120 ? -11.654 -4.763  13.056  1.00 29.78 ? 120 TYR X CB  1 
ATOM 1025 C CG  . TYR A 1 120 ? -13.079 -4.392  12.753  1.00 28.67 ? 120 TYR X CG  1 
ATOM 1026 C CD1 . TYR A 1 120 ? -13.495 -4.219  11.441  1.00 27.42 ? 120 TYR X CD1 1 
ATOM 1027 C CD2 . TYR A 1 120 ? -14.008 -4.235  13.772  1.00 27.11 ? 120 TYR X CD2 1 
ATOM 1028 C CE1 . TYR A 1 120 ? -14.789 -3.895  11.141  1.00 27.72 ? 120 TYR X CE1 1 
ATOM 1029 C CE2 . TYR A 1 120 ? -15.314 -3.908  13.483  1.00 26.99 ? 120 TYR X CE2 1 
ATOM 1030 C CZ  . TYR A 1 120 ? -15.695 -3.743  12.162  1.00 27.23 ? 120 TYR X CZ  1 
ATOM 1031 O OH  . TYR A 1 120 ? -16.982 -3.419  11.846  1.00 28.06 ? 120 TYR X OH  1 
ATOM 1032 N N   . ASN A 1 121 ? -10.935 -2.268  14.768  1.00 30.79 ? 121 ASN X N   1 
ATOM 1033 C CA  . ASN A 1 121 ? -11.372 -1.098  15.550  1.00 32.13 ? 121 ASN X CA  1 
ATOM 1034 C C   . ASN A 1 121 ? -10.702 0.187   15.098  1.00 32.23 ? 121 ASN X C   1 
ATOM 1035 O O   . ASN A 1 121 ? -11.317 1.249   15.052  1.00 32.15 ? 121 ASN X O   1 
ATOM 1036 C CB  . ASN A 1 121 ? -11.140 -1.318  17.051  1.00 32.12 ? 121 ASN X CB  1 
ATOM 1037 C CG  . ASN A 1 121 ? -12.081 -2.350  17.627  1.00 33.54 ? 121 ASN X CG  1 
ATOM 1038 O OD1 . ASN A 1 121 ? -13.143 -2.607  17.064  1.00 35.37 ? 121 ASN X OD1 1 
ATOM 1039 N ND2 . ASN A 1 121 ? -11.699 -2.956  18.738  1.00 34.55 ? 121 ASN X ND2 1 
ATOM 1040 N N   . LYS A 1 122 ? -9.435  0.077   14.744  1.00 33.05 ? 122 LYS X N   1 
ATOM 1041 C CA  . LYS A 1 122 ? -8.694  1.219   14.251  1.00 34.71 ? 122 LYS X CA  1 
ATOM 1042 C C   . LYS A 1 122 ? -9.321  1.745   12.962  1.00 34.77 ? 122 LYS X C   1 
ATOM 1043 O O   . LYS A 1 122 ? -9.377  2.961   12.745  1.00 35.75 ? 122 LYS X O   1 
ATOM 1044 C CB  . LYS A 1 122 ? -7.258  0.790   13.995  1.00 35.49 ? 122 LYS X CB  1 
ATOM 1045 C CG  . LYS A 1 122 ? -6.317  1.885   13.580  1.00 38.34 ? 122 LYS X CG  1 
ATOM 1046 C CD  . LYS A 1 122 ? -4.910  1.314   13.522  1.00 42.10 ? 122 LYS X CD  1 
ATOM 1047 C CE  . LYS A 1 122 ? -4.701  0.364   14.690  1.00 43.73 ? 122 LYS X CE  1 
ATOM 1048 N NZ  . LYS A 1 122 ? -3.817  -0.757  14.289  1.00 46.36 ? 122 LYS X NZ  1 
ATOM 1049 N N   . ALA A 1 123 ? -9.794  0.828   12.110  1.00 34.67 ? 123 ALA X N   1 
ATOM 1050 C CA  . ALA A 1 123 ? -10.459 1.200   10.854  1.00 34.06 ? 123 ALA X CA  1 
ATOM 1051 C C   . ALA A 1 123 ? -11.817 1.834   11.141  1.00 34.15 ? 123 ALA X C   1 
ATOM 1052 O O   . ALA A 1 123 ? -12.249 2.763   10.460  1.00 34.36 ? 123 ALA X O   1 
ATOM 1053 C CB  . ALA A 1 123 ? -10.642 -0.020  9.961   1.00 33.11 ? 123 ALA X CB  1 
ATOM 1054 N N   . ILE A 1 124 ? -12.499 1.301   12.143  1.00 34.18 ? 124 ILE X N   1 
ATOM 1055 C CA  . ILE A 1 124 ? -13.786 1.841   12.551  1.00 34.20 ? 124 ILE X CA  1 
ATOM 1056 C C   . ILE A 1 124 ? -13.582 3.215   13.174  1.00 34.16 ? 124 ILE X C   1 
ATOM 1057 O O   . ILE A 1 124 ? -14.389 4.107   12.963  1.00 33.84 ? 124 ILE X O   1 
ATOM 1058 C CB  . ILE A 1 124 ? -14.511 0.890   13.532  1.00 34.08 ? 124 ILE X CB  1 
ATOM 1059 C CG1 . ILE A 1 124 ? -15.007 -0.337  12.769  1.00 34.11 ? 124 ILE X CG1 1 
ATOM 1060 C CG2 . ILE A 1 124 ? -15.668 1.591   14.234  1.00 34.62 ? 124 ILE X CG2 1 
ATOM 1061 C CD1 . ILE A 1 124 ? -15.190 -0.081  11.276  1.00 34.00 ? 124 ILE X CD1 1 
ATOM 1062 N N   . ALA A 1 125 ? -12.491 3.386   13.916  1.00 34.52 ? 125 ALA X N   1 
ATOM 1063 C CA  . ALA A 1 125 ? -12.193 4.682   14.541  1.00 35.08 ? 125 ALA X CA  1 
ATOM 1064 C C   . ALA A 1 125 ? -11.911 5.732   13.475  1.00 35.59 ? 125 ALA X C   1 
ATOM 1065 O O   . ALA A 1 125 ? -12.017 6.925   13.734  1.00 36.06 ? 125 ALA X O   1 
ATOM 1066 C CB  . ALA A 1 125 ? -11.012 4.572   15.500  1.00 34.93 ? 125 ALA X CB  1 
ATOM 1067 N N   . ARG A 1 126 ? -11.546 5.285   12.276  1.00 35.53 ? 126 ARG X N   1 
ATOM 1068 C CA  . ARG A 1 126 ? -11.385 6.195   11.152  1.00 35.43 ? 126 ARG X CA  1 
ATOM 1069 C C   . ARG A 1 126 ? -12.608 6.168   10.255  1.00 35.45 ? 126 ARG X C   1 
ATOM 1070 O O   . ARG A 1 126 ? -12.564 6.618   9.123   1.00 35.42 ? 126 ARG X O   1 
ATOM 1071 C CB  . ARG A 1 126 ? -10.122 5.845   10.348  1.00 35.48 ? 126 ARG X CB  1 
ATOM 1072 C CG  . ARG A 1 126 ? -8.867  6.156   11.134  1.00 35.48 ? 126 ARG X CG  1 
ATOM 1073 C CD  . ARG A 1 126 ? -7.638  5.645   10.464  1.00 33.79 ? 126 ARG X CD  1 
ATOM 1074 N NE  . ARG A 1 126 ? -7.476  6.199   9.125   1.00 34.51 ? 126 ARG X NE  1 
ATOM 1075 C CZ  . ARG A 1 126 ? -6.490  5.840   8.315   1.00 33.97 ? 126 ARG X CZ  1 
ATOM 1076 N NH1 . ARG A 1 126 ? -5.605  4.946   8.732   1.00 33.61 ? 126 ARG X NH1 1 
ATOM 1077 N NH2 . ARG A 1 126 ? -6.382  6.357   7.100   1.00 36.02 ? 126 ARG X NH2 1 
ATOM 1078 N N   . LYS A 1 127 ? -13.704 5.618   10.751  1.00 35.56 ? 127 LYS X N   1 
ATOM 1079 C CA  . LYS A 1 127 ? -14.957 5.702   10.012  1.00 35.57 ? 127 LYS X CA  1 
ATOM 1080 C C   . LYS A 1 127 ? -14.894 5.072   8.627   1.00 35.15 ? 127 LYS X C   1 
ATOM 1081 O O   . LYS A 1 127 ? -15.497 5.570   7.681   1.00 35.41 ? 127 LYS X O   1 
ATOM 1082 C CB  . LYS A 1 127 ? -15.381 7.170   9.886   1.00 35.92 ? 127 LYS X CB  1 
ATOM 1083 C CG  . LYS A 1 127 ? -16.123 7.716   11.111  1.00 37.04 ? 127 LYS X CG  1 
ATOM 1084 C CD  . LYS A 1 127 ? -16.265 9.225   10.998  1.00 39.06 ? 127 LYS X CD  1 
ATOM 1085 C CE  . LYS A 1 127 ? -17.425 9.743   11.807  1.00 39.55 ? 127 LYS X CE  1 
ATOM 1086 N NZ  . LYS A 1 127 ? -17.578 11.208  11.561  1.00 40.07 ? 127 LYS X NZ  1 
ATOM 1087 N N   . SER A 1 128 ? -14.168 3.973   8.477   1.00 34.57 ? 128 SER X N   1 
ATOM 1088 C CA  . SER A 1 128 ? -14.246 3.289   7.194   1.00 33.90 ? 128 SER X CA  1 
ATOM 1089 C C   . SER A 1 128 ? -14.294 1.774   7.296   1.00 32.86 ? 128 SER X C   1 
ATOM 1090 O O   . SER A 1 128 ? -13.976 1.182   8.334   1.00 32.65 ? 128 SER X O   1 
ATOM 1091 C CB  . SER A 1 128 ? -13.135 3.742   6.237   1.00 34.01 ? 128 SER X CB  1 
ATOM 1092 O OG  . SER A 1 128 ? -11.865 3.398   6.740   1.00 37.35 ? 128 SER X OG  1 
ATOM 1093 N N   . LYS A 1 129 ? -14.721 1.163   6.200   1.00 31.74 ? 129 LYS X N   1 
ATOM 1094 C CA  . LYS A 1 129 ? -14.771 -0.280  6.091   1.00 30.87 ? 129 LYS X CA  1 
ATOM 1095 C C   . LYS A 1 129 ? -13.370 -0.890  6.099   1.00 30.03 ? 129 LYS X C   1 
ATOM 1096 O O   . LYS A 1 129 ? -12.371 -0.226  5.782   1.00 29.22 ? 129 LYS X O   1 
ATOM 1097 C CB  . LYS A 1 129 ? -15.547 -0.695  4.842   1.00 30.89 ? 129 LYS X CB  1 
ATOM 1098 C CG  . LYS A 1 129 ? -17.023 -0.285  4.910   1.00 31.79 ? 129 LYS X CG  1 
ATOM 1099 C CD  . LYS A 1 129 ? -17.755 -0.557  3.614   1.00 34.21 ? 129 LYS X CD  1 
ATOM 1100 C CE  . LYS A 1 129 ? -17.710 0.663   2.690   1.00 38.24 ? 129 LYS X CE  1 
ATOM 1101 N NZ  . LYS A 1 129 ? -16.452 0.735   1.904   1.00 40.04 ? 129 LYS X NZ  1 
ATOM 1102 N N   . PHE A 1 130 ? -13.322 -2.165  6.470   1.00 28.58 ? 130 PHE X N   1 
ATOM 1103 C CA  . PHE A 1 130 ? -12.080 -2.852  6.739   1.00 27.45 ? 130 PHE X CA  1 
ATOM 1104 C C   . PHE A 1 130 ? -11.998 -4.076  5.864   1.00 26.21 ? 130 PHE X C   1 
ATOM 1105 O O   . PHE A 1 130 ? -12.979 -4.815  5.703   1.00 25.46 ? 130 PHE X O   1 
ATOM 1106 C CB  . PHE A 1 130 ? -11.974 -3.259  8.205   1.00 27.13 ? 130 PHE X CB  1 
ATOM 1107 C CG  . PHE A 1 130 ? -10.815 -4.190  8.499   1.00 28.46 ? 130 PHE X CG  1 
ATOM 1108 C CD1 . PHE A 1 130 ? -9.504  -3.769  8.314   1.00 27.70 ? 130 PHE X CD1 1 
ATOM 1109 C CD2 . PHE A 1 130 ? -11.041 -5.482  8.978   1.00 28.84 ? 130 PHE X CD2 1 
ATOM 1110 C CE1 . PHE A 1 130 ? -8.445  -4.613  8.572   1.00 26.42 ? 130 PHE X CE1 1 
ATOM 1111 C CE2 . PHE A 1 130 ? -9.980  -6.331  9.256   1.00 29.03 ? 130 PHE X CE2 1 
ATOM 1112 C CZ  . PHE A 1 130 ? -8.672  -5.893  9.048   1.00 28.26 ? 130 PHE X CZ  1 
ATOM 1113 N N   . MET A 1 131 ? -10.822 -4.268  5.292   1.00 24.85 ? 131 MET X N   1 
ATOM 1114 C CA  . MET A 1 131 ? -10.571 -5.384  4.401   1.00 25.27 ? 131 MET X CA  1 
ATOM 1115 C C   . MET A 1 131 ? -9.239  -5.991  4.783   1.00 24.72 ? 131 MET X C   1 
ATOM 1116 O O   . MET A 1 131 ? -8.268  -5.279  4.987   1.00 26.00 ? 131 MET X O   1 
ATOM 1117 C CB  . MET A 1 131 ? -10.503 -4.885  2.938   1.00 25.47 ? 131 MET X CB  1 
ATOM 1118 C CG  . MET A 1 131 ? -10.312 -5.967  1.925   1.00 26.06 ? 131 MET X CG  1 
ATOM 1119 S SD  . MET A 1 131 ? -10.201 -5.332  0.236   1.00 29.96 ? 131 MET X SD  1 
ATOM 1120 C CE  . MET A 1 131 ? -11.766 -4.523  0.069   1.00 25.77 ? 131 MET X CE  1 
ATOM 1121 N N   . LEU A 1 132 ? -9.188  -7.310  4.849   1.00 24.87 ? 132 LEU X N   1 
ATOM 1122 C CA  . LEU A 1 132 ? -7.936  -8.022  5.031   1.00 24.73 ? 132 LEU X CA  1 
ATOM 1123 C C   . LEU A 1 132 ? -7.414  -8.493  3.663   1.00 24.66 ? 132 LEU X C   1 
ATOM 1124 O O   . LEU A 1 132 ? -8.170  -9.031  2.866   1.00 25.57 ? 132 LEU X O   1 
ATOM 1125 C CB  . LEU A 1 132 ? -8.180  -9.223  5.924   1.00 24.62 ? 132 LEU X CB  1 
ATOM 1126 C CG  . LEU A 1 132 ? -7.015  -10.113 6.318   1.00 26.66 ? 132 LEU X CG  1 
ATOM 1127 C CD1 . LEU A 1 132 ? -6.125  -9.373  7.272   1.00 27.48 ? 132 LEU X CD1 1 
ATOM 1128 C CD2 . LEU A 1 132 ? -7.577  -11.406 6.990   1.00 27.86 ? 132 LEU X CD2 1 
ATOM 1129 N N   . ALA A 1 133 ? -6.132  -8.289  3.396   1.00 23.65 ? 133 ALA X N   1 
ATOM 1130 C CA  . ALA A 1 133 ? -5.525  -8.804  2.184   1.00 24.16 ? 133 ALA X CA  1 
ATOM 1131 C C   . ALA A 1 133 ? -4.524  -9.869  2.584   1.00 23.70 ? 133 ALA X C   1 
ATOM 1132 O O   . ALA A 1 133 ? -3.607  -9.601  3.342   1.00 24.06 ? 133 ALA X O   1 
ATOM 1133 C CB  . ALA A 1 133 ? -4.822  -7.667  1.413   1.00 23.50 ? 133 ALA X CB  1 
ATOM 1134 N N   . ILE A 1 134 ? -4.716  -11.085 2.093   1.00 23.49 ? 134 ILE X N   1 
ATOM 1135 C CA  . ILE A 1 134 ? -3.801  -12.159 2.397   1.00 23.93 ? 134 ILE X CA  1 
ATOM 1136 C C   . ILE A 1 134 ? -2.923  -12.452 1.173   1.00 24.29 ? 134 ILE X C   1 
ATOM 1137 O O   . ILE A 1 134 ? -3.428  -12.793 0.125   1.00 24.84 ? 134 ILE X O   1 
ATOM 1138 C CB  . ILE A 1 134 ? -4.606  -13.410 2.835   1.00 23.63 ? 134 ILE X CB  1 
ATOM 1139 C CG1 . ILE A 1 134 ? -5.431  -13.065 4.082   1.00 23.70 ? 134 ILE X CG1 1 
ATOM 1140 C CG2 . ILE A 1 134 ? -3.677  -14.606 3.067   1.00 22.79 ? 134 ILE X CG2 1 
ATOM 1141 C CD1 . ILE A 1 134 ? -6.298  -14.230 4.566   1.00 28.12 ? 134 ILE X CD1 1 
ATOM 1142 N N   . VAL A 1 135 ? -1.614  -12.319 1.302   1.00 24.95 ? 135 VAL X N   1 
ATOM 1143 C CA  . VAL A 1 135 ? -0.711  -12.611 0.187   1.00 26.17 ? 135 VAL X CA  1 
ATOM 1144 C C   . VAL A 1 135 ? -0.137  -14.005 0.401   1.00 26.45 ? 135 VAL X C   1 
ATOM 1145 O O   . VAL A 1 135 ? 0.382   -14.297 1.464   1.00 27.30 ? 135 VAL X O   1 
ATOM 1146 C CB  . VAL A 1 135 ? 0.423   -11.553 0.116   1.00 25.94 ? 135 VAL X CB  1 
ATOM 1147 C CG1 . VAL A 1 135 ? 1.033   -11.373 1.479   1.00 29.76 ? 135 VAL X CG1 1 
ATOM 1148 C CG2 . VAL A 1 135 ? 1.501   -11.938 -0.893  1.00 24.40 ? 135 VAL X CG2 1 
ATOM 1149 N N   . ASP A 1 136 ? -0.268  -14.883 -0.585  1.00 27.17 ? 136 ASP X N   1 
ATOM 1150 C CA  . ASP A 1 136 ? 0.221   -16.239 -0.440  1.00 27.60 ? 136 ASP X CA  1 
ATOM 1151 C C   . ASP A 1 136 ? 1.644   -16.294 -0.952  1.00 28.07 ? 136 ASP X C   1 
ATOM 1152 O O   . ASP A 1 136 ? 2.223   -15.262 -1.330  1.00 28.75 ? 136 ASP X O   1 
ATOM 1153 C CB  . ASP A 1 136 ? -0.680  -17.223 -1.200  1.00 27.51 ? 136 ASP X CB  1 
ATOM 1154 C CG  . ASP A 1 136 ? -0.595  -17.050 -2.716  1.00 29.02 ? 136 ASP X CG  1 
ATOM 1155 O OD1 . ASP A 1 136 ? -1.499  -17.563 -3.404  1.00 29.11 ? 136 ASP X OD1 1 
ATOM 1156 O OD2 . ASP A 1 136 ? 0.367   -16.416 -3.230  1.00 28.36 ? 136 ASP X OD2 1 
ATOM 1157 N N   . SER A 1 137 ? 2.204   -17.494 -0.998  1.00 28.36 ? 137 SER X N   1 
ATOM 1158 C CA  . SER A 1 137 ? 3.629   -17.661 -1.269  1.00 29.04 ? 137 SER X CA  1 
ATOM 1159 C C   . SER A 1 137 ? 4.023   -17.382 -2.707  1.00 29.00 ? 137 SER X C   1 
ATOM 1160 O O   . SER A 1 137 ? 5.212   -17.277 -3.002  1.00 29.74 ? 137 SER X O   1 
ATOM 1161 C CB  . SER A 1 137 ? 4.073   -19.073 -0.893  1.00 29.54 ? 137 SER X CB  1 
ATOM 1162 O OG  . SER A 1 137 ? 3.299   -20.026 -1.607  1.00 31.19 ? 137 SER X OG  1 
ATOM 1163 N N   . GLU A 1 138 ? 3.058   -17.253 -3.615  1.00 28.45 ? 138 GLU X N   1 
ATOM 1164 C CA  . GLU A 1 138 ? 3.405   -16.859 -4.991  1.00 27.73 ? 138 GLU X CA  1 
ATOM 1165 C C   . GLU A 1 138 ? 3.200   -15.361 -5.191  1.00 27.39 ? 138 GLU X C   1 
ATOM 1166 O O   . GLU A 1 138 ? 3.315   -14.869 -6.302  1.00 27.32 ? 138 GLU X O   1 
ATOM 1167 C CB  . GLU A 1 138 ? 2.594   -17.643 -6.024  1.00 27.58 ? 138 GLU X CB  1 
ATOM 1168 C CG  . GLU A 1 138 ? 2.801   -19.142 -5.938  1.00 28.74 ? 138 GLU X CG  1 
ATOM 1169 C CD  . GLU A 1 138 ? 2.294   -19.909 -7.168  1.00 29.49 ? 138 GLU X CD  1 
ATOM 1170 O OE1 . GLU A 1 138 ? 2.782   -21.035 -7.397  1.00 29.34 ? 138 GLU X OE1 1 
ATOM 1171 O OE2 . GLU A 1 138 ? 1.413   -19.404 -7.905  1.00 28.49 ? 138 GLU X OE2 1 
ATOM 1172 N N   . GLY A 1 139 ? 2.880   -14.634 -4.121  1.00 26.33 ? 139 GLY X N   1 
ATOM 1173 C CA  . GLY A 1 139 ? 2.646   -13.197 -4.245  1.00 25.12 ? 139 GLY X CA  1 
ATOM 1174 C C   . GLY A 1 139 ? 1.251   -12.834 -4.730  1.00 24.82 ? 139 GLY X C   1 
ATOM 1175 O O   . GLY A 1 139 ? 0.992   -11.682 -5.040  1.00 24.08 ? 139 GLY X O   1 
ATOM 1176 N N   . ASP A 1 140 ? 0.355   -13.815 -4.814  1.00 24.11 ? 140 ASP X N   1 
ATOM 1177 C CA  . ASP A 1 140 ? -1.022  -13.560 -5.213  1.00 24.54 ? 140 ASP X CA  1 
ATOM 1178 C C   . ASP A 1 140 ? -1.824  -13.100 -3.991  1.00 24.47 ? 140 ASP X C   1 
ATOM 1179 O O   . ASP A 1 140 ? -1.541  -13.511 -2.866  1.00 24.85 ? 140 ASP X O   1 
ATOM 1180 C CB  . ASP A 1 140 ? -1.654  -14.824 -5.794  1.00 24.86 ? 140 ASP X CB  1 
ATOM 1181 C CG  . ASP A 1 140 ? -0.970  -15.266 -7.081  1.00 28.21 ? 140 ASP X CG  1 
ATOM 1182 O OD1 . ASP A 1 140 ? -0.762  -14.398 -7.949  1.00 28.97 ? 140 ASP X OD1 1 
ATOM 1183 O OD2 . ASP A 1 140 ? -0.629  -16.462 -7.219  1.00 32.01 ? 140 ASP X OD2 1 
ATOM 1184 N N   . VAL A 1 141 ? -2.815  -12.247 -4.207  1.00 23.58 ? 141 VAL X N   1 
ATOM 1185 C CA  . VAL A 1 141 ? -3.508  -11.637 -3.089  1.00 23.72 ? 141 VAL X CA  1 
ATOM 1186 C C   . VAL A 1 141 ? -4.972  -11.996 -3.147  1.00 23.89 ? 141 VAL X C   1 
ATOM 1187 O O   . VAL A 1 141 ? -5.558  -11.993 -4.230  1.00 23.68 ? 141 VAL X O   1 
ATOM 1188 C CB  . VAL A 1 141 ? -3.350  -10.108 -3.125  1.00 23.84 ? 141 VAL X CB  1 
ATOM 1189 C CG1 . VAL A 1 141 ? -3.704  -9.513  -1.770  1.00 23.44 ? 141 VAL X CG1 1 
ATOM 1190 C CG2 . VAL A 1 141 ? -1.889  -9.737  -3.550  1.00 23.77 ? 141 VAL X CG2 1 
ATOM 1191 N N   . THR A 1 142 ? -5.553  -12.342 -1.998  1.00 22.99 ? 142 THR X N   1 
ATOM 1192 C CA  . THR A 1 142 ? -6.978  -12.472 -1.911  1.00 23.23 ? 142 THR X CA  1 
ATOM 1193 C C   . THR A 1 142 ? -7.492  -11.536 -0.829  1.00 23.40 ? 142 THR X C   1 
ATOM 1194 O O   . THR A 1 142 ? -6.773  -11.184 0.111   1.00 22.89 ? 142 THR X O   1 
ATOM 1195 C CB  . THR A 1 142 ? -7.403  -13.901 -1.595  1.00 23.52 ? 142 THR X CB  1 
ATOM 1196 O OG1 . THR A 1 142 ? -6.652  -14.355 -0.464  1.00 25.83 ? 142 THR X OG1 1 
ATOM 1197 C CG2 . THR A 1 142 ? -7.117  -14.835 -2.789  1.00 23.32 ? 142 THR X CG2 1 
ATOM 1198 N N   . TYR A 1 143 ? -8.748  -11.134 -0.970  1.00 23.86 ? 143 TYR X N   1 
ATOM 1199 C CA  . TYR A 1 143 ? -9.299  -10.070 -0.169  1.00 24.30 ? 143 TYR X CA  1 
ATOM 1200 C C   . TYR A 1 143 ? -10.531 -10.520 0.563   1.00 25.28 ? 143 TYR X C   1 
ATOM 1201 O O   . TYR A 1 143 ? -11.332 -11.267 0.006   1.00 24.88 ? 143 TYR X O   1 
ATOM 1202 C CB  . TYR A 1 143 ? -9.659  -8.933  -1.084  1.00 24.03 ? 143 TYR X CB  1 
ATOM 1203 C CG  . TYR A 1 143 ? -8.460  -8.403  -1.782  1.00 23.75 ? 143 TYR X CG  1 
ATOM 1204 C CD1 . TYR A 1 143 ? -7.638  -7.492  -1.149  1.00 22.06 ? 143 TYR X CD1 1 
ATOM 1205 C CD2 . TYR A 1 143 ? -8.116  -8.847  -3.077  1.00 23.58 ? 143 TYR X CD2 1 
ATOM 1206 C CE1 . TYR A 1 143 ? -6.521  -6.984  -1.783  1.00 24.68 ? 143 TYR X CE1 1 
ATOM 1207 C CE2 . TYR A 1 143 ? -6.980  -8.362  -3.711  1.00 22.48 ? 143 TYR X CE2 1 
ATOM 1208 C CZ  . TYR A 1 143 ? -6.196  -7.426  -3.056  1.00 23.61 ? 143 TYR X CZ  1 
ATOM 1209 O OH  . TYR A 1 143 ? -5.066  -6.915  -3.659  1.00 24.73 ? 143 TYR X OH  1 
ATOM 1210 N N   . TYR A 1 144 ? -10.691 -10.053 1.804   1.00 26.23 ? 144 TYR X N   1 
ATOM 1211 C CA  . TYR A 1 144 ? -11.851 -10.432 2.626   1.00 27.63 ? 144 TYR X CA  1 
ATOM 1212 C C   . TYR A 1 144 ? -12.368 -9.248  3.410   1.00 28.13 ? 144 TYR X C   1 
ATOM 1213 O O   . TYR A 1 144 ? -11.610 -8.587  4.100   1.00 28.34 ? 144 TYR X O   1 
ATOM 1214 C CB  . TYR A 1 144 ? -11.445 -11.491 3.629   1.00 27.43 ? 144 TYR X CB  1 
ATOM 1215 C CG  . TYR A 1 144 ? -10.741 -12.618 2.957   1.00 29.87 ? 144 TYR X CG  1 
ATOM 1216 C CD1 . TYR A 1 144 ? -11.411 -13.804 2.663   1.00 29.86 ? 144 TYR X CD1 1 
ATOM 1217 C CD2 . TYR A 1 144 ? -9.423  -12.480 2.570   1.00 30.17 ? 144 TYR X CD2 1 
ATOM 1218 C CE1 . TYR A 1 144 ? -10.769 -14.833 2.010   1.00 31.72 ? 144 TYR X CE1 1 
ATOM 1219 C CE2 . TYR A 1 144 ? -8.775  -13.491 1.934   1.00 32.47 ? 144 TYR X CE2 1 
ATOM 1220 C CZ  . TYR A 1 144 ? -9.446  -14.655 1.649   1.00 31.78 ? 144 TYR X CZ  1 
ATOM 1221 O OH  . TYR A 1 144 ? -8.765  -15.637 1.011   1.00 35.27 ? 144 TYR X OH  1 
ATOM 1222 N N   . GLU A 1 145 ? -13.657 -8.993  3.325   1.00 28.82 ? 145 GLU X N   1 
ATOM 1223 C CA  . GLU A 1 145 ? -14.217 -7.981  4.191   1.00 29.86 ? 145 GLU X CA  1 
ATOM 1224 C C   . GLU A 1 145 ? -14.402 -8.597  5.574   1.00 29.06 ? 145 GLU X C   1 
ATOM 1225 O O   . GLU A 1 145 ? -14.679 -9.778  5.696   1.00 28.50 ? 145 GLU X O   1 
ATOM 1226 C CB  . GLU A 1 145 ? -15.542 -7.467  3.648   1.00 30.37 ? 145 GLU X CB  1 
ATOM 1227 C CG  . GLU A 1 145 ? -16.144 -6.372  4.502   1.00 34.43 ? 145 GLU X CG  1 
ATOM 1228 C CD  . GLU A 1 145 ? -17.441 -5.877  3.936   1.00 40.78 ? 145 GLU X CD  1 
ATOM 1229 O OE1 . GLU A 1 145 ? -17.650 -4.640  3.918   1.00 42.77 ? 145 GLU X OE1 1 
ATOM 1230 O OE2 . GLU A 1 145 ? -18.247 -6.738  3.506   1.00 44.82 ? 145 GLU X OE2 1 
ATOM 1231 N N   . PHE A 1 146 ? -14.203 -7.798  6.610   1.00 29.15 ? 146 PHE X N   1 
ATOM 1232 C CA  . PHE A 1 146 ? -14.484 -8.219  7.987   1.00 28.93 ? 146 PHE X CA  1 
ATOM 1233 C C   . PHE A 1 146 ? -15.298 -7.093  8.577   1.00 29.41 ? 146 PHE X C   1 
ATOM 1234 O O   . PHE A 1 146 ? -14.841 -5.947  8.561   1.00 29.48 ? 146 PHE X O   1 
ATOM 1235 C CB  . PHE A 1 146 ? -13.164 -8.369  8.757   1.00 28.61 ? 146 PHE X CB  1 
ATOM 1236 C CG  . PHE A 1 146 ? -13.324 -8.772  10.209  1.00 26.84 ? 146 PHE X CG  1 
ATOM 1237 C CD1 . PHE A 1 146 ? -13.309 -7.811  11.223  1.00 25.00 ? 146 PHE X CD1 1 
ATOM 1238 C CD2 . PHE A 1 146 ? -13.437 -10.108 10.567  1.00 24.16 ? 146 PHE X CD2 1 
ATOM 1239 C CE1 . PHE A 1 146 ? -13.426 -8.176  12.547  1.00 22.99 ? 146 PHE X CE1 1 
ATOM 1240 C CE2 . PHE A 1 146 ? -13.558 -10.478 11.920  1.00 23.63 ? 146 PHE X CE2 1 
ATOM 1241 C CZ  . PHE A 1 146 ? -13.553 -9.511  12.897  1.00 22.66 ? 146 PHE X CZ  1 
ATOM 1242 N N   . ARG A 1 147 ? -16.510 -7.386  9.050   1.00 29.01 ? 147 ARG X N   1 
ATOM 1243 C CA  . ARG A 1 147 ? -17.353 -6.330  9.593   1.00 29.60 ? 147 ARG X CA  1 
ATOM 1244 C C   . ARG A 1 147 ? -18.237 -6.829  10.720  1.00 29.06 ? 147 ARG X C   1 
ATOM 1245 O O   . ARG A 1 147 ? -18.741 -7.955  10.693  1.00 28.49 ? 147 ARG X O   1 
ATOM 1246 C CB  . ARG A 1 147 ? -18.223 -5.676  8.516   1.00 29.87 ? 147 ARG X CB  1 
ATOM 1247 C CG  . ARG A 1 147 ? -19.085 -6.668  7.792   1.00 32.92 ? 147 ARG X CG  1 
ATOM 1248 C CD  . ARG A 1 147 ? -20.135 -6.020  6.897   1.00 37.91 ? 147 ARG X CD  1 
ATOM 1249 N NE  . ARG A 1 147 ? -21.085 -7.061  6.505   1.00 41.98 ? 147 ARG X NE  1 
ATOM 1250 C CZ  . ARG A 1 147 ? -22.319 -7.186  6.998   1.00 43.94 ? 147 ARG X CZ  1 
ATOM 1251 N NH1 . ARG A 1 147 ? -22.786 -6.307  7.875   1.00 44.06 ? 147 ARG X NH1 1 
ATOM 1252 N NH2 . ARG A 1 147 ? -23.094 -8.185  6.603   1.00 44.56 ? 147 ARG X NH2 1 
ATOM 1253 N N   . LYS A 1 148 ? -18.421 -5.966  11.708  1.00 28.90 ? 148 LYS X N   1 
ATOM 1254 C CA  . LYS A 1 148 ? -19.217 -6.310  12.881  1.00 29.02 ? 148 LYS X CA  1 
ATOM 1255 C C   . LYS A 1 148 ? -20.690 -6.310  12.505  1.00 29.11 ? 148 LYS X C   1 
ATOM 1256 O O   . LYS A 1 148 ? -21.128 -5.488  11.706  1.00 29.11 ? 148 LYS X O   1 
ATOM 1257 C CB  . LYS A 1 148 ? -18.954 -5.317  14.009  1.00 28.40 ? 148 LYS X CB  1 
ATOM 1258 C CG  . LYS A 1 148 ? -19.818 -5.579  15.219  1.00 28.63 ? 148 LYS X CG  1 
ATOM 1259 C CD  . LYS A 1 148 ? -19.522 -4.612  16.343  1.00 28.47 ? 148 LYS X CD  1 
ATOM 1260 C CE  . LYS A 1 148 ? -20.545 -4.806  17.465  1.00 29.77 ? 148 LYS X CE  1 
ATOM 1261 N NZ  . LYS A 1 148 ? -19.877 -4.594  18.762  1.00 31.25 ? 148 LYS X NZ  1 
ATOM 1262 N N   . LEU A 1 149 ? -21.456 -7.244  13.050  1.00 29.59 ? 149 LEU X N   1 
ATOM 1263 C CA  . LEU A 1 149 ? -22.897 -7.257  12.809  1.00 30.31 ? 149 LEU X CA  1 
ATOM 1264 C C   . LEU A 1 149 ? -23.624 -6.634  13.989  1.00 30.76 ? 149 LEU X C   1 
ATOM 1265 O O   . LEU A 1 149 ? -23.560 -7.209  15.075  1.00 31.26 ? 149 LEU X O   1 
ATOM 1266 C CB  . LEU A 1 149 ? -23.391 -8.687  12.613  1.00 30.29 ? 149 LEU X CB  1 
ATOM 1267 C CG  . LEU A 1 149 ? -22.768 -9.477  11.474  1.00 31.93 ? 149 LEU X CG  1 
ATOM 1268 C CD1 . LEU A 1 149 ? -23.435 -10.830 11.379  1.00 32.85 ? 149 LEU X CD1 1 
ATOM 1269 C CD2 . LEU A 1 149 ? -22.881 -8.707  10.150  1.00 33.29 ? 149 LEU X CD2 1 
# 
loop_
_pdbx_poly_seq_scheme.asym_id 
_pdbx_poly_seq_scheme.entity_id 
_pdbx_poly_seq_scheme.seq_id 
_pdbx_poly_seq_scheme.mon_id 
_pdbx_poly_seq_scheme.ndb_seq_num 
_pdbx_poly_seq_scheme.pdb_seq_num 
_pdbx_poly_seq_scheme.auth_seq_num 
_pdbx_poly_seq_scheme.pdb_mon_id 
_pdbx_poly_seq_scheme.auth_mon_id 
_pdbx_poly_seq_scheme.pdb_strand_id 
_pdbx_poly_seq_scheme.pdb_ins_code 
_pdbx_poly_seq_scheme.hetero 
A 1 1   MET 1   1   1   MET MET X . n 
A 1 2   ASN 2   2   2   ASN ASN X . n 
A 1 3   LEU 3   3   3   LEU LEU X . n 
A 1 4   ARG 4   4   4   ARG ARG X . n 
A 1 5   ILE 5   5   5   ILE ILE X . n 
A 1 6   PRO 6   6   6   PRO PRO X . n 
A 1 7   TRP 7   7   7   TRP TRP X . n 
A 1 8   LYS 8   8   8   LYS LYS X . n 
A 1 9   GLU 9   9   9   GLU GLU X . n 
A 1 10  VAL 10  10  10  VAL VAL X . n 
A 1 11  TYR 11  11  11  TYR TYR X . n 
A 1 12  TYR 12  12  12  TYR TYR X . n 
A 1 13  LEU 13  13  13  LEU LEU X . n 
A 1 14  GLY 14  14  14  GLY GLY X . n 
A 1 15  TYR 15  15  15  TYR TYR X . n 
A 1 16  ASN 16  16  16  ASN ASN X . n 
A 1 17  MET 17  17  17  MET MET X . n 
A 1 18  GLY 18  18  18  GLY GLY X . n 
A 1 19  ASN 19  19  19  ASN ASN X . n 
A 1 20  TYR 20  20  20  TYR TYR X . n 
A 1 21  ILE 21  21  21  ILE ILE X . n 
A 1 22  LYS 22  22  22  LYS LYS X . n 
A 1 23  ILE 23  23  23  ILE ILE X . n 
A 1 24  SER 24  24  24  SER SER X . n 
A 1 25  GLU 25  25  25  GLU GLU X . n 
A 1 26  PRO 26  26  26  PRO PRO X . n 
A 1 27  GLU 27  27  27  GLU GLU X . n 
A 1 28  LEU 28  28  28  LEU LEU X . n 
A 1 29  LEU 29  29  29  LEU LEU X . n 
A 1 30  PHE 30  30  30  PHE PHE X . n 
A 1 31  VAL 31  31  31  VAL VAL X . n 
A 1 32  LEU 32  32  32  LEU LEU X . n 
A 1 33  ARG 33  33  33  ARG ARG X . n 
A 1 34  ASN 34  34  34  ASN ASN X . n 
A 1 35  LYS 35  35  35  LYS LYS X . n 
A 1 36  PRO 36  36  36  PRO PRO X . n 
A 1 37  GLN 37  37  37  GLN GLN X . n 
A 1 38  ILE 38  38  38  ILE ILE X . n 
A 1 39  LYS 39  39  39  LYS LYS X . n 
A 1 40  ASP 40  40  40  ASP ASP X . n 
A 1 41  ARG 41  41  41  ARG ARG X . n 
A 1 42  LEU 42  42  42  LEU LEU X . n 
A 1 43  LYS 43  43  43  LYS LYS X . n 
A 1 44  LEU 44  44  44  LEU LEU X . n 
A 1 45  ASP 45  45  45  ASP ASP X . n 
A 1 46  GLU 46  46  46  GLU GLU X . n 
A 1 47  LYS 47  47  47  LYS LYS X . n 
A 1 48  THR 48  48  48  THR THR X . n 
A 1 49  ILE 49  49  49  ILE ILE X . n 
A 1 50  ILE 50  50  50  ILE ILE X . n 
A 1 51  LYS 51  51  51  LYS LYS X . n 
A 1 52  GLU 52  52  52  GLU GLU X . n 
A 1 53  GLY 53  53  53  GLY GLY X . n 
A 1 54  VAL 54  54  54  VAL VAL X . n 
A 1 55  LYS 55  55  55  LYS LYS X . n 
A 1 56  LYS 56  56  56  LYS LYS X . n 
A 1 57  TYR 57  57  57  TYR TYR X . n 
A 1 58  LYS 58  58  58  LYS LYS X . n 
A 1 59  ASN 59  59  59  ASN ASN X . n 
A 1 60  PHE 60  60  60  PHE PHE X . n 
A 1 61  TRP 61  61  61  TRP TRP X . n 
A 1 62  GLU 62  62  62  GLU GLU X . n 
A 1 63  ILE 63  63  63  ILE ILE X . n 
A 1 64  TYR 64  64  64  TYR TYR X . n 
A 1 65  TYR 65  65  65  TYR TYR X . n 
A 1 66  THR 66  66  66  THR THR X . n 
A 1 67  VAL 67  67  67  VAL VAL X . n 
A 1 68  LYS 68  68  68  LYS LYS X . n 
A 1 69  ASP 69  69  69  ASP ASP X . n 
A 1 70  LEU 70  70  70  LEU LEU X . n 
A 1 71  ILE 71  71  71  ILE ILE X . n 
A 1 72  LEU 72  72  72  LEU LEU X . n 
A 1 73  ARG 73  73  73  ARG ARG X . n 
A 1 74  GLY 74  74  74  GLY GLY X . n 
A 1 75  TYR 75  75  75  TYR TYR X . n 
A 1 76  ARG 76  76  76  ARG ARG X . n 
A 1 77  VAL 77  77  77  VAL VAL X . n 
A 1 78  ARG 78  78  78  ARG ARG X . n 
A 1 79  PHE 79  79  79  PHE PHE X . n 
A 1 80  ASP 80  80  80  ASP ASP X . n 
A 1 81  GLY 81  81  81  GLY GLY X . n 
A 1 82  PHE 82  82  82  PHE PHE X . n 
A 1 83  PHE 83  83  83  PHE PHE X . n 
A 1 84  ILE 84  84  84  ILE ILE X . n 
A 1 85  GLU 85  85  85  GLU GLU X . n 
A 1 86  LEU 86  86  86  LEU LEU X . n 
A 1 87  TYR 87  87  87  TYR TYR X . n 
A 1 88  GLU 88  88  88  GLU GLU X . n 
A 1 89  LYS 89  89  89  LYS LYS X . n 
A 1 90  GLY 90  90  90  GLY GLY X . n 
A 1 91  ILE 91  91  91  ILE ILE X . n 
A 1 92  ILE 92  92  92  ILE ILE X . n 
A 1 93  PRO 93  93  93  PRO PRO X . n 
A 1 94  GLY 94  94  94  GLY GLY X . n 
A 1 95  THR 95  95  95  THR THR X . n 
A 1 96  ILE 96  96  96  ILE ILE X . n 
A 1 97  GLU 97  97  97  GLU GLU X . n 
A 1 98  GLN 98  98  98  GLN GLN X . n 
A 1 99  ASP 99  99  99  ASP ASP X . n 
A 1 100 TYR 100 100 100 TYR TYR X . n 
A 1 101 LEU 101 101 101 LEU LEU X . n 
A 1 102 VAL 102 102 102 VAL VAL X . n 
A 1 103 TYR 103 103 103 TYR TYR X . n 
A 1 104 PRO 104 104 104 PRO PRO X . n 
A 1 105 VAL 105 105 105 VAL VAL X . n 
A 1 106 SER 106 106 106 SER SER X . n 
A 1 107 GLY 107 107 107 GLY GLY X . n 
A 1 108 GLU 108 108 108 GLU GLU X . n 
A 1 109 ILE 109 109 109 ILE ILE X . n 
A 1 110 ARG 110 110 110 ARG ARG X . n 
A 1 111 MET 111 111 111 MET MET X . n 
A 1 112 THR 112 112 112 THR THR X . n 
A 1 113 TRP 113 113 113 TRP TRP X . n 
A 1 114 GLY 114 114 114 GLY GLY X . n 
A 1 115 GLU 115 115 115 GLU GLU X . n 
A 1 116 LEU 116 116 116 LEU LEU X . n 
A 1 117 LEU 117 117 117 LEU LEU X . n 
A 1 118 ASP 118 118 118 ASP ASP X . n 
A 1 119 ILE 119 119 119 ILE ILE X . n 
A 1 120 TYR 120 120 120 TYR TYR X . n 
A 1 121 ASN 121 121 121 ASN ASN X . n 
A 1 122 LYS 122 122 122 LYS LYS X . n 
A 1 123 ALA 123 123 123 ALA ALA X . n 
A 1 124 ILE 124 124 124 ILE ILE X . n 
A 1 125 ALA 125 125 125 ALA ALA X . n 
A 1 126 ARG 126 126 126 ARG ARG X . n 
A 1 127 LYS 127 127 127 LYS LYS X . n 
A 1 128 SER 128 128 128 SER SER X . n 
A 1 129 LYS 129 129 129 LYS LYS X . n 
A 1 130 PHE 130 130 130 PHE PHE X . n 
A 1 131 MET 131 131 131 MET MET X . n 
A 1 132 LEU 132 132 132 LEU LEU X . n 
A 1 133 ALA 133 133 133 ALA ALA X . n 
A 1 134 ILE 134 134 134 ILE ILE X . n 
A 1 135 VAL 135 135 135 VAL VAL X . n 
A 1 136 ASP 136 136 136 ASP ASP X . n 
A 1 137 SER 137 137 137 SER SER X . n 
A 1 138 GLU 138 138 138 GLU GLU X . n 
A 1 139 GLY 139 139 139 GLY GLY X . n 
A 1 140 ASP 140 140 140 ASP ASP X . n 
A 1 141 VAL 141 141 141 VAL VAL X . n 
A 1 142 THR 142 142 142 THR THR X . n 
A 1 143 TYR 143 143 143 TYR TYR X . n 
A 1 144 TYR 144 144 144 TYR TYR X . n 
A 1 145 GLU 145 145 145 GLU GLU X . n 
A 1 146 PHE 146 146 146 PHE PHE X . n 
A 1 147 ARG 147 147 147 ARG ARG X . n 
A 1 148 LYS 148 148 148 LYS LYS X . n 
A 1 149 LEU 149 149 149 LEU LEU X . n 
A 1 150 ARG 150 150 ?   ?   ?   X . n 
A 1 151 SER 151 151 ?   ?   ?   X . n 
A 1 152 ASN 152 152 ?   ?   ?   X . n 
A 1 153 LYS 153 153 ?   ?   ?   X . n 
# 
_pdbx_struct_assembly.id                   1 
_pdbx_struct_assembly.details              author_and_software_defined_assembly 
_pdbx_struct_assembly.method_details       PISA 
_pdbx_struct_assembly.oligomeric_details   dimeric 
_pdbx_struct_assembly.oligomeric_count     2 
# 
_pdbx_struct_assembly_gen.assembly_id       1 
_pdbx_struct_assembly_gen.oper_expression   1,2 
_pdbx_struct_assembly_gen.asym_id_list      A 
# 
loop_
_pdbx_struct_assembly_prop.biol_id 
_pdbx_struct_assembly_prop.type 
_pdbx_struct_assembly_prop.value 
_pdbx_struct_assembly_prop.details 
1 'ABSA (A^2)' 2420  ? 
1 MORE         -19   ? 
1 'SSA (A^2)'  14800 ? 
# 
loop_
_pdbx_struct_oper_list.id 
_pdbx_struct_oper_list.type 
_pdbx_struct_oper_list.name 
_pdbx_struct_oper_list.symmetry_operation 
_pdbx_struct_oper_list.matrix[1][1] 
_pdbx_struct_oper_list.matrix[1][2] 
_pdbx_struct_oper_list.matrix[1][3] 
_pdbx_struct_oper_list.vector[1] 
_pdbx_struct_oper_list.matrix[2][1] 
_pdbx_struct_oper_list.matrix[2][2] 
_pdbx_struct_oper_list.matrix[2][3] 
_pdbx_struct_oper_list.vector[2] 
_pdbx_struct_oper_list.matrix[3][1] 
_pdbx_struct_oper_list.matrix[3][2] 
_pdbx_struct_oper_list.matrix[3][3] 
_pdbx_struct_oper_list.vector[3] 
1 'identity operation'         1_555 x,y,z          1.0000000000 0.0000000000  0.0000000000 0.0000000000   0.0000000000  1.0000000000  0.0000000000  0.0000000000   0.0000000000 0.0000000000  1.0000000000  0.0000000000  
2 'crystal symmetry operation' 6_554 -x,-x+y,-z-1/3 0.2192705651 -0.5487084927 0.8067461864 -23.6906848835 -0.5487084927 -0.7530646449 -0.3630600923 -23.7693610475 0.8067461864 -0.3630600923 -0.4662059202 19.6380283399 
# 
loop_
_pdbx_audit_revision_history.ordinal 
_pdbx_audit_revision_history.data_content_type 
_pdbx_audit_revision_history.major_revision 
_pdbx_audit_revision_history.minor_revision 
_pdbx_audit_revision_history.revision_date 
1 'Structure model' 1 0 2009-08-18 
2 'Structure model' 1 1 2011-07-13 
3 'Structure model' 1 2 2017-11-01 
4 'Structure model' 1 3 2023-09-06 
# 
_pdbx_audit_revision_details.ordinal             1 
_pdbx_audit_revision_details.revision_ordinal    1 
_pdbx_audit_revision_details.data_content_type   'Structure model' 
_pdbx_audit_revision_details.provider            repository 
_pdbx_audit_revision_details.type                'Initial release' 
_pdbx_audit_revision_details.description         ? 
_pdbx_audit_revision_details.details             ? 
# 
loop_
_pdbx_audit_revision_group.ordinal 
_pdbx_audit_revision_group.revision_ordinal 
_pdbx_audit_revision_group.data_content_type 
_pdbx_audit_revision_group.group 
1 2 'Structure model' Advisory                    
2 2 'Structure model' 'Version format compliance' 
3 3 'Structure model' 'Refinement description'    
4 4 'Structure model' 'Data collection'           
5 4 'Structure model' 'Database references'       
6 4 'Structure model' 'Refinement description'    
# 
loop_
_pdbx_audit_revision_category.ordinal 
_pdbx_audit_revision_category.revision_ordinal 
_pdbx_audit_revision_category.data_content_type 
_pdbx_audit_revision_category.category 
1 3 'Structure model' software                      
2 4 'Structure model' chem_comp_atom                
3 4 'Structure model' chem_comp_bond                
4 4 'Structure model' database_2                    
5 4 'Structure model' pdbx_initial_refinement_model 
# 
loop_
_pdbx_audit_revision_item.ordinal 
_pdbx_audit_revision_item.revision_ordinal 
_pdbx_audit_revision_item.data_content_type 
_pdbx_audit_revision_item.item 
1 4 'Structure model' '_database_2.pdbx_DOI'                
2 4 'Structure model' '_database_2.pdbx_database_accession' 
# 
_pdbx_refine_tls.pdbx_refine_id   'X-RAY DIFFRACTION' 
_pdbx_refine_tls.id               1 
_pdbx_refine_tls.details          ? 
_pdbx_refine_tls.method           refined 
_pdbx_refine_tls.origin_x         -0.1150 
_pdbx_refine_tls.origin_y         -0.1024 
_pdbx_refine_tls.origin_z         0.0133 
_pdbx_refine_tls.T[1][1]          0.0993 
_pdbx_refine_tls.T[2][2]          0.0801 
_pdbx_refine_tls.T[3][3]          0.0449 
_pdbx_refine_tls.T[1][2]          -0.0394 
_pdbx_refine_tls.T[1][3]          0.0158 
_pdbx_refine_tls.T[2][3]          0.0067 
_pdbx_refine_tls.L[1][1]          1.6626 
_pdbx_refine_tls.L[2][2]          2.2936 
_pdbx_refine_tls.L[3][3]          1.0082 
_pdbx_refine_tls.L[1][2]          0.7825 
_pdbx_refine_tls.L[1][3]          -0.2599 
_pdbx_refine_tls.L[2][3]          -1.0428 
_pdbx_refine_tls.S[1][1]          -0.0540 
_pdbx_refine_tls.S[2][2]          -0.0817 
_pdbx_refine_tls.S[3][3]          0.1357 
_pdbx_refine_tls.S[1][2]          0.0016 
_pdbx_refine_tls.S[1][3]          -0.0370 
_pdbx_refine_tls.S[2][3]          -0.2025 
_pdbx_refine_tls.S[2][1]          0.0391 
_pdbx_refine_tls.S[3][1]          -0.1175 
_pdbx_refine_tls.S[3][2]          0.0697 
# 
_pdbx_refine_tls_group.pdbx_refine_id      'X-RAY DIFFRACTION' 
_pdbx_refine_tls_group.id                  1 
_pdbx_refine_tls_group.refine_tls_id       1 
_pdbx_refine_tls_group.beg_auth_asym_id    X 
_pdbx_refine_tls_group.beg_auth_seq_id     1 
_pdbx_refine_tls_group.end_auth_asym_id    X 
_pdbx_refine_tls_group.end_auth_seq_id     149 
_pdbx_refine_tls_group.selection_details   ? 
_pdbx_refine_tls_group.beg_label_asym_id   . 
_pdbx_refine_tls_group.beg_label_seq_id    . 
_pdbx_refine_tls_group.end_label_asym_id   . 
_pdbx_refine_tls_group.end_label_seq_id    . 
_pdbx_refine_tls_group.selection           ? 
# 
_phasing.method   MR 
# 
loop_
_software.pdbx_ordinal 
_software.name 
_software.version 
_software.date 
_software.type 
_software.contact_author 
_software.contact_author_email 
_software.classification 
_software.location 
_software.language 
_software.citation_id 
1 DENZO       .        ?               package 'Zbyszek Otwinowski' hkl@hkl-xray.com       'data reduction'  
http://www.hkl-xray.com/                     ?          ? 
2 SCALEPACK   .        ?               package 'Zbyszek Otwinowski' hkl@hkl-xray.com       'data scaling'    
http://www.hkl-xray.com/                     ?          ? 
3 MOLREP      .        ?               program 'Alexei Vaguine'     alexei@ysbl.york.ac.uk phasing           
http://www.ccp4.ac.uk/dist/html/molrep.html  Fortran_77 ? 
4 REFMAC      5.5.0066 ?               program 'Garib N. Murshudov' garib@ysbl.york.ac.uk  refinement        
http://www.ccp4.ac.uk/dist/html/refmac5.html Fortran_77 ? 
5 PDB_EXTRACT 3.005    'June 11, 2008' package PDB                  help@deposit.rcsb.org  'data extraction' 
http://sw-tools.pdb.org/apps/PDB_EXTRACT/    C++        ? 
6 HKL-2000    .        ?               ?       ?                    ?                      'data collection' ? ?          ? 
# 
loop_
_pdbx_validate_close_contact.id 
_pdbx_validate_close_contact.PDB_model_num 
_pdbx_validate_close_contact.auth_atom_id_1 
_pdbx_validate_close_contact.auth_asym_id_1 
_pdbx_validate_close_contact.auth_comp_id_1 
_pdbx_validate_close_contact.auth_seq_id_1 
_pdbx_validate_close_contact.PDB_ins_code_1 
_pdbx_validate_close_contact.label_alt_id_1 
_pdbx_validate_close_contact.auth_atom_id_2 
_pdbx_validate_close_contact.auth_asym_id_2 
_pdbx_validate_close_contact.auth_comp_id_2 
_pdbx_validate_close_contact.auth_seq_id_2 
_pdbx_validate_close_contact.PDB_ins_code_2 
_pdbx_validate_close_contact.label_alt_id_2 
_pdbx_validate_close_contact.dist 
1 1 SD X MET 111 ? ? OE1 X GLU 115 ? ? 1.96 
2 1 CE X MET 111 ? ? CB  X GLU 115 ? ? 2.11 
# 
loop_
_pdbx_validate_symm_contact.id 
_pdbx_validate_symm_contact.PDB_model_num 
_pdbx_validate_symm_contact.auth_atom_id_1 
_pdbx_validate_symm_contact.auth_asym_id_1 
_pdbx_validate_symm_contact.auth_comp_id_1 
_pdbx_validate_symm_contact.auth_seq_id_1 
_pdbx_validate_symm_contact.PDB_ins_code_1 
_pdbx_validate_symm_contact.label_alt_id_1 
_pdbx_validate_symm_contact.site_symmetry_1 
_pdbx_validate_symm_contact.auth_atom_id_2 
_pdbx_validate_symm_contact.auth_asym_id_2 
_pdbx_validate_symm_contact.auth_comp_id_2 
_pdbx_validate_symm_contact.auth_seq_id_2 
_pdbx_validate_symm_contact.PDB_ins_code_2 
_pdbx_validate_symm_contact.label_alt_id_2 
_pdbx_validate_symm_contact.site_symmetry_2 
_pdbx_validate_symm_contact.dist 
1 1 NE  X ARG 110 ? ? 1_555 NE  X ARG 110 ? ? 6_554 2.10 
2 1 NH2 X ARG 4   ? ? 1_555 OD1 X ASP 99  ? ? 3_655 2.16 
3 1 NH2 X ARG 4   ? ? 1_555 OD2 X ASP 99  ? ? 3_655 2.16 
4 1 CD  X ARG 110 ? ? 1_555 NE  X ARG 110 ? ? 6_554 2.18 
# 
loop_
_pdbx_validate_torsion.id 
_pdbx_validate_torsion.PDB_model_num 
_pdbx_validate_torsion.auth_comp_id 
_pdbx_validate_torsion.auth_asym_id 
_pdbx_validate_torsion.auth_seq_id 
_pdbx_validate_torsion.PDB_ins_code 
_pdbx_validate_torsion.label_alt_id 
_pdbx_validate_torsion.phi 
_pdbx_validate_torsion.psi 
1 1 ARG X 41 ? ? -54.54  3.22   
2 1 PHE X 82 ? ? -135.40 -66.88 
# 
loop_
_pdbx_unobs_or_zero_occ_residues.id 
_pdbx_unobs_or_zero_occ_residues.PDB_model_num 
_pdbx_unobs_or_zero_occ_residues.polymer_flag 
_pdbx_unobs_or_zero_occ_residues.occupancy_flag 
_pdbx_unobs_or_zero_occ_residues.auth_asym_id 
_pdbx_unobs_or_zero_occ_residues.auth_comp_id 
_pdbx_unobs_or_zero_occ_residues.auth_seq_id 
_pdbx_unobs_or_zero_occ_residues.PDB_ins_code 
_pdbx_unobs_or_zero_occ_residues.label_asym_id 
_pdbx_unobs_or_zero_occ_residues.label_comp_id 
_pdbx_unobs_or_zero_occ_residues.label_seq_id 
1 1 Y 1 X ARG 150 ? A ARG 150 
2 1 Y 1 X SER 151 ? A SER 151 
3 1 Y 1 X ASN 152 ? A ASN 152 
4 1 Y 1 X LYS 153 ? A LYS 153 
# 
loop_
_chem_comp_atom.comp_id 
_chem_comp_atom.atom_id 
_chem_comp_atom.type_symbol 
_chem_comp_atom.pdbx_aromatic_flag 
_chem_comp_atom.pdbx_stereo_config 
_chem_comp_atom.pdbx_ordinal 
ALA N    N N N 1   
ALA CA   C N S 2   
ALA C    C N N 3   
ALA O    O N N 4   
ALA CB   C N N 5   
ALA OXT  O N N 6   
ALA H    H N N 7   
ALA H2   H N N 8   
ALA HA   H N N 9   
ALA HB1  H N N 10  
ALA HB2  H N N 11  
ALA HB3  H N N 12  
ALA HXT  H N N 13  
ARG N    N N N 14  
ARG CA   C N S 15  
ARG C    C N N 16  
ARG O    O N N 17  
ARG CB   C N N 18  
ARG CG   C N N 19  
ARG CD   C N N 20  
ARG NE   N N N 21  
ARG CZ   C N N 22  
ARG NH1  N N N 23  
ARG NH2  N N N 24  
ARG OXT  O N N 25  
ARG H    H N N 26  
ARG H2   H N N 27  
ARG HA   H N N 28  
ARG HB2  H N N 29  
ARG HB3  H N N 30  
ARG HG2  H N N 31  
ARG HG3  H N N 32  
ARG HD2  H N N 33  
ARG HD3  H N N 34  
ARG HE   H N N 35  
ARG HH11 H N N 36  
ARG HH12 H N N 37  
ARG HH21 H N N 38  
ARG HH22 H N N 39  
ARG HXT  H N N 40  
ASN N    N N N 41  
ASN CA   C N S 42  
ASN C    C N N 43  
ASN O    O N N 44  
ASN CB   C N N 45  
ASN CG   C N N 46  
ASN OD1  O N N 47  
ASN ND2  N N N 48  
ASN OXT  O N N 49  
ASN H    H N N 50  
ASN H2   H N N 51  
ASN HA   H N N 52  
ASN HB2  H N N 53  
ASN HB3  H N N 54  
ASN HD21 H N N 55  
ASN HD22 H N N 56  
ASN HXT  H N N 57  
ASP N    N N N 58  
ASP CA   C N S 59  
ASP C    C N N 60  
ASP O    O N N 61  
ASP CB   C N N 62  
ASP CG   C N N 63  
ASP OD1  O N N 64  
ASP OD2  O N N 65  
ASP OXT  O N N 66  
ASP H    H N N 67  
ASP H2   H N N 68  
ASP HA   H N N 69  
ASP HB2  H N N 70  
ASP HB3  H N N 71  
ASP HD2  H N N 72  
ASP HXT  H N N 73  
GLN N    N N N 74  
GLN CA   C N S 75  
GLN C    C N N 76  
GLN O    O N N 77  
GLN CB   C N N 78  
GLN CG   C N N 79  
GLN CD   C N N 80  
GLN OE1  O N N 81  
GLN NE2  N N N 82  
GLN OXT  O N N 83  
GLN H    H N N 84  
GLN H2   H N N 85  
GLN HA   H N N 86  
GLN HB2  H N N 87  
GLN HB3  H N N 88  
GLN HG2  H N N 89  
GLN HG3  H N N 90  
GLN HE21 H N N 91  
GLN HE22 H N N 92  
GLN HXT  H N N 93  
GLU N    N N N 94  
GLU CA   C N S 95  
GLU C    C N N 96  
GLU O    O N N 97  
GLU CB   C N N 98  
GLU CG   C N N 99  
GLU CD   C N N 100 
GLU OE1  O N N 101 
GLU OE2  O N N 102 
GLU OXT  O N N 103 
GLU H    H N N 104 
GLU H2   H N N 105 
GLU HA   H N N 106 
GLU HB2  H N N 107 
GLU HB3  H N N 108 
GLU HG2  H N N 109 
GLU HG3  H N N 110 
GLU HE2  H N N 111 
GLU HXT  H N N 112 
GLY N    N N N 113 
GLY CA   C N N 114 
GLY C    C N N 115 
GLY O    O N N 116 
GLY OXT  O N N 117 
GLY H    H N N 118 
GLY H2   H N N 119 
GLY HA2  H N N 120 
GLY HA3  H N N 121 
GLY HXT  H N N 122 
ILE N    N N N 123 
ILE CA   C N S 124 
ILE C    C N N 125 
ILE O    O N N 126 
ILE CB   C N S 127 
ILE CG1  C N N 128 
ILE CG2  C N N 129 
ILE CD1  C N N 130 
ILE OXT  O N N 131 
ILE H    H N N 132 
ILE H2   H N N 133 
ILE HA   H N N 134 
ILE HB   H N N 135 
ILE HG12 H N N 136 
ILE HG13 H N N 137 
ILE HG21 H N N 138 
ILE HG22 H N N 139 
ILE HG23 H N N 140 
ILE HD11 H N N 141 
ILE HD12 H N N 142 
ILE HD13 H N N 143 
ILE HXT  H N N 144 
LEU N    N N N 145 
LEU CA   C N S 146 
LEU C    C N N 147 
LEU O    O N N 148 
LEU CB   C N N 149 
LEU CG   C N N 150 
LEU CD1  C N N 151 
LEU CD2  C N N 152 
LEU OXT  O N N 153 
LEU H    H N N 154 
LEU H2   H N N 155 
LEU HA   H N N 156 
LEU HB2  H N N 157 
LEU HB3  H N N 158 
LEU HG   H N N 159 
LEU HD11 H N N 160 
LEU HD12 H N N 161 
LEU HD13 H N N 162 
LEU HD21 H N N 163 
LEU HD22 H N N 164 
LEU HD23 H N N 165 
LEU HXT  H N N 166 
LYS N    N N N 167 
LYS CA   C N S 168 
LYS C    C N N 169 
LYS O    O N N 170 
LYS CB   C N N 171 
LYS CG   C N N 172 
LYS CD   C N N 173 
LYS CE   C N N 174 
LYS NZ   N N N 175 
LYS OXT  O N N 176 
LYS H    H N N 177 
LYS H2   H N N 178 
LYS HA   H N N 179 
LYS HB2  H N N 180 
LYS HB3  H N N 181 
LYS HG2  H N N 182 
LYS HG3  H N N 183 
LYS HD2  H N N 184 
LYS HD3  H N N 185 
LYS HE2  H N N 186 
LYS HE3  H N N 187 
LYS HZ1  H N N 188 
LYS HZ2  H N N 189 
LYS HZ3  H N N 190 
LYS HXT  H N N 191 
MET N    N N N 192 
MET CA   C N S 193 
MET C    C N N 194 
MET O    O N N 195 
MET CB   C N N 196 
MET CG   C N N 197 
MET SD   S N N 198 
MET CE   C N N 199 
MET OXT  O N N 200 
MET H    H N N 201 
MET H2   H N N 202 
MET HA   H N N 203 
MET HB2  H N N 204 
MET HB3  H N N 205 
MET HG2  H N N 206 
MET HG3  H N N 207 
MET HE1  H N N 208 
MET HE2  H N N 209 
MET HE3  H N N 210 
MET HXT  H N N 211 
PHE N    N N N 212 
PHE CA   C N S 213 
PHE C    C N N 214 
PHE O    O N N 215 
PHE CB   C N N 216 
PHE CG   C Y N 217 
PHE CD1  C Y N 218 
PHE CD2  C Y N 219 
PHE CE1  C Y N 220 
PHE CE2  C Y N 221 
PHE CZ   C Y N 222 
PHE OXT  O N N 223 
PHE H    H N N 224 
PHE H2   H N N 225 
PHE HA   H N N 226 
PHE HB2  H N N 227 
PHE HB3  H N N 228 
PHE HD1  H N N 229 
PHE HD2  H N N 230 
PHE HE1  H N N 231 
PHE HE2  H N N 232 
PHE HZ   H N N 233 
PHE HXT  H N N 234 
PRO N    N N N 235 
PRO CA   C N S 236 
PRO C    C N N 237 
PRO O    O N N 238 
PRO CB   C N N 239 
PRO CG   C N N 240 
PRO CD   C N N 241 
PRO OXT  O N N 242 
PRO H    H N N 243 
PRO HA   H N N 244 
PRO HB2  H N N 245 
PRO HB3  H N N 246 
PRO HG2  H N N 247 
PRO HG3  H N N 248 
PRO HD2  H N N 249 
PRO HD3  H N N 250 
PRO HXT  H N N 251 
SER N    N N N 252 
SER CA   C N S 253 
SER C    C N N 254 
SER O    O N N 255 
SER CB   C N N 256 
SER OG   O N N 257 
SER OXT  O N N 258 
SER H    H N N 259 
SER H2   H N N 260 
SER HA   H N N 261 
SER HB2  H N N 262 
SER HB3  H N N 263 
SER HG   H N N 264 
SER HXT  H N N 265 
THR N    N N N 266 
THR CA   C N S 267 
THR C    C N N 268 
THR O    O N N 269 
THR CB   C N R 270 
THR OG1  O N N 271 
THR CG2  C N N 272 
THR OXT  O N N 273 
THR H    H N N 274 
THR H2   H N N 275 
THR HA   H N N 276 
THR HB   H N N 277 
THR HG1  H N N 278 
THR HG21 H N N 279 
THR HG22 H N N 280 
THR HG23 H N N 281 
THR HXT  H N N 282 
TRP N    N N N 283 
TRP CA   C N S 284 
TRP C    C N N 285 
TRP O    O N N 286 
TRP CB   C N N 287 
TRP CG   C Y N 288 
TRP CD1  C Y N 289 
TRP CD2  C Y N 290 
TRP NE1  N Y N 291 
TRP CE2  C Y N 292 
TRP CE3  C Y N 293 
TRP CZ2  C Y N 294 
TRP CZ3  C Y N 295 
TRP CH2  C Y N 296 
TRP OXT  O N N 297 
TRP H    H N N 298 
TRP H2   H N N 299 
TRP HA   H N N 300 
TRP HB2  H N N 301 
TRP HB3  H N N 302 
TRP HD1  H N N 303 
TRP HE1  H N N 304 
TRP HE3  H N N 305 
TRP HZ2  H N N 306 
TRP HZ3  H N N 307 
TRP HH2  H N N 308 
TRP HXT  H N N 309 
TYR N    N N N 310 
TYR CA   C N S 311 
TYR C    C N N 312 
TYR O    O N N 313 
TYR CB   C N N 314 
TYR CG   C Y N 315 
TYR CD1  C Y N 316 
TYR CD2  C Y N 317 
TYR CE1  C Y N 318 
TYR CE2  C Y N 319 
TYR CZ   C Y N 320 
TYR OH   O N N 321 
TYR OXT  O N N 322 
TYR H    H N N 323 
TYR H2   H N N 324 
TYR HA   H N N 325 
TYR HB2  H N N 326 
TYR HB3  H N N 327 
TYR HD1  H N N 328 
TYR HD2  H N N 329 
TYR HE1  H N N 330 
TYR HE2  H N N 331 
TYR HH   H N N 332 
TYR HXT  H N N 333 
VAL N    N N N 334 
VAL CA   C N S 335 
VAL C    C N N 336 
VAL O    O N N 337 
VAL CB   C N N 338 
VAL CG1  C N N 339 
VAL CG2  C N N 340 
VAL OXT  O N N 341 
VAL H    H N N 342 
VAL H2   H N N 343 
VAL HA   H N N 344 
VAL HB   H N N 345 
VAL HG11 H N N 346 
VAL HG12 H N N 347 
VAL HG13 H N N 348 
VAL HG21 H N N 349 
VAL HG22 H N N 350 
VAL HG23 H N N 351 
VAL HXT  H N N 352 
# 
loop_
_chem_comp_bond.comp_id 
_chem_comp_bond.atom_id_1 
_chem_comp_bond.atom_id_2 
_chem_comp_bond.value_order 
_chem_comp_bond.pdbx_aromatic_flag 
_chem_comp_bond.pdbx_stereo_config 
_chem_comp_bond.pdbx_ordinal 
ALA N   CA   sing N N 1   
ALA N   H    sing N N 2   
ALA N   H2   sing N N 3   
ALA CA  C    sing N N 4   
ALA CA  CB   sing N N 5   
ALA CA  HA   sing N N 6   
ALA C   O    doub N N 7   
ALA C   OXT  sing N N 8   
ALA CB  HB1  sing N N 9   
ALA CB  HB2  sing N N 10  
ALA CB  HB3  sing N N 11  
ALA OXT HXT  sing N N 12  
ARG N   CA   sing N N 13  
ARG N   H    sing N N 14  
ARG N   H2   sing N N 15  
ARG CA  C    sing N N 16  
ARG CA  CB   sing N N 17  
ARG CA  HA   sing N N 18  
ARG C   O    doub N N 19  
ARG C   OXT  sing N N 20  
ARG CB  CG   sing N N 21  
ARG CB  HB2  sing N N 22  
ARG CB  HB3  sing N N 23  
ARG CG  CD   sing N N 24  
ARG CG  HG2  sing N N 25  
ARG CG  HG3  sing N N 26  
ARG CD  NE   sing N N 27  
ARG CD  HD2  sing N N 28  
ARG CD  HD3  sing N N 29  
ARG NE  CZ   sing N N 30  
ARG NE  HE   sing N N 31  
ARG CZ  NH1  sing N N 32  
ARG CZ  NH2  doub N N 33  
ARG NH1 HH11 sing N N 34  
ARG NH1 HH12 sing N N 35  
ARG NH2 HH21 sing N N 36  
ARG NH2 HH22 sing N N 37  
ARG OXT HXT  sing N N 38  
ASN N   CA   sing N N 39  
ASN N   H    sing N N 40  
ASN N   H2   sing N N 41  
ASN CA  C    sing N N 42  
ASN CA  CB   sing N N 43  
ASN CA  HA   sing N N 44  
ASN C   O    doub N N 45  
ASN C   OXT  sing N N 46  
ASN CB  CG   sing N N 47  
ASN CB  HB2  sing N N 48  
ASN CB  HB3  sing N N 49  
ASN CG  OD1  doub N N 50  
ASN CG  ND2  sing N N 51  
ASN ND2 HD21 sing N N 52  
ASN ND2 HD22 sing N N 53  
ASN OXT HXT  sing N N 54  
ASP N   CA   sing N N 55  
ASP N   H    sing N N 56  
ASP N   H2   sing N N 57  
ASP CA  C    sing N N 58  
ASP CA  CB   sing N N 59  
ASP CA  HA   sing N N 60  
ASP C   O    doub N N 61  
ASP C   OXT  sing N N 62  
ASP CB  CG   sing N N 63  
ASP CB  HB2  sing N N 64  
ASP CB  HB3  sing N N 65  
ASP CG  OD1  doub N N 66  
ASP CG  OD2  sing N N 67  
ASP OD2 HD2  sing N N 68  
ASP OXT HXT  sing N N 69  
GLN N   CA   sing N N 70  
GLN N   H    sing N N 71  
GLN N   H2   sing N N 72  
GLN CA  C    sing N N 73  
GLN CA  CB   sing N N 74  
GLN CA  HA   sing N N 75  
GLN C   O    doub N N 76  
GLN C   OXT  sing N N 77  
GLN CB  CG   sing N N 78  
GLN CB  HB2  sing N N 79  
GLN CB  HB3  sing N N 80  
GLN CG  CD   sing N N 81  
GLN CG  HG2  sing N N 82  
GLN CG  HG3  sing N N 83  
GLN CD  OE1  doub N N 84  
GLN CD  NE2  sing N N 85  
GLN NE2 HE21 sing N N 86  
GLN NE2 HE22 sing N N 87  
GLN OXT HXT  sing N N 88  
GLU N   CA   sing N N 89  
GLU N   H    sing N N 90  
GLU N   H2   sing N N 91  
GLU CA  C    sing N N 92  
GLU CA  CB   sing N N 93  
GLU CA  HA   sing N N 94  
GLU C   O    doub N N 95  
GLU C   OXT  sing N N 96  
GLU CB  CG   sing N N 97  
GLU CB  HB2  sing N N 98  
GLU CB  HB3  sing N N 99  
GLU CG  CD   sing N N 100 
GLU CG  HG2  sing N N 101 
GLU CG  HG3  sing N N 102 
GLU CD  OE1  doub N N 103 
GLU CD  OE2  sing N N 104 
GLU OE2 HE2  sing N N 105 
GLU OXT HXT  sing N N 106 
GLY N   CA   sing N N 107 
GLY N   H    sing N N 108 
GLY N   H2   sing N N 109 
GLY CA  C    sing N N 110 
GLY CA  HA2  sing N N 111 
GLY CA  HA3  sing N N 112 
GLY C   O    doub N N 113 
GLY C   OXT  sing N N 114 
GLY OXT HXT  sing N N 115 
ILE N   CA   sing N N 116 
ILE N   H    sing N N 117 
ILE N   H2   sing N N 118 
ILE CA  C    sing N N 119 
ILE CA  CB   sing N N 120 
ILE CA  HA   sing N N 121 
ILE C   O    doub N N 122 
ILE C   OXT  sing N N 123 
ILE CB  CG1  sing N N 124 
ILE CB  CG2  sing N N 125 
ILE CB  HB   sing N N 126 
ILE CG1 CD1  sing N N 127 
ILE CG1 HG12 sing N N 128 
ILE CG1 HG13 sing N N 129 
ILE CG2 HG21 sing N N 130 
ILE CG2 HG22 sing N N 131 
ILE CG2 HG23 sing N N 132 
ILE CD1 HD11 sing N N 133 
ILE CD1 HD12 sing N N 134 
ILE CD1 HD13 sing N N 135 
ILE OXT HXT  sing N N 136 
LEU N   CA   sing N N 137 
LEU N   H    sing N N 138 
LEU N   H2   sing N N 139 
LEU CA  C    sing N N 140 
LEU CA  CB   sing N N 141 
LEU CA  HA   sing N N 142 
LEU C   O    doub N N 143 
LEU C   OXT  sing N N 144 
LEU CB  CG   sing N N 145 
LEU CB  HB2  sing N N 146 
LEU CB  HB3  sing N N 147 
LEU CG  CD1  sing N N 148 
LEU CG  CD2  sing N N 149 
LEU CG  HG   sing N N 150 
LEU CD1 HD11 sing N N 151 
LEU CD1 HD12 sing N N 152 
LEU CD1 HD13 sing N N 153 
LEU CD2 HD21 sing N N 154 
LEU CD2 HD22 sing N N 155 
LEU CD2 HD23 sing N N 156 
LEU OXT HXT  sing N N 157 
LYS N   CA   sing N N 158 
LYS N   H    sing N N 159 
LYS N   H2   sing N N 160 
LYS CA  C    sing N N 161 
LYS CA  CB   sing N N 162 
LYS CA  HA   sing N N 163 
LYS C   O    doub N N 164 
LYS C   OXT  sing N N 165 
LYS CB  CG   sing N N 166 
LYS CB  HB2  sing N N 167 
LYS CB  HB3  sing N N 168 
LYS CG  CD   sing N N 169 
LYS CG  HG2  sing N N 170 
LYS CG  HG3  sing N N 171 
LYS CD  CE   sing N N 172 
LYS CD  HD2  sing N N 173 
LYS CD  HD3  sing N N 174 
LYS CE  NZ   sing N N 175 
LYS CE  HE2  sing N N 176 
LYS CE  HE3  sing N N 177 
LYS NZ  HZ1  sing N N 178 
LYS NZ  HZ2  sing N N 179 
LYS NZ  HZ3  sing N N 180 
LYS OXT HXT  sing N N 181 
MET N   CA   sing N N 182 
MET N   H    sing N N 183 
MET N   H2   sing N N 184 
MET CA  C    sing N N 185 
MET CA  CB   sing N N 186 
MET CA  HA   sing N N 187 
MET C   O    doub N N 188 
MET C   OXT  sing N N 189 
MET CB  CG   sing N N 190 
MET CB  HB2  sing N N 191 
MET CB  HB3  sing N N 192 
MET CG  SD   sing N N 193 
MET CG  HG2  sing N N 194 
MET CG  HG3  sing N N 195 
MET SD  CE   sing N N 196 
MET CE  HE1  sing N N 197 
MET CE  HE2  sing N N 198 
MET CE  HE3  sing N N 199 
MET OXT HXT  sing N N 200 
PHE N   CA   sing N N 201 
PHE N   H    sing N N 202 
PHE N   H2   sing N N 203 
PHE CA  C    sing N N 204 
PHE CA  CB   sing N N 205 
PHE CA  HA   sing N N 206 
PHE C   O    doub N N 207 
PHE C   OXT  sing N N 208 
PHE CB  CG   sing N N 209 
PHE CB  HB2  sing N N 210 
PHE CB  HB3  sing N N 211 
PHE CG  CD1  doub Y N 212 
PHE CG  CD2  sing Y N 213 
PHE CD1 CE1  sing Y N 214 
PHE CD1 HD1  sing N N 215 
PHE CD2 CE2  doub Y N 216 
PHE CD2 HD2  sing N N 217 
PHE CE1 CZ   doub Y N 218 
PHE CE1 HE1  sing N N 219 
PHE CE2 CZ   sing Y N 220 
PHE CE2 HE2  sing N N 221 
PHE CZ  HZ   sing N N 222 
PHE OXT HXT  sing N N 223 
PRO N   CA   sing N N 224 
PRO N   CD   sing N N 225 
PRO N   H    sing N N 226 
PRO CA  C    sing N N 227 
PRO CA  CB   sing N N 228 
PRO CA  HA   sing N N 229 
PRO C   O    doub N N 230 
PRO C   OXT  sing N N 231 
PRO CB  CG   sing N N 232 
PRO CB  HB2  sing N N 233 
PRO CB  HB3  sing N N 234 
PRO CG  CD   sing N N 235 
PRO CG  HG2  sing N N 236 
PRO CG  HG3  sing N N 237 
PRO CD  HD2  sing N N 238 
PRO CD  HD3  sing N N 239 
PRO OXT HXT  sing N N 240 
SER N   CA   sing N N 241 
SER N   H    sing N N 242 
SER N   H2   sing N N 243 
SER CA  C    sing N N 244 
SER CA  CB   sing N N 245 
SER CA  HA   sing N N 246 
SER C   O    doub N N 247 
SER C   OXT  sing N N 248 
SER CB  OG   sing N N 249 
SER CB  HB2  sing N N 250 
SER CB  HB3  sing N N 251 
SER OG  HG   sing N N 252 
SER OXT HXT  sing N N 253 
THR N   CA   sing N N 254 
THR N   H    sing N N 255 
THR N   H2   sing N N 256 
THR CA  C    sing N N 257 
THR CA  CB   sing N N 258 
THR CA  HA   sing N N 259 
THR C   O    doub N N 260 
THR C   OXT  sing N N 261 
THR CB  OG1  sing N N 262 
THR CB  CG2  sing N N 263 
THR CB  HB   sing N N 264 
THR OG1 HG1  sing N N 265 
THR CG2 HG21 sing N N 266 
THR CG2 HG22 sing N N 267 
THR CG2 HG23 sing N N 268 
THR OXT HXT  sing N N 269 
TRP N   CA   sing N N 270 
TRP N   H    sing N N 271 
TRP N   H2   sing N N 272 
TRP CA  C    sing N N 273 
TRP CA  CB   sing N N 274 
TRP CA  HA   sing N N 275 
TRP C   O    doub N N 276 
TRP C   OXT  sing N N 277 
TRP CB  CG   sing N N 278 
TRP CB  HB2  sing N N 279 
TRP CB  HB3  sing N N 280 
TRP CG  CD1  doub Y N 281 
TRP CG  CD2  sing Y N 282 
TRP CD1 NE1  sing Y N 283 
TRP CD1 HD1  sing N N 284 
TRP CD2 CE2  doub Y N 285 
TRP CD2 CE3  sing Y N 286 
TRP NE1 CE2  sing Y N 287 
TRP NE1 HE1  sing N N 288 
TRP CE2 CZ2  sing Y N 289 
TRP CE3 CZ3  doub Y N 290 
TRP CE3 HE3  sing N N 291 
TRP CZ2 CH2  doub Y N 292 
TRP CZ2 HZ2  sing N N 293 
TRP CZ3 CH2  sing Y N 294 
TRP CZ3 HZ3  sing N N 295 
TRP CH2 HH2  sing N N 296 
TRP OXT HXT  sing N N 297 
TYR N   CA   sing N N 298 
TYR N   H    sing N N 299 
TYR N   H2   sing N N 300 
TYR CA  C    sing N N 301 
TYR CA  CB   sing N N 302 
TYR CA  HA   sing N N 303 
TYR C   O    doub N N 304 
TYR C   OXT  sing N N 305 
TYR CB  CG   sing N N 306 
TYR CB  HB2  sing N N 307 
TYR CB  HB3  sing N N 308 
TYR CG  CD1  doub Y N 309 
TYR CG  CD2  sing Y N 310 
TYR CD1 CE1  sing Y N 311 
TYR CD1 HD1  sing N N 312 
TYR CD2 CE2  doub Y N 313 
TYR CD2 HD2  sing N N 314 
TYR CE1 CZ   doub Y N 315 
TYR CE1 HE1  sing N N 316 
TYR CE2 CZ   sing Y N 317 
TYR CE2 HE2  sing N N 318 
TYR CZ  OH   sing N N 319 
TYR OH  HH   sing N N 320 
TYR OXT HXT  sing N N 321 
VAL N   CA   sing N N 322 
VAL N   H    sing N N 323 
VAL N   H2   sing N N 324 
VAL CA  C    sing N N 325 
VAL CA  CB   sing N N 326 
VAL CA  HA   sing N N 327 
VAL C   O    doub N N 328 
VAL C   OXT  sing N N 329 
VAL CB  CG1  sing N N 330 
VAL CB  CG2  sing N N 331 
VAL CB  HB   sing N N 332 
VAL CG1 HG11 sing N N 333 
VAL CG1 HG12 sing N N 334 
VAL CG1 HG13 sing N N 335 
VAL CG2 HG21 sing N N 336 
VAL CG2 HG22 sing N N 337 
VAL CG2 HG23 sing N N 338 
VAL OXT HXT  sing N N 339 
# 
_pdbx_initial_refinement_model.id               1 
_pdbx_initial_refinement_model.entity_id_list   ? 
_pdbx_initial_refinement_model.type             'experimental model' 
_pdbx_initial_refinement_model.source_name      PDB 
_pdbx_initial_refinement_model.accession_code   3IEY 
_pdbx_initial_refinement_model.details          'PDB entry 3IEY' 
# 
